data_1UZ6
#
_entry.id   1UZ6
#
_cell.length_a   67.405
_cell.length_b   71.559
_cell.length_c   104.790
_cell.angle_alpha   86.48
_cell.angle_beta   71.32
_cell.angle_gamma   83.26
#
_symmetry.space_group_name_H-M   'P 1'
#
loop_
_entity.id
_entity.type
_entity.pdbx_description
1 polymer 'IGG FAB (IGG3, KAPPA) LIGHT CHAIN 291-2G3-A'
2 polymer 'IGG FAB (IGG3, KAPPA) HEAVY CHAIN 291-2G3-A'
3 non-polymer 'SULFATE ION'
4 water water
#
loop_
_entity_poly.entity_id
_entity_poly.type
_entity_poly.pdbx_seq_one_letter_code
_entity_poly.pdbx_strand_id
1 'polypeptide(L)'
;DIVMTQAAFSNPVTLGTSASISCRSSKSLLYSNGITYLYWYLQKPGQSPQLLIYQMSNLASGVPDRFSSSGSGTDFTLRI
SRVEAEDVGVYYCAQNLEVPWTFGGGTKLEIKRADAAPTVSIFPPSSEQLTSGGASVVCFLNNFYPKDINVKWKIDGSER
QNGVLNSWTDQDSKDSTYSMSSTLTLTKDEYERHNSYTCEATHKTSTSPIVKSFNRNR
;
E,L,M,V
2 'polypeptide(L)'
;EVKLLESGGGLVQPGGSQKLSCAASGFDFSGYWMSWVRQAPGKGLEWIGEINPDSSTINYTPSLKDKFIISRDNAKNTLY
LQMSKVRSEDTALYYCARETGTRFDYWGQGTTLTVSSATTTAPSVYPLVPGCSDTSGSSVTLGCLVKGYFPEPVTVKWNY
GALSSGVRTVSSVLQSGFYSLSSLVTVPSSTWPSQTVICNVAHPASKTELIKRIEPR
;
F,H,P,W
#
loop_
_chem_comp.id
_chem_comp.type
_chem_comp.name
_chem_comp.formula
SO4 non-polymer 'SULFATE ION' 'O4 S -2'
#
# COMPACT_ATOMS: atom_id res chain seq x y z
N ASP A 1 21.83 12.76 16.15
CA ASP A 1 20.49 13.29 16.48
C ASP A 1 19.40 12.32 15.96
N ILE A 2 18.37 12.07 16.76
CA ILE A 2 17.22 11.25 16.32
C ILE A 2 16.40 12.02 15.30
N VAL A 3 16.12 11.37 14.16
CA VAL A 3 15.41 12.02 13.07
C VAL A 3 13.94 11.58 13.03
N MET A 4 13.05 12.58 13.10
CA MET A 4 11.61 12.38 13.04
C MET A 4 11.11 12.69 11.62
N THR A 5 10.46 11.72 10.99
CA THR A 5 9.90 11.91 9.67
C THR A 5 8.40 11.95 9.74
N GLN A 6 7.81 12.93 9.05
CA GLN A 6 6.38 12.92 8.74
C GLN A 6 6.11 13.58 7.38
N ALA A 7 5.01 13.20 6.75
CA ALA A 7 4.57 13.81 5.51
C ALA A 7 4.27 15.31 5.70
N ALA A 8 4.42 16.05 4.61
CA ALA A 8 4.20 17.50 4.64
C ALA A 8 2.70 17.88 4.66
N PHE A 9 1.83 16.98 4.19
CA PHE A 9 0.39 17.23 4.07
C PHE A 9 -0.39 15.99 4.39
N SER A 10 -1.49 16.16 5.11
CA SER A 10 -2.46 15.09 5.31
C SER A 10 -3.29 14.93 4.06
N ASN A 11 -3.89 13.76 3.92
CA ASN A 11 -4.97 13.58 2.95
C ASN A 11 -6.08 14.53 3.34
N PRO A 12 -6.84 15.02 2.37
CA PRO A 12 -7.94 15.91 2.67
C PRO A 12 -8.96 15.21 3.57
N VAL A 13 -9.46 15.91 4.58
CA VAL A 13 -10.23 15.30 5.66
C VAL A 13 -11.55 16.03 5.82
N THR A 14 -12.65 15.33 5.63
CA THR A 14 -13.96 15.95 5.74
C THR A 14 -14.26 16.31 7.18
N LEU A 15 -14.91 17.45 7.40
CA LEU A 15 -15.28 17.87 8.75
C LEU A 15 -16.20 16.84 9.41
N GLY A 16 -15.99 16.59 10.70
CA GLY A 16 -16.71 15.55 11.42
C GLY A 16 -16.15 14.14 11.26
N THR A 17 -15.13 14.00 10.41
CA THR A 17 -14.47 12.73 10.17
C THR A 17 -13.12 12.71 10.90
N SER A 18 -12.58 11.54 11.16
CA SER A 18 -11.31 11.41 11.91
C SER A 18 -10.10 11.61 10.98
N ALA A 19 -9.15 12.43 11.44
CA ALA A 19 -7.85 12.61 10.76
C ALA A 19 -6.80 11.73 11.43
N SER A 20 -5.83 11.28 10.63
CA SER A 20 -4.68 10.54 11.15
C SER A 20 -3.42 11.10 10.55
N ILE A 21 -2.52 11.58 11.42
CA ILE A 21 -1.20 12.07 10.99
C ILE A 21 -0.15 11.18 11.62
N SER A 22 0.73 10.63 10.78
CA SER A 22 1.72 9.69 11.25
C SER A 22 3.10 10.33 11.38
N CYS A 23 3.92 9.74 12.23
CA CYS A 23 5.30 10.17 12.47
C CYS A 23 6.16 8.95 12.79
N ARG A 24 7.39 8.93 12.25
CA ARG A 24 8.32 7.81 12.44
C ARG A 24 9.65 8.28 13.03
N SER A 25 10.19 7.45 13.91
CA SER A 25 11.41 7.77 14.65
C SER A 25 12.55 6.91 14.15
N SER A 26 13.76 7.50 14.08
CA SER A 26 14.99 6.78 13.65
C SER A 26 15.60 5.92 14.77
N LYS A 27 15.11 6.13 15.99
CA LYS A 27 15.44 5.28 17.13
C LYS A 27 14.18 5.21 17.98
N SER A 28 14.01 4.12 18.73
CA SER A 28 12.83 3.95 19.59
C SER A 28 12.77 5.06 20.63
N LEU A 29 11.57 5.57 20.88
CA LEU A 29 11.36 6.61 21.87
C LEU A 29 10.86 6.08 23.20
N LEU A 30 10.68 4.75 23.28
CA LEU A 30 10.34 4.09 24.55
C LEU A 30 11.60 3.93 25.38
N TYR A 31 11.59 4.52 26.57
CA TYR A 31 12.69 4.36 27.49
C TYR A 31 12.39 3.22 28.46
N SER A 32 13.45 2.65 29.05
CA SER A 32 13.37 1.53 30.00
C SER A 32 12.51 1.80 31.27
N ASN A 33 12.15 3.06 31.51
CA ASN A 33 11.12 3.42 32.52
C ASN A 33 9.67 3.28 31.99
N GLY A 34 9.52 2.77 30.77
CA GLY A 34 8.22 2.51 30.20
C GLY A 34 7.58 3.70 29.48
N ILE A 35 8.16 4.90 29.62
CA ILE A 35 7.60 6.10 28.99
C ILE A 35 8.16 6.30 27.57
N THR A 36 7.27 6.69 26.65
CA THR A 36 7.62 6.99 25.27
C THR A 36 7.76 8.50 25.07
N TYR A 37 8.96 8.94 24.73
CA TYR A 37 9.29 10.37 24.77
C TYR A 37 8.92 11.10 23.45
N LEU A 38 7.63 11.05 23.16
CA LEU A 38 7.03 11.64 21.96
C LEU A 38 6.13 12.79 22.35
N TYR A 39 6.17 13.86 21.56
CA TYR A 39 5.38 15.04 21.78
C TYR A 39 4.70 15.44 20.48
N TRP A 40 3.50 16.00 20.61
CA TRP A 40 2.80 16.62 19.48
C TRP A 40 2.52 18.10 19.74
N TYR A 41 2.85 18.92 18.73
CA TYR A 41 2.57 20.35 18.74
C TYR A 41 1.73 20.71 17.54
N LEU A 42 0.87 21.69 17.73
CA LEU A 42 0.06 22.27 16.68
C LEU A 42 0.53 23.69 16.50
N GLN A 43 0.77 24.10 15.26
CA GLN A 43 0.99 25.52 14.96
C GLN A 43 -0.11 26.01 14.02
N LYS A 44 -0.95 26.89 14.53
CA LYS A 44 -2.00 27.51 13.74
C LYS A 44 -1.41 28.72 13.01
N PRO A 45 -1.99 29.08 11.87
CA PRO A 45 -1.41 30.14 11.04
C PRO A 45 -1.17 31.45 11.82
N GLY A 46 0.05 31.99 11.69
CA GLY A 46 0.40 33.26 12.31
C GLY A 46 0.58 33.21 13.81
N GLN A 47 0.73 32.00 14.36
CA GLN A 47 0.82 31.79 15.81
C GLN A 47 1.99 30.89 16.14
N SER A 48 2.44 30.95 17.39
CA SER A 48 3.52 30.10 17.87
C SER A 48 2.98 28.69 18.16
N PRO A 49 3.86 27.68 18.22
CA PRO A 49 3.41 26.30 18.46
C PRO A 49 2.80 26.12 19.83
N GLN A 50 1.86 25.18 19.93
CA GLN A 50 1.24 24.85 21.19
C GLN A 50 1.31 23.34 21.40
N LEU A 51 1.71 22.93 22.59
CA LEU A 51 1.74 21.54 22.94
C LEU A 51 0.33 20.97 22.94
N LEU A 52 0.16 19.81 22.31
CA LEU A 52 -1.11 19.07 22.34
C LEU A 52 -1.04 17.91 23.30
N ILE A 53 -0.01 17.08 23.09
CA ILE A 53 0.16 15.81 23.79
C ILE A 53 1.65 15.65 24.14
N TYR A 54 1.91 15.26 25.39
CA TYR A 54 3.28 15.00 25.84
C TYR A 54 3.43 13.58 26.37
N GLN A 55 4.53 12.93 25.97
CA GLN A 55 4.85 11.57 26.35
C GLN A 55 3.72 10.59 26.03
N MET A 56 3.19 10.71 24.81
CA MET A 56 2.18 9.80 24.27
C MET A 56 0.78 9.94 24.92
N SER A 57 0.69 9.76 26.23
CA SER A 57 -0.63 9.54 26.87
C SER A 57 -1.22 10.75 27.59
N ASN A 58 -0.52 11.88 27.60
CA ASN A 58 -0.95 13.07 28.35
C ASN A 58 -1.41 14.20 27.45
N LEU A 59 -2.56 14.77 27.81
CA LEU A 59 -3.13 15.92 27.10
C LEU A 59 -2.67 17.19 27.78
N ALA A 60 -2.21 18.16 27.00
CA ALA A 60 -1.92 19.49 27.54
C ALA A 60 -3.22 20.15 27.95
N SER A 61 -3.13 21.15 28.82
CA SER A 61 -4.34 21.75 29.40
C SER A 61 -5.10 22.50 28.31
N GLY A 62 -6.42 22.31 28.28
CA GLY A 62 -7.29 22.97 27.31
C GLY A 62 -7.35 22.25 25.96
N VAL A 63 -6.67 21.12 25.84
CA VAL A 63 -6.71 20.34 24.60
C VAL A 63 -7.89 19.37 24.71
N PRO A 64 -8.75 19.30 23.69
CA PRO A 64 -9.89 18.38 23.71
C PRO A 64 -9.47 16.90 23.67
N ASP A 65 -10.34 16.06 24.23
CA ASP A 65 -10.15 14.60 24.21
C ASP A 65 -10.26 13.99 22.79
N ARG A 66 -10.65 14.81 21.80
CA ARG A 66 -10.64 14.38 20.39
C ARG A 66 -9.23 14.05 19.89
N PHE A 67 -8.22 14.65 20.52
CA PHE A 67 -6.83 14.37 20.18
C PHE A 67 -6.31 13.17 20.99
N SER A 68 -5.88 12.14 20.28
CA SER A 68 -5.21 10.98 20.91
C SER A 68 -3.97 10.59 20.10
N SER A 69 -3.05 9.86 20.75
CA SER A 69 -1.83 9.37 20.08
C SER A 69 -1.48 7.96 20.52
N SER A 70 -0.95 7.18 19.60
CA SER A 70 -0.55 5.81 19.87
C SER A 70 0.56 5.42 18.90
N GLY A 71 1.19 4.29 19.16
CA GLY A 71 2.30 3.84 18.34
C GLY A 71 3.25 2.94 19.06
N SER A 72 3.94 2.11 18.29
CA SER A 72 4.86 1.15 18.85
C SER A 72 6.27 1.69 18.70
N GLY A 73 6.71 2.44 19.71
CA GLY A 73 8.13 2.77 19.90
C GLY A 73 8.77 3.64 18.82
N THR A 74 8.65 3.21 17.56
CA THR A 74 9.33 3.82 16.43
C THR A 74 8.35 4.42 15.36
N ASP A 75 7.04 4.22 15.54
CA ASP A 75 6.05 4.55 14.52
C ASP A 75 4.73 4.91 15.18
N PHE A 76 4.33 6.18 15.03
CA PHE A 76 3.22 6.78 15.81
C PHE A 76 2.13 7.38 14.92
N THR A 77 0.97 7.62 15.52
CA THR A 77 -0.19 8.16 14.82
C THR A 77 -0.94 9.11 15.73
N LEU A 78 -1.02 10.40 15.34
CA LEU A 78 -1.93 11.34 15.97
C LEU A 78 -3.30 11.15 15.35
N ARG A 79 -4.30 10.87 16.17
CA ARG A 79 -5.66 10.79 15.70
C ARG A 79 -6.47 11.96 16.24
N ILE A 80 -7.22 12.60 15.35
CA ILE A 80 -8.12 13.70 15.69
C ILE A 80 -9.48 13.28 15.26
N SER A 81 -10.34 12.92 16.22
CA SER A 81 -11.69 12.48 15.90
C SER A 81 -12.58 13.70 15.70
N ARG A 82 -13.64 13.52 14.92
CA ARG A 82 -14.62 14.56 14.67
C ARG A 82 -13.94 15.90 14.39
N VAL A 83 -13.13 15.90 13.33
CA VAL A 83 -12.29 17.05 12.98
C VAL A 83 -13.13 18.30 12.80
N GLU A 84 -12.73 19.37 13.49
CA GLU A 84 -13.38 20.66 13.42
C GLU A 84 -12.57 21.56 12.54
N ALA A 85 -13.17 22.66 12.11
CA ALA A 85 -12.51 23.60 11.20
C ALA A 85 -11.32 24.30 11.88
N GLU A 86 -11.45 24.56 13.19
CA GLU A 86 -10.37 25.22 13.96
C GLU A 86 -9.15 24.35 14.24
N ASP A 87 -9.21 23.06 13.90
CA ASP A 87 -8.06 22.16 14.04
C ASP A 87 -7.02 22.36 12.93
N VAL A 88 -7.33 23.20 11.94
CA VAL A 88 -6.45 23.39 10.81
C VAL A 88 -5.15 24.04 11.24
N GLY A 89 -4.06 23.57 10.65
CA GLY A 89 -2.74 24.03 11.01
C GLY A 89 -1.71 22.97 10.70
N VAL A 90 -0.50 23.21 11.22
CA VAL A 90 0.61 22.30 11.01
C VAL A 90 0.89 21.54 12.29
N TYR A 91 0.80 20.21 12.20
CA TYR A 91 1.04 19.30 13.32
C TYR A 91 2.48 18.79 13.29
N TYR A 92 3.19 19.02 14.38
CA TYR A 92 4.58 18.65 14.52
C TYR A 92 4.70 17.55 15.54
N CYS A 93 5.42 16.48 15.20
CA CYS A 93 5.84 15.50 16.18
C CYS A 93 7.24 15.87 16.64
N ALA A 94 7.61 15.44 17.84
CA ALA A 94 8.91 15.77 18.40
C ALA A 94 9.33 14.73 19.41
N GLN A 95 10.61 14.73 19.76
CA GLN A 95 11.12 13.84 20.83
C GLN A 95 12.15 14.49 21.69
N ASN A 96 12.36 13.92 22.88
CA ASN A 96 13.57 14.18 23.65
C ASN A 96 13.94 13.01 24.54
N LEU A 97 13.98 11.82 23.96
CA LEU A 97 14.68 10.73 24.59
C LEU A 97 16.12 11.16 24.75
N GLU A 98 16.69 11.69 23.66
CA GLU A 98 18.08 12.13 23.59
C GLU A 98 18.17 13.60 23.20
N VAL A 99 19.15 14.30 23.77
CA VAL A 99 19.52 15.64 23.33
C VAL A 99 20.24 15.51 21.96
N PRO A 100 20.03 16.44 21.02
CA PRO A 100 19.06 17.52 21.14
C PRO A 100 17.62 17.07 20.86
N TRP A 101 16.65 17.79 21.43
CA TRP A 101 15.26 17.79 20.93
C TRP A 101 15.24 17.89 19.42
N THR A 102 14.43 17.07 18.77
CA THR A 102 14.23 17.17 17.36
C THR A 102 12.75 17.15 17.07
N PHE A 103 12.37 17.80 15.97
CA PHE A 103 11.00 17.89 15.54
C PHE A 103 10.89 17.29 14.18
N GLY A 104 9.70 16.79 13.86
CA GLY A 104 9.39 16.38 12.49
C GLY A 104 9.20 17.61 11.61
N GLY A 105 9.13 17.39 10.30
CA GLY A 105 8.99 18.50 9.33
C GLY A 105 7.69 19.26 9.44
N GLY A 106 6.67 18.63 10.03
CA GLY A 106 5.36 19.23 10.19
C GLY A 106 4.45 18.66 9.15
N THR A 107 3.18 18.46 9.51
CA THR A 107 2.17 17.97 8.56
C THR A 107 1.00 18.95 8.56
N LYS A 108 0.78 19.58 7.41
CA LYS A 108 -0.34 20.50 7.28
C LYS A 108 -1.62 19.69 7.22
N LEU A 109 -2.52 19.93 8.17
CA LEU A 109 -3.83 19.29 8.11
C LEU A 109 -4.69 19.96 6.99
N GLU A 110 -5.14 19.13 6.05
CA GLU A 110 -5.96 19.54 4.91
C GLU A 110 -7.42 19.17 5.17
N ILE A 111 -8.28 20.18 5.32
CA ILE A 111 -9.69 19.93 5.53
C ILE A 111 -10.43 19.94 4.20
N LYS A 112 -11.29 18.94 4.02
CA LYS A 112 -12.07 18.78 2.82
C LYS A 112 -13.45 19.33 3.09
N ARG A 113 -14.02 20.02 2.10
CA ARG A 113 -15.35 20.62 2.25
C ARG A 113 -15.97 20.83 0.89
N ALA A 114 -17.21 21.30 0.87
CA ALA A 114 -17.93 21.56 -0.40
C ALA A 114 -17.16 22.52 -1.31
N ASP A 115 -17.16 22.25 -2.60
CA ASP A 115 -16.65 23.22 -3.56
C ASP A 115 -17.42 24.53 -3.39
N ALA A 116 -16.70 25.63 -3.49
CA ALA A 116 -17.28 26.95 -3.42
C ALA A 116 -16.57 27.83 -4.41
N ALA A 117 -17.35 28.62 -5.16
CA ALA A 117 -16.78 29.63 -6.06
C ALA A 117 -16.41 30.87 -5.25
N PRO A 118 -15.37 31.60 -5.68
CA PRO A 118 -14.96 32.80 -4.99
C PRO A 118 -15.96 33.94 -5.16
N THR A 119 -16.13 34.73 -4.10
CA THR A 119 -16.69 36.09 -4.24
C THR A 119 -15.54 36.97 -4.70
N VAL A 120 -15.71 37.62 -5.85
CA VAL A 120 -14.62 38.37 -6.47
C VAL A 120 -14.82 39.88 -6.32
N SER A 121 -13.75 40.58 -5.95
CA SER A 121 -13.78 42.04 -5.76
C SER A 121 -12.59 42.66 -6.49
N ILE A 122 -12.81 43.78 -7.15
CA ILE A 122 -11.73 44.49 -7.87
C ILE A 122 -11.60 45.90 -7.33
N PHE A 123 -10.35 46.35 -7.17
CA PHE A 123 -10.05 47.62 -6.54
C PHE A 123 -9.16 48.42 -7.46
N PRO A 124 -9.68 49.55 -7.97
CA PRO A 124 -8.85 50.51 -8.67
C PRO A 124 -7.77 51.05 -7.74
N PRO A 125 -6.63 51.48 -8.27
CA PRO A 125 -5.66 52.18 -7.45
C PRO A 125 -6.28 53.37 -6.72
N SER A 126 -5.79 53.64 -5.52
CA SER A 126 -6.14 54.87 -4.83
C SER A 126 -5.51 56.02 -5.58
N SER A 127 -6.16 57.19 -5.47
CA SER A 127 -5.59 58.44 -5.95
C SER A 127 -4.27 58.71 -5.26
N GLU A 128 -4.22 58.36 -3.97
CA GLU A 128 -3.01 58.43 -3.13
C GLU A 128 -1.76 57.85 -3.80
N GLN A 129 -1.91 56.70 -4.47
CA GLN A 129 -0.77 56.00 -5.04
C GLN A 129 -0.20 56.71 -6.25
N LEU A 130 -1.05 57.42 -6.98
CA LEU A 130 -0.70 57.88 -8.30
C LEU A 130 0.53 58.78 -8.31
N THR A 131 0.65 59.66 -7.31
CA THR A 131 1.84 60.53 -7.16
C THR A 131 3.18 59.75 -7.03
N SER A 132 3.10 58.47 -6.61
CA SER A 132 4.29 57.63 -6.47
C SER A 132 4.90 57.19 -7.83
N GLY A 133 4.12 57.31 -8.90
CA GLY A 133 4.55 56.83 -10.21
C GLY A 133 4.10 55.41 -10.49
N GLY A 134 3.42 54.80 -9.53
CA GLY A 134 2.87 53.49 -9.70
C GLY A 134 1.37 53.52 -9.52
N ALA A 135 0.73 52.46 -9.96
CA ALA A 135 -0.71 52.30 -9.84
C ALA A 135 -0.97 50.82 -9.71
N SER A 136 -1.51 50.40 -8.57
CA SER A 136 -1.73 48.99 -8.31
C SER A 136 -3.19 48.67 -8.42
N VAL A 137 -3.53 47.70 -9.25
CA VAL A 137 -4.91 47.23 -9.35
C VAL A 137 -4.98 45.90 -8.63
N VAL A 138 -5.96 45.76 -7.74
CA VAL A 138 -6.06 44.59 -6.90
C VAL A 138 -7.32 43.78 -7.18
N CYS A 139 -7.16 42.47 -7.36
CA CYS A 139 -8.26 41.51 -7.45
C CYS A 139 -8.29 40.60 -6.23
N PHE A 140 -9.42 40.53 -5.54
CA PHE A 140 -9.54 39.69 -4.35
C PHE A 140 -10.59 38.60 -4.53
N LEU A 141 -10.16 37.34 -4.38
CA LEU A 141 -11.06 36.18 -4.50
C LEU A 141 -11.29 35.63 -3.12
N ASN A 142 -12.52 35.68 -2.67
CA ASN A 142 -12.82 35.50 -1.27
C ASN A 142 -13.61 34.22 -1.05
N ASN A 143 -13.12 33.38 -0.14
CA ASN A 143 -13.86 32.25 0.40
C ASN A 143 -14.19 31.15 -0.63
N PHE A 144 -13.15 30.58 -1.25
CA PHE A 144 -13.36 29.54 -2.24
C PHE A 144 -12.72 28.22 -1.80
N TYR A 145 -13.12 27.15 -2.46
CA TYR A 145 -12.53 25.83 -2.28
C TYR A 145 -12.73 25.09 -3.60
N PRO A 146 -11.70 24.42 -4.13
CA PRO A 146 -10.40 24.17 -3.46
C PRO A 146 -9.40 25.32 -3.62
N LYS A 147 -8.15 25.10 -3.23
CA LYS A 147 -7.15 26.15 -3.25
C LYS A 147 -6.71 26.53 -4.67
N ASP A 148 -6.44 25.52 -5.49
CA ASP A 148 -6.02 25.75 -6.87
C ASP A 148 -7.07 26.56 -7.62
N ILE A 149 -6.74 27.83 -7.87
CA ILE A 149 -7.53 28.70 -8.73
C ILE A 149 -6.59 29.54 -9.58
N ASN A 150 -7.10 30.05 -10.70
CA ASN A 150 -6.32 30.88 -11.63
C ASN A 150 -6.98 32.24 -11.79
N VAL A 151 -6.19 33.31 -11.74
CA VAL A 151 -6.70 34.67 -12.01
C VAL A 151 -6.01 35.19 -13.25
N LYS A 152 -6.80 35.70 -14.19
CA LYS A 152 -6.27 36.37 -15.39
C LYS A 152 -6.63 37.84 -15.33
N TRP A 153 -5.67 38.70 -15.70
CA TRP A 153 -5.93 40.14 -15.87
C TRP A 153 -6.06 40.50 -17.37
N LYS A 154 -7.00 41.38 -17.69
CA LYS A 154 -7.11 41.95 -19.01
C LYS A 154 -7.24 43.48 -18.91
N ILE A 155 -6.40 44.20 -19.67
CA ILE A 155 -6.47 45.67 -19.77
C ILE A 155 -6.96 45.98 -21.16
N ASP A 156 -8.06 46.72 -21.24
CA ASP A 156 -8.77 46.91 -22.51
C ASP A 156 -8.88 45.57 -23.24
N GLY A 157 -9.43 44.57 -22.55
CA GLY A 157 -9.70 43.26 -23.15
C GLY A 157 -8.50 42.41 -23.54
N SER A 158 -7.28 42.92 -23.31
CA SER A 158 -6.03 42.22 -23.65
C SER A 158 -5.37 41.66 -22.39
N GLU A 159 -4.85 40.44 -22.49
CA GLU A 159 -4.30 39.76 -21.35
C GLU A 159 -2.92 40.30 -20.97
N ARG A 160 -2.80 40.72 -19.72
CA ARG A 160 -1.57 41.30 -19.16
C ARG A 160 -1.11 40.44 -17.98
N GLN A 161 0.09 39.86 -18.08
CA GLN A 161 0.72 39.11 -16.99
C GLN A 161 1.86 39.89 -16.30
N ASN A 162 2.47 40.84 -17.02
CA ASN A 162 3.56 41.61 -16.48
C ASN A 162 3.09 42.52 -15.34
N GLY A 163 3.84 42.50 -14.25
CA GLY A 163 3.52 43.31 -13.08
C GLY A 163 2.47 42.68 -12.15
N VAL A 164 2.20 41.38 -12.32
CA VAL A 164 1.18 40.68 -11.50
C VAL A 164 1.82 39.82 -10.37
N LEU A 165 1.37 40.05 -9.14
CA LEU A 165 1.80 39.28 -7.97
C LEU A 165 0.57 38.63 -7.33
N ASN A 166 0.65 37.32 -7.12
CA ASN A 166 -0.45 36.56 -6.49
C ASN A 166 -0.01 35.98 -5.15
N SER A 167 -0.95 35.89 -4.22
CA SER A 167 -0.70 35.35 -2.90
C SER A 167 -2.01 34.85 -2.29
N TRP A 168 -1.90 33.81 -1.48
CA TRP A 168 -3.02 33.10 -0.87
C TRP A 168 -3.01 33.26 0.64
N THR A 169 -4.17 33.10 1.26
CA THR A 169 -4.27 32.83 2.69
C THR A 169 -4.06 31.36 2.92
N ASP A 170 -3.91 31.00 4.19
CA ASP A 170 -4.06 29.62 4.64
C ASP A 170 -5.55 29.26 4.69
N GLN A 171 -5.84 27.97 4.88
CA GLN A 171 -7.19 27.53 5.02
C GLN A 171 -7.83 28.15 6.30
N ASP A 172 -9.00 28.75 6.11
CA ASP A 172 -9.66 29.51 7.17
C ASP A 172 -10.13 28.66 8.37
N SER A 173 -9.92 29.21 9.57
CA SER A 173 -10.32 28.57 10.85
C SER A 173 -11.80 28.27 11.03
N LYS A 174 -12.69 29.09 10.46
CA LYS A 174 -14.14 28.93 10.72
C LYS A 174 -14.94 28.25 9.58
N ASP A 175 -14.63 28.57 8.33
CA ASP A 175 -15.35 27.99 7.16
C ASP A 175 -14.51 27.06 6.25
N SER A 176 -13.21 26.94 6.54
CA SER A 176 -12.32 26.00 5.80
C SER A 176 -12.14 26.35 4.28
N THR A 177 -12.32 27.62 3.94
CA THR A 177 -12.12 28.10 2.58
C THR A 177 -10.75 28.74 2.49
N TYR A 178 -10.42 29.18 1.27
CA TYR A 178 -9.27 29.98 0.99
C TYR A 178 -9.72 31.31 0.45
N SER A 179 -8.85 32.30 0.57
CA SER A 179 -9.00 33.55 -0.17
C SER A 179 -7.65 33.87 -0.80
N MET A 180 -7.64 34.64 -1.88
CA MET A 180 -6.38 35.06 -2.47
C MET A 180 -6.48 36.41 -3.12
N SER A 181 -5.35 37.11 -3.19
CA SER A 181 -5.34 38.42 -3.87
C SER A 181 -4.33 38.41 -4.99
N SER A 182 -4.67 39.11 -6.06
CA SER A 182 -3.82 39.31 -7.20
C SER A 182 -3.64 40.84 -7.38
N THR A 183 -2.41 41.30 -7.52
CA THR A 183 -2.16 42.73 -7.69
C THR A 183 -1.43 42.97 -8.98
N LEU A 184 -2.08 43.69 -9.90
CA LEU A 184 -1.44 44.18 -11.13
C LEU A 184 -0.84 45.56 -10.85
N THR A 185 0.48 45.66 -10.81
CA THR A 185 1.15 46.97 -10.61
C THR A 185 1.70 47.51 -11.92
N LEU A 186 1.28 48.71 -12.26
CA LEU A 186 1.64 49.38 -13.49
C LEU A 186 2.29 50.70 -13.12
N THR A 187 2.73 51.44 -14.12
CA THR A 187 3.09 52.85 -13.89
C THR A 187 1.81 53.66 -13.90
N LYS A 188 1.88 54.85 -13.32
CA LYS A 188 0.77 55.81 -13.40
C LYS A 188 0.37 56.09 -14.88
N ASP A 189 1.36 56.18 -15.77
CA ASP A 189 1.10 56.45 -17.19
C ASP A 189 0.32 55.30 -17.90
N GLU A 190 0.81 54.06 -17.76
CA GLU A 190 0.14 52.89 -18.33
C GLU A 190 -1.30 52.82 -17.86
N TYR A 191 -1.49 52.97 -16.55
CA TYR A 191 -2.84 52.93 -15.98
C TYR A 191 -3.77 54.04 -16.57
N GLU A 192 -3.24 55.25 -16.73
CA GLU A 192 -4.03 56.38 -17.25
C GLU A 192 -4.22 56.30 -18.80
N ARG A 193 -3.33 55.56 -19.47
CA ARG A 193 -3.45 55.29 -20.91
C ARG A 193 -4.62 54.38 -21.28
N HIS A 194 -5.09 53.56 -20.32
CA HIS A 194 -6.09 52.55 -20.61
C HIS A 194 -7.34 52.77 -19.78
N ASN A 195 -8.40 52.06 -20.16
CA ASN A 195 -9.73 52.31 -19.63
C ASN A 195 -10.33 51.16 -18.87
N SER A 196 -10.28 49.98 -19.47
CA SER A 196 -11.02 48.82 -18.98
C SER A 196 -10.08 47.84 -18.30
N TYR A 197 -10.39 47.53 -17.05
CA TYR A 197 -9.59 46.62 -16.24
C TYR A 197 -10.44 45.48 -15.75
N THR A 198 -9.98 44.27 -15.99
CA THR A 198 -10.75 43.07 -15.73
C THR A 198 -9.88 42.04 -15.06
N CYS A 199 -10.42 41.38 -14.04
CA CYS A 199 -9.83 40.14 -13.60
C CYS A 199 -10.87 39.04 -13.63
N GLU A 200 -10.44 37.81 -13.87
CA GLU A 200 -11.34 36.70 -13.93
C GLU A 200 -10.77 35.48 -13.26
N ALA A 201 -11.61 34.78 -12.51
CA ALA A 201 -11.21 33.62 -11.73
C ALA A 201 -11.58 32.33 -12.46
N THR A 202 -10.67 31.34 -12.43
CA THR A 202 -10.92 30.02 -13.04
C THR A 202 -10.34 28.90 -12.17
N PRO A 209 -16.86 30.67 -14.61
CA PRO A 209 -15.83 31.67 -14.89
C PRO A 209 -16.25 33.07 -14.40
N ILE A 210 -15.85 33.42 -13.18
CA ILE A 210 -16.28 34.68 -12.55
C ILE A 210 -15.38 35.81 -12.99
N VAL A 211 -15.99 36.89 -13.48
CA VAL A 211 -15.28 38.04 -14.04
C VAL A 211 -15.79 39.31 -13.33
N LYS A 212 -14.86 40.11 -12.78
CA LYS A 212 -15.18 41.47 -12.30
C LYS A 212 -14.34 42.43 -13.09
N SER A 213 -14.86 43.64 -13.29
CA SER A 213 -14.23 44.65 -14.14
C SER A 213 -14.62 46.07 -13.72
N PHE A 214 -13.84 47.05 -14.20
CA PHE A 214 -14.22 48.46 -14.09
C PHE A 214 -13.62 49.27 -15.23
N ASN A 215 -14.25 50.42 -15.52
CA ASN A 215 -13.70 51.40 -16.45
C ASN A 215 -13.26 52.64 -15.69
N ARG A 216 -12.06 53.13 -16.01
CA ARG A 216 -11.39 54.17 -15.22
C ARG A 216 -12.10 55.54 -15.33
N ASN A 217 -11.95 56.38 -14.43
N GLU B 1 -1.94 36.28 31.91
CA GLU B 1 -1.09 36.12 33.13
C GLU B 1 0.35 35.75 32.70
N VAL B 2 0.55 34.49 32.28
CA VAL B 2 1.89 34.00 31.90
C VAL B 2 2.28 34.62 30.57
N LYS B 3 3.39 35.35 30.53
CA LYS B 3 3.83 36.05 29.34
C LYS B 3 5.30 35.81 29.09
N LEU B 4 5.68 35.82 27.81
CA LEU B 4 7.08 35.77 27.39
C LEU B 4 7.32 36.78 26.28
N LEU B 5 7.63 38.02 26.64
CA LEU B 5 7.79 39.08 25.64
C LEU B 5 9.22 39.10 25.10
N GLU B 6 9.34 38.94 23.79
CA GLU B 6 10.63 38.85 23.13
C GLU B 6 11.02 40.12 22.36
N SER B 7 12.31 40.38 22.30
CA SER B 7 12.85 41.55 21.63
C SER B 7 14.30 41.30 21.23
N GLY B 8 14.88 42.26 20.51
CA GLY B 8 16.30 42.20 20.11
C GLY B 8 16.53 41.68 18.72
N GLY B 9 15.46 41.43 17.99
CA GLY B 9 15.57 41.05 16.56
C GLY B 9 15.69 42.27 15.66
N GLY B 10 15.58 42.04 14.36
CA GLY B 10 15.74 43.10 13.36
C GLY B 10 16.65 42.62 12.26
N LEU B 11 17.45 43.53 11.69
CA LEU B 11 18.41 43.18 10.65
C LEU B 11 19.86 43.28 11.19
N VAL B 12 20.73 42.39 10.72
CA VAL B 12 22.13 42.37 11.08
C VAL B 12 22.92 41.88 9.86
N GLN B 13 24.13 42.41 9.67
CA GLN B 13 24.93 42.05 8.50
C GLN B 13 25.61 40.73 8.79
N PRO B 14 25.89 39.95 7.75
CA PRO B 14 26.66 38.71 7.92
C PRO B 14 27.98 38.90 8.72
N GLY B 15 28.25 37.96 9.62
CA GLY B 15 29.41 38.03 10.49
C GLY B 15 29.16 38.71 11.82
N GLY B 16 28.00 39.34 11.97
CA GLY B 16 27.73 40.19 13.12
C GLY B 16 27.25 39.41 14.32
N SER B 17 27.12 40.10 15.45
CA SER B 17 26.51 39.54 16.64
C SER B 17 25.19 40.20 16.95
N GLN B 18 24.36 39.49 17.71
CA GLN B 18 23.03 39.95 18.09
C GLN B 18 22.60 39.25 19.40
N LYS B 19 21.91 39.99 20.26
CA LYS B 19 21.42 39.45 21.54
C LYS B 19 19.91 39.62 21.68
N LEU B 20 19.19 38.50 21.73
CA LEU B 20 17.74 38.52 21.90
C LEU B 20 17.46 38.44 23.37
N SER B 21 16.32 39.00 23.77
CA SER B 21 15.87 38.96 25.14
C SER B 21 14.47 38.39 25.18
N CYS B 22 14.18 37.67 26.26
CA CYS B 22 12.85 37.18 26.51
C CYS B 22 12.49 37.56 27.97
N ALA B 23 11.57 38.52 28.10
CA ALA B 23 11.13 39.00 29.39
C ALA B 23 9.90 38.22 29.87
N ALA B 24 10.05 37.51 30.98
CA ALA B 24 8.98 36.68 31.57
C ALA B 24 8.16 37.45 32.59
N SER B 25 6.90 37.06 32.73
CA SER B 25 6.03 37.57 33.81
C SER B 25 4.84 36.64 34.00
N GLY B 26 4.24 36.68 35.19
CA GLY B 26 3.08 35.84 35.49
C GLY B 26 3.42 34.46 36.00
N PHE B 27 4.69 34.26 36.40
CA PHE B 27 5.12 33.00 37.01
C PHE B 27 6.48 33.17 37.66
N ASP B 28 6.81 32.26 38.59
CA ASP B 28 8.14 32.28 39.21
C ASP B 28 9.16 31.80 38.19
N PHE B 29 9.67 32.75 37.41
CA PHE B 29 10.59 32.47 36.31
C PHE B 29 11.89 31.80 36.78
N SER B 30 12.28 32.07 38.04
CA SER B 30 13.51 31.52 38.61
C SER B 30 13.46 30.01 38.89
N GLY B 31 12.28 29.39 38.78
CA GLY B 31 12.12 27.94 39.05
C GLY B 31 11.84 27.06 37.85
N TYR B 32 11.94 27.61 36.63
CA TYR B 32 11.66 26.85 35.39
C TYR B 32 12.86 26.78 34.45
N TRP B 33 12.98 25.66 33.76
CA TRP B 33 13.85 25.57 32.60
C TRP B 33 13.29 26.45 31.49
N MET B 34 14.18 27.11 30.75
CA MET B 34 13.82 27.90 29.59
C MET B 34 14.57 27.41 28.35
N SER B 35 13.94 27.58 27.18
CA SER B 35 14.49 27.09 25.88
C SER B 35 14.43 28.15 24.78
N TRP B 36 15.24 27.93 23.74
CA TRP B 36 15.15 28.68 22.50
C TRP B 36 14.95 27.72 21.34
N VAL B 37 14.01 28.08 20.47
CA VAL B 37 13.72 27.34 19.24
C VAL B 37 13.53 28.38 18.12
N ARG B 38 13.99 28.06 16.93
CA ARG B 38 13.84 28.96 15.80
C ARG B 38 13.10 28.31 14.63
N GLN B 39 12.49 29.17 13.80
CA GLN B 39 11.78 28.71 12.63
C GLN B 39 12.14 29.61 11.47
N ALA B 40 12.89 29.05 10.54
CA ALA B 40 13.24 29.77 9.34
C ALA B 40 11.98 29.95 8.47
N PRO B 41 11.93 31.03 7.68
CA PRO B 41 10.74 31.34 6.85
C PRO B 41 10.30 30.16 5.97
N GLY B 42 9.05 29.73 6.15
CA GLY B 42 8.48 28.63 5.36
C GLY B 42 8.99 27.25 5.71
N LYS B 43 9.69 27.13 6.85
CA LYS B 43 10.33 25.87 7.25
C LYS B 43 9.85 25.38 8.65
N GLY B 44 10.43 24.28 9.12
CA GLY B 44 10.07 23.69 10.39
C GLY B 44 10.79 24.27 11.59
N LEU B 45 10.87 23.49 12.66
CA LEU B 45 11.38 23.95 13.94
C LEU B 45 12.75 23.34 14.23
N GLU B 46 13.66 24.18 14.73
CA GLU B 46 14.95 23.71 15.21
C GLU B 46 15.15 24.17 16.65
N TRP B 47 15.25 23.20 17.56
CA TRP B 47 15.63 23.48 18.93
C TRP B 47 17.07 23.98 18.93
N ILE B 48 17.30 25.13 19.57
CA ILE B 48 18.65 25.68 19.72
C ILE B 48 19.34 25.13 20.99
N GLY B 49 18.68 25.32 22.12
CA GLY B 49 19.19 24.87 23.38
C GLY B 49 18.30 25.26 24.54
N GLU B 50 18.75 24.89 25.74
CA GLU B 50 18.00 25.15 26.97
C GLU B 50 18.95 25.41 28.14
N ILE B 51 18.37 25.96 29.21
CA ILE B 51 19.15 26.39 30.38
C ILE B 51 18.35 26.15 31.68
N ASN B 52 18.99 25.56 32.69
CA ASN B 52 18.33 25.24 33.97
C ASN B 52 18.16 26.51 34.83
N PRO B 53 17.34 26.46 35.87
CA PRO B 53 17.07 27.63 36.70
C PRO B 53 18.32 28.37 37.20
N ASP B 54 19.28 27.65 37.77
CA ASP B 54 20.49 28.30 38.35
C ASP B 54 21.62 28.57 37.34
N SER B 55 21.40 28.20 36.07
CA SER B 55 22.39 28.38 34.98
C SER B 55 23.63 27.47 35.05
N SER B 56 23.55 26.38 35.84
CA SER B 56 24.66 25.42 35.94
C SER B 56 24.63 24.35 34.83
N THR B 57 23.52 24.27 34.12
CA THR B 57 23.36 23.29 33.06
C THR B 57 22.74 23.95 31.85
N ILE B 58 23.47 23.91 30.73
CA ILE B 58 23.05 24.52 29.49
C ILE B 58 23.34 23.53 28.37
N ASN B 59 22.29 23.11 27.66
CA ASN B 59 22.43 22.15 26.56
C ASN B 59 22.18 22.86 25.24
N TYR B 60 22.87 22.40 24.20
CA TYR B 60 22.80 23.00 22.85
C TYR B 60 22.62 21.91 21.78
N THR B 61 22.07 22.29 20.65
CA THR B 61 22.24 21.49 19.44
C THR B 61 23.74 21.53 19.15
N PRO B 62 24.39 20.36 19.03
CA PRO B 62 25.85 20.31 18.82
C PRO B 62 26.35 21.27 17.73
N SER B 63 25.67 21.31 16.59
CA SER B 63 26.06 22.18 15.47
C SER B 63 25.79 23.69 15.70
N LEU B 64 25.19 24.04 16.84
CA LEU B 64 24.93 25.45 17.17
C LEU B 64 25.69 25.93 18.45
N LYS B 65 26.50 25.04 19.03
CA LYS B 65 27.21 25.33 20.29
C LYS B 65 28.25 26.47 20.14
N ASP B 66 28.98 26.47 19.03
CA ASP B 66 29.98 27.52 18.77
C ASP B 66 29.36 28.90 18.61
N LYS B 67 28.18 28.96 18.00
CA LYS B 67 27.58 30.23 17.57
C LYS B 67 26.64 30.88 18.60
N PHE B 68 25.98 30.05 19.43
CA PHE B 68 24.90 30.51 20.27
C PHE B 68 25.24 30.37 21.76
N ILE B 69 24.86 31.37 22.55
CA ILE B 69 25.13 31.37 23.98
C ILE B 69 23.86 31.75 24.73
N ILE B 70 23.32 30.79 25.49
CA ILE B 70 22.10 30.98 26.26
C ILE B 70 22.47 31.38 27.69
N SER B 71 21.93 32.51 28.13
CA SER B 71 22.13 32.97 29.51
C SER B 71 20.80 33.48 30.07
N ARG B 72 20.80 33.83 31.35
CA ARG B 72 19.59 34.34 31.99
C ARG B 72 19.88 35.10 33.27
N ASP B 73 18.97 36.02 33.60
CA ASP B 73 19.09 36.89 34.75
C ASP B 73 17.78 36.79 35.51
N ASN B 74 17.75 35.89 36.49
CA ASN B 74 16.56 35.65 37.29
C ASN B 74 16.12 36.88 38.06
N ALA B 75 17.08 37.67 38.54
CA ALA B 75 16.78 38.95 39.20
C ALA B 75 16.04 39.92 38.27
N LYS B 76 16.31 39.82 36.97
CA LYS B 76 15.59 40.60 35.95
C LYS B 76 14.44 39.81 35.28
N ASN B 77 14.26 38.54 35.69
CA ASN B 77 13.28 37.63 35.03
C ASN B 77 13.40 37.63 33.50
N THR B 78 14.64 37.44 33.01
CA THR B 78 14.92 37.56 31.60
C THR B 78 15.75 36.40 31.09
N LEU B 79 15.45 35.97 29.86
CA LEU B 79 16.22 34.98 29.16
C LEU B 79 16.94 35.65 27.99
N TYR B 80 18.15 35.19 27.70
CA TYR B 80 18.94 35.79 26.65
C TYR B 80 19.44 34.73 25.70
N LEU B 81 19.59 35.13 24.44
CA LEU B 81 20.29 34.33 23.45
C LEU B 81 21.26 35.26 22.72
N GLN B 82 22.55 34.98 22.87
CA GLN B 82 23.60 35.75 22.21
C GLN B 82 24.11 34.97 21.01
N MET B 83 24.05 35.58 19.84
CA MET B 83 24.54 34.99 18.61
C MET B 83 25.73 35.80 18.12
N SER B 84 26.69 35.13 17.52
CA SER B 84 27.82 35.79 16.90
C SER B 84 28.14 35.10 15.58
N LYS B 85 28.96 35.77 14.77
CA LYS B 85 29.42 35.20 13.48
C LYS B 85 28.23 34.69 12.66
N VAL B 86 27.19 35.51 12.59
CA VAL B 86 25.91 35.11 12.08
C VAL B 86 25.97 35.09 10.54
N ARG B 87 25.18 34.19 9.94
CA ARG B 87 25.18 33.99 8.49
C ARG B 87 23.73 33.99 8.01
N SER B 88 23.56 34.06 6.69
CA SER B 88 22.23 34.07 6.06
C SER B 88 21.32 32.93 6.58
N GLU B 89 21.94 31.78 6.86
CA GLU B 89 21.23 30.60 7.37
C GLU B 89 20.60 30.80 8.76
N ASP B 90 20.97 31.88 9.45
CA ASP B 90 20.43 32.18 10.78
C ASP B 90 19.19 33.13 10.77
N THR B 91 18.79 33.57 9.58
CA THR B 91 17.54 34.28 9.41
C THR B 91 16.35 33.40 9.82
N ALA B 92 15.58 33.85 10.80
CA ALA B 92 14.50 33.06 11.36
C ALA B 92 13.69 33.85 12.36
N LEU B 93 12.56 33.27 12.73
CA LEU B 93 11.80 33.68 13.90
C LEU B 93 12.31 32.85 15.09
N TYR B 94 12.73 33.54 16.15
CA TYR B 94 13.29 32.90 17.33
C TYR B 94 12.27 32.93 18.46
N TYR B 95 11.89 31.75 18.93
CA TYR B 95 10.98 31.57 20.06
C TYR B 95 11.75 31.22 21.30
N CYS B 96 11.35 31.83 22.43
CA CYS B 96 11.72 31.33 23.73
C CYS B 96 10.52 30.55 24.29
N ALA B 97 10.81 29.52 25.08
CA ALA B 97 9.78 28.60 25.56
C ALA B 97 10.07 28.18 26.98
N ARG B 98 9.02 28.18 27.80
CA ARG B 98 9.09 27.69 29.15
C ARG B 98 8.91 26.15 29.19
N GLU B 99 9.82 25.45 29.89
CA GLU B 99 9.69 24.00 30.22
C GLU B 99 9.00 23.15 29.15
N THR B 100 9.68 22.93 28.02
CA THR B 100 9.04 22.26 26.89
C THR B 100 8.75 20.78 27.20
N GLY B 101 7.65 20.27 26.64
CA GLY B 101 7.27 18.88 26.81
C GLY B 101 6.78 18.56 28.19
N THR B 102 5.97 19.44 28.76
CA THR B 102 5.35 19.19 30.05
C THR B 102 4.11 20.05 30.19
N ARG B 103 3.37 19.86 31.29
CA ARG B 103 2.17 20.69 31.58
C ARG B 103 2.43 22.22 31.51
N PHE B 104 3.67 22.61 31.81
CA PHE B 104 4.12 24.02 31.83
C PHE B 104 4.52 24.58 30.46
N ASP B 105 4.48 23.74 29.41
CA ASP B 105 4.94 24.14 28.06
C ASP B 105 4.21 25.43 27.61
N TYR B 106 4.99 26.47 27.31
CA TYR B 106 4.44 27.72 26.80
C TYR B 106 5.48 28.45 25.96
N TRP B 107 5.07 28.96 24.81
CA TRP B 107 6.00 29.59 23.86
C TRP B 107 5.68 31.05 23.72
N GLY B 108 6.72 31.89 23.60
CA GLY B 108 6.54 33.30 23.32
C GLY B 108 6.13 33.53 21.88
N GLN B 109 5.86 34.79 21.55
CA GLN B 109 5.31 35.13 20.23
C GLN B 109 6.37 35.17 19.14
N GLY B 110 7.64 35.33 19.54
CA GLY B 110 8.76 35.22 18.62
C GLY B 110 9.26 36.56 18.14
N THR B 111 10.56 36.66 17.89
CA THR B 111 11.18 37.86 17.33
C THR B 111 11.98 37.47 16.07
N THR B 112 11.90 38.28 15.01
CA THR B 112 12.54 37.96 13.75
C THR B 112 13.92 38.57 13.68
N LEU B 113 14.91 37.75 13.33
CA LEU B 113 16.25 38.25 12.99
C LEU B 113 16.49 37.97 11.52
N THR B 114 16.92 39.00 10.78
CA THR B 114 17.32 38.84 9.38
C THR B 114 18.79 39.19 9.18
N VAL B 115 19.52 38.28 8.53
CA VAL B 115 20.94 38.47 8.26
C VAL B 115 21.06 38.84 6.79
N SER B 116 21.51 40.04 6.52
CA SER B 116 21.40 40.60 5.18
C SER B 116 22.34 41.79 5.06
N SER B 117 22.86 42.00 3.85
CA SER B 117 23.65 43.19 3.55
C SER B 117 22.77 44.29 2.94
N ALA B 118 21.45 44.07 2.87
CA ALA B 118 20.50 45.04 2.27
C ALA B 118 20.03 46.03 3.30
N THR B 119 19.21 46.97 2.86
CA THR B 119 18.79 48.09 3.67
C THR B 119 17.37 47.93 4.15
N THR B 120 17.18 48.00 5.46
CA THR B 120 15.81 48.08 6.00
C THR B 120 15.05 49.25 5.31
N THR B 121 13.88 48.93 4.78
CA THR B 121 13.07 49.89 4.01
C THR B 121 11.65 49.89 4.56
N ALA B 122 11.13 51.07 4.90
CA ALA B 122 9.73 51.20 5.38
C ALA B 122 8.69 50.93 4.24
N PRO B 123 7.51 50.38 4.59
CA PRO B 123 6.49 50.15 3.60
C PRO B 123 5.77 51.41 3.16
N SER B 124 5.26 51.38 1.94
CA SER B 124 4.19 52.31 1.56
C SER B 124 2.86 51.58 1.73
N VAL B 125 1.83 52.30 2.13
CA VAL B 125 0.54 51.67 2.36
C VAL B 125 -0.59 52.42 1.69
N TYR B 126 -1.44 51.68 0.98
CA TYR B 126 -2.55 52.30 0.20
C TYR B 126 -3.90 51.65 0.53
N PRO B 127 -4.96 52.45 0.67
CA PRO B 127 -6.30 51.90 0.97
C PRO B 127 -6.91 51.17 -0.24
N LEU B 128 -7.74 50.15 0.04
CA LEU B 128 -8.44 49.39 -1.00
C LEU B 128 -9.91 49.63 -0.79
N VAL B 129 -10.45 50.50 -1.63
CA VAL B 129 -11.81 51.00 -1.50
C VAL B 129 -12.57 50.61 -2.78
N PRO B 130 -13.84 50.22 -2.62
CA PRO B 130 -14.73 49.96 -3.79
C PRO B 130 -14.85 51.14 -4.74
N SER B 139 -23.21 43.43 2.41
CA SER B 139 -21.79 43.31 2.81
C SER B 139 -20.87 44.05 1.84
N VAL B 140 -19.74 44.54 2.38
CA VAL B 140 -18.75 45.26 1.57
C VAL B 140 -17.31 44.88 2.00
N THR B 141 -16.42 44.73 1.01
CA THR B 141 -15.02 44.35 1.26
C THR B 141 -14.05 45.54 1.09
N LEU B 142 -13.23 45.77 2.10
CA LEU B 142 -12.23 46.82 2.12
C LEU B 142 -10.87 46.17 2.32
N GLY B 143 -9.79 46.92 2.07
CA GLY B 143 -8.45 46.41 2.34
C GLY B 143 -7.38 47.47 2.42
N CYS B 144 -6.16 47.05 2.73
CA CYS B 144 -4.99 47.88 2.41
C CYS B 144 -3.87 47.07 1.80
N LEU B 145 -3.07 47.79 1.04
CA LEU B 145 -2.05 47.23 0.23
C LEU B 145 -0.77 47.77 0.79
N VAL B 146 0.16 46.87 1.10
CA VAL B 146 1.37 47.21 1.80
C VAL B 146 2.54 46.80 0.90
N LYS B 147 3.38 47.76 0.53
CA LYS B 147 4.37 47.53 -0.52
C LYS B 147 5.76 48.07 -0.18
N GLY B 148 6.78 47.48 -0.77
CA GLY B 148 8.11 48.05 -0.77
C GLY B 148 9.02 47.88 0.45
N TYR B 149 8.66 46.99 1.37
CA TYR B 149 9.37 46.87 2.65
C TYR B 149 10.40 45.73 2.69
N PHE B 150 11.37 45.90 3.57
CA PHE B 150 12.38 44.93 3.86
C PHE B 150 12.94 45.25 5.26
N PRO B 151 13.27 44.26 6.08
CA PRO B 151 12.93 42.87 5.89
C PRO B 151 11.49 42.54 6.32
N GLU B 152 11.19 41.25 6.38
CA GLU B 152 10.01 40.74 7.07
C GLU B 152 10.15 40.90 8.57
N PRO B 153 9.04 40.94 9.32
CA PRO B 153 7.69 40.94 8.78
C PRO B 153 7.00 42.31 8.85
N VAL B 154 5.82 42.37 8.26
CA VAL B 154 4.86 43.42 8.55
C VAL B 154 3.65 42.77 9.23
N THR B 155 3.02 43.47 10.14
CA THR B 155 1.77 43.00 10.63
C THR B 155 0.69 44.01 10.24
N VAL B 156 -0.50 43.51 9.93
CA VAL B 156 -1.62 44.32 9.53
C VAL B 156 -2.77 43.93 10.41
N LYS B 157 -3.33 44.89 11.12
CA LYS B 157 -4.51 44.69 11.91
C LYS B 157 -5.58 45.68 11.47
N TRP B 158 -6.81 45.46 11.93
CA TRP B 158 -7.95 46.32 11.60
C TRP B 158 -8.57 46.83 12.89
N ASN B 159 -8.78 48.13 12.97
CA ASN B 159 -9.30 48.78 14.19
C ASN B 159 -8.53 48.32 15.39
N TYR B 160 -7.18 48.37 15.26
CA TYR B 160 -6.21 47.93 16.30
C TYR B 160 -6.20 46.41 16.62
N GLY B 161 -6.96 45.62 15.88
CA GLY B 161 -7.09 44.20 16.13
C GLY B 161 -8.48 43.83 16.55
N ALA B 162 -9.27 44.83 16.96
CA ALA B 162 -10.62 44.60 17.41
C ALA B 162 -11.53 44.02 16.34
N LEU B 163 -11.27 44.38 15.08
CA LEU B 163 -12.02 43.85 13.96
C LEU B 163 -11.26 42.64 13.40
N SER B 164 -11.78 41.44 13.69
CA SER B 164 -11.07 40.17 13.40
C SER B 164 -11.85 39.24 12.45
N SER B 165 -13.15 39.11 12.67
CA SER B 165 -13.97 38.27 11.79
C SER B 165 -14.05 38.89 10.41
N GLY B 166 -13.76 38.08 9.40
CA GLY B 166 -13.85 38.50 8.02
C GLY B 166 -12.55 38.99 7.46
N VAL B 167 -11.52 39.07 8.29
CA VAL B 167 -10.22 39.57 7.87
C VAL B 167 -9.52 38.47 7.14
N ARG B 168 -8.95 38.79 5.99
CA ARG B 168 -8.20 37.83 5.19
C ARG B 168 -6.92 38.51 4.80
N THR B 169 -5.80 38.01 5.33
CA THR B 169 -4.49 38.56 5.06
C THR B 169 -3.65 37.49 4.36
N VAL B 170 -3.21 37.78 3.14
CA VAL B 170 -2.46 36.78 2.34
C VAL B 170 -1.01 36.78 2.81
N SER B 171 -0.26 35.73 2.52
CA SER B 171 1.15 35.73 2.83
C SER B 171 1.88 36.76 1.97
N SER B 172 3.04 37.19 2.46
CA SER B 172 3.86 38.17 1.80
C SER B 172 4.45 37.61 0.56
N VAL B 173 4.79 38.50 -0.36
CA VAL B 173 5.47 38.10 -1.60
C VAL B 173 6.75 38.89 -1.71
N LEU B 174 7.83 38.20 -2.09
CA LEU B 174 9.12 38.83 -2.32
C LEU B 174 9.35 39.02 -3.79
N GLN B 175 9.75 40.22 -4.19
CA GLN B 175 10.08 40.50 -5.58
C GLN B 175 11.05 41.63 -5.65
N SER B 176 12.14 41.40 -6.37
CA SER B 176 13.17 42.40 -6.61
C SER B 176 13.73 42.99 -5.33
N GLY B 177 13.82 42.16 -4.29
CA GLY B 177 14.42 42.54 -3.02
C GLY B 177 13.49 43.15 -2.00
N PHE B 178 12.19 43.26 -2.33
CA PHE B 178 11.21 43.90 -1.44
C PHE B 178 9.95 43.07 -1.31
N TYR B 179 9.23 43.26 -0.21
CA TYR B 179 8.05 42.47 0.09
C TYR B 179 6.81 43.30 -0.13
N SER B 180 5.71 42.61 -0.43
CA SER B 180 4.41 43.24 -0.39
C SER B 180 3.37 42.30 0.19
N LEU B 181 2.31 42.86 0.73
CA LEU B 181 1.11 42.08 0.99
C LEU B 181 -0.13 42.93 1.04
N SER B 182 -1.28 42.27 1.21
CA SER B 182 -2.55 42.95 1.31
C SER B 182 -3.45 42.24 2.31
N SER B 183 -4.22 43.03 3.03
CA SER B 183 -5.16 42.52 3.96
C SER B 183 -6.52 43.05 3.56
N LEU B 184 -7.52 42.19 3.58
CA LEU B 184 -8.90 42.63 3.30
C LEU B 184 -9.84 42.21 4.43
N VAL B 185 -10.92 42.99 4.57
CA VAL B 185 -12.02 42.68 5.51
C VAL B 185 -13.34 42.81 4.80
N THR B 186 -14.25 41.87 5.06
CA THR B 186 -15.62 41.99 4.61
C THR B 186 -16.48 42.38 5.81
N VAL B 187 -17.38 43.31 5.59
CA VAL B 187 -18.05 43.99 6.67
C VAL B 187 -19.48 44.29 6.19
N PRO B 188 -20.48 44.18 7.08
CA PRO B 188 -21.85 44.50 6.68
C PRO B 188 -21.99 45.89 6.01
N SER B 189 -22.74 45.95 4.92
CA SER B 189 -22.91 47.19 4.18
C SER B 189 -23.52 48.32 5.05
N SER B 190 -24.31 47.93 6.06
CA SER B 190 -24.85 48.89 7.03
C SER B 190 -23.80 49.47 8.00
N THR B 191 -22.66 48.80 8.16
CA THR B 191 -21.59 49.25 9.07
C THR B 191 -20.63 50.25 8.41
N TRP B 192 -20.29 50.02 7.14
CA TRP B 192 -19.42 50.93 6.39
C TRP B 192 -20.17 51.41 5.14
N PRO B 193 -20.05 52.69 4.75
CA PRO B 193 -19.16 53.69 5.39
C PRO B 193 -19.69 54.37 6.65
N SER B 194 -20.84 53.94 7.18
CA SER B 194 -21.43 54.60 8.35
C SER B 194 -20.48 54.63 9.57
N GLN B 195 -19.61 53.62 9.71
CA GLN B 195 -18.66 53.54 10.84
C GLN B 195 -17.20 53.45 10.38
N THR B 196 -16.29 53.87 11.27
CA THR B 196 -14.86 53.92 11.00
C THR B 196 -14.27 52.51 10.84
N VAL B 197 -13.47 52.33 9.78
CA VAL B 197 -12.62 51.15 9.65
C VAL B 197 -11.21 51.64 9.37
N ILE B 198 -10.24 51.07 10.06
CA ILE B 198 -8.87 51.52 9.99
C ILE B 198 -8.01 50.30 9.85
N CYS B 199 -6.93 50.38 9.08
CA CYS B 199 -5.93 49.35 9.17
C CYS B 199 -4.65 49.89 9.75
N ASN B 200 -4.12 49.11 10.68
CA ASN B 200 -2.90 49.40 11.40
C ASN B 200 -1.76 48.56 10.81
N VAL B 201 -0.76 49.22 10.26
CA VAL B 201 0.38 48.50 9.70
C VAL B 201 1.61 48.76 10.55
N ALA B 202 2.24 47.70 11.05
CA ALA B 202 3.55 47.79 11.74
C ALA B 202 4.63 47.08 10.97
N HIS B 203 5.77 47.75 10.77
CA HIS B 203 7.01 47.10 10.29
C HIS B 203 8.10 47.27 11.38
N PRO B 204 8.19 46.30 12.31
CA PRO B 204 9.06 46.42 13.47
C PRO B 204 10.52 46.78 13.13
N ALA B 205 11.04 46.26 12.03
CA ALA B 205 12.47 46.48 11.72
C ALA B 205 12.84 47.94 11.48
N SER B 206 11.92 48.71 10.87
CA SER B 206 12.10 50.14 10.63
C SER B 206 11.35 51.00 11.65
N LYS B 207 10.82 50.35 12.70
CA LYS B 207 10.03 51.01 13.73
C LYS B 207 8.86 51.81 13.13
N THR B 208 8.21 51.24 12.13
CA THR B 208 7.14 51.90 11.41
C THR B 208 5.81 51.51 12.02
N GLU B 209 4.99 52.50 12.29
CA GLU B 209 3.65 52.27 12.78
C GLU B 209 2.83 53.27 12.10
N LEU B 210 1.88 52.82 11.31
CA LEU B 210 1.03 53.75 10.65
C LEU B 210 -0.40 53.28 10.61
N ILE B 211 -1.29 54.22 10.35
CA ILE B 211 -2.72 53.95 10.29
C ILE B 211 -3.30 54.57 9.01
N LYS B 212 -4.20 53.85 8.37
CA LYS B 212 -4.86 54.32 7.19
C LYS B 212 -6.37 54.23 7.42
N ARG B 213 -7.04 55.37 7.34
CA ARG B 213 -8.51 55.40 7.45
C ARG B 213 -9.02 54.99 6.08
N ILE B 214 -9.94 54.04 6.04
CA ILE B 214 -10.52 53.61 4.77
C ILE B 214 -11.80 54.41 4.54
N GLU B 215 -11.82 55.17 3.46
CA GLU B 215 -12.83 56.22 3.25
C GLU B 215 -13.33 56.17 1.82
N PRO B 216 -14.59 56.55 1.60
CA PRO B 216 -15.09 56.73 0.25
C PRO B 216 -14.23 57.73 -0.58
N ARG B 217 -14.17 58.93 -0.29
N GLU C 1 33.71 9.00 -25.29
CA GLU C 1 32.87 8.45 -26.41
C GLU C 1 31.39 8.77 -26.12
N VAL C 2 30.88 8.27 -24.99
CA VAL C 2 29.51 8.61 -24.53
C VAL C 2 29.42 10.04 -24.00
N LYS C 3 28.61 10.87 -24.67
CA LYS C 3 28.48 12.29 -24.35
C LYS C 3 27.02 12.68 -24.21
N LEU C 4 26.74 13.50 -23.20
CA LEU C 4 25.44 14.17 -23.04
C LEU C 4 25.65 15.70 -22.96
N LEU C 5 25.48 16.42 -24.08
CA LEU C 5 25.68 17.90 -24.12
C LEU C 5 24.39 18.69 -23.87
N GLU C 6 24.32 19.32 -22.71
CA GLU C 6 23.13 20.06 -22.30
C GLU C 6 23.18 21.53 -22.63
N SER C 7 22.01 22.11 -22.88
CA SER C 7 21.90 23.52 -23.19
C SER C 7 20.50 24.00 -22.94
N GLY C 8 20.29 25.30 -23.13
CA GLY C 8 18.99 25.92 -22.97
C GLY C 8 18.76 26.58 -21.64
N GLY C 9 19.75 26.54 -20.75
CA GLY C 9 19.65 27.23 -19.44
C GLY C 9 19.92 28.73 -19.55
N GLY C 10 20.02 29.40 -18.42
CA GLY C 10 20.27 30.84 -18.39
C GLY C 10 19.41 31.49 -17.31
N LEU C 11 18.81 32.66 -17.60
CA LEU C 11 17.90 33.35 -16.67
C LEU C 11 16.51 33.46 -17.29
N VAL C 12 15.49 33.29 -16.45
CA VAL C 12 14.13 33.50 -16.85
C VAL C 12 13.36 34.07 -15.65
N GLN C 13 12.36 34.89 -15.91
CA GLN C 13 11.62 35.57 -14.85
C GLN C 13 10.59 34.60 -14.30
N PRO C 14 10.14 34.80 -13.07
CA PRO C 14 9.05 33.99 -12.55
C PRO C 14 7.79 34.03 -13.44
N GLY C 15 7.14 32.87 -13.57
CA GLY C 15 5.94 32.71 -14.38
C GLY C 15 6.31 32.25 -15.78
N GLY C 16 7.60 32.18 -16.07
CA GLY C 16 8.08 31.96 -17.41
C GLY C 16 8.21 30.51 -17.76
N SER C 17 8.63 30.26 -19.00
CA SER C 17 8.88 28.93 -19.50
C SER C 17 10.29 28.81 -20.05
N GLN C 18 10.82 27.61 -20.07
CA GLN C 18 12.19 27.37 -20.53
C GLN C 18 12.28 25.98 -21.05
N LYS C 19 13.02 25.78 -22.14
CA LYS C 19 13.20 24.46 -22.72
C LYS C 19 14.69 24.08 -22.73
N LEU C 20 15.03 23.02 -21.99
CA LEU C 20 16.39 22.53 -21.94
C LEU C 20 16.56 21.41 -22.92
N SER C 21 17.77 21.28 -23.47
CA SER C 21 18.11 20.22 -24.42
C SER C 21 19.29 19.44 -23.92
N CYS C 22 19.30 18.15 -24.26
CA CYS C 22 20.43 17.27 -24.00
C CYS C 22 20.73 16.51 -25.29
N ALA C 23 21.79 16.91 -25.96
CA ALA C 23 22.26 16.22 -27.15
C ALA C 23 23.12 15.01 -26.78
N ALA C 24 22.62 13.80 -27.08
CA ALA C 24 23.39 12.57 -26.84
C ALA C 24 24.27 12.17 -28.05
N SER C 25 25.44 11.60 -27.78
CA SER C 25 26.26 10.95 -28.80
C SER C 25 27.18 9.92 -28.18
N GLY C 26 27.73 9.03 -29.02
CA GLY C 26 28.66 7.97 -28.57
C GLY C 26 28.00 6.63 -28.18
N PHE C 27 26.67 6.56 -28.34
CA PHE C 27 25.92 5.36 -28.03
C PHE C 27 24.58 5.40 -28.71
N ASP C 28 23.87 4.28 -28.71
CA ASP C 28 22.55 4.17 -29.35
C ASP C 28 21.49 4.84 -28.47
N PHE C 29 21.39 6.17 -28.57
CA PHE C 29 20.44 6.96 -27.77
C PHE C 29 19.01 6.39 -27.82
N SER C 30 18.60 5.90 -29.00
CA SER C 30 17.23 5.44 -29.22
C SER C 30 16.82 4.16 -28.47
N GLY C 31 17.76 3.51 -27.79
CA GLY C 31 17.43 2.29 -27.02
C GLY C 31 17.57 2.41 -25.51
N TYR C 32 17.54 3.63 -24.99
CA TYR C 32 17.80 3.87 -23.57
C TYR C 32 16.71 4.74 -22.93
N TRP C 33 16.40 4.47 -21.67
CA TRP C 33 15.62 5.37 -20.87
C TRP C 33 16.51 6.55 -20.51
N MET C 34 15.91 7.74 -20.48
CA MET C 34 16.64 8.95 -20.15
C MET C 34 15.88 9.65 -19.06
N SER C 35 16.61 10.35 -18.19
CA SER C 35 16.05 11.04 -17.01
C SER C 35 16.57 12.47 -16.86
N TRP C 36 15.84 13.28 -16.10
CA TRP C 36 16.33 14.57 -15.64
C TRP C 36 16.35 14.56 -14.12
N VAL C 37 17.39 15.18 -13.57
CA VAL C 37 17.59 15.32 -12.14
C VAL C 37 18.15 16.71 -11.91
N ARG C 38 17.76 17.37 -10.83
CA ARG C 38 18.26 18.73 -10.58
C ARG C 38 18.83 18.92 -9.18
N GLN C 39 19.64 19.97 -9.02
CA GLN C 39 20.34 20.25 -7.80
C GLN C 39 20.34 21.74 -7.58
N ALA C 40 19.67 22.20 -6.52
CA ALA C 40 19.66 23.63 -6.17
C ALA C 40 20.97 23.97 -5.51
N PRO C 41 21.41 25.24 -5.59
CA PRO C 41 22.68 25.65 -5.02
C PRO C 41 22.87 25.18 -3.58
N GLY C 42 23.93 24.42 -3.35
CA GLY C 42 24.29 23.93 -2.00
C GLY C 42 23.36 22.90 -1.35
N LYS C 43 22.41 22.38 -2.13
CA LYS C 43 21.45 21.38 -1.62
C LYS C 43 21.68 20.02 -2.36
N GLY C 44 20.75 19.07 -2.17
CA GLY C 44 20.91 17.74 -2.66
C GLY C 44 20.27 17.56 -4.01
N LEU C 45 19.88 16.33 -4.30
CA LEU C 45 19.46 15.95 -5.62
C LEU C 45 17.98 15.68 -5.63
N GLU C 46 17.30 16.19 -6.66
CA GLU C 46 15.90 15.91 -6.88
C GLU C 46 15.61 15.36 -8.27
N TRP C 47 15.03 14.16 -8.30
CA TRP C 47 14.58 13.51 -9.51
C TRP C 47 13.35 14.20 -10.10
N ILE C 48 13.40 14.51 -11.39
CA ILE C 48 12.28 15.18 -12.07
C ILE C 48 11.39 14.16 -12.77
N GLY C 49 12.01 13.31 -13.59
CA GLY C 49 11.27 12.31 -14.31
C GLY C 49 12.13 11.54 -15.28
N GLU C 50 11.51 10.55 -15.92
CA GLU C 50 12.19 9.72 -16.95
C GLU C 50 11.25 9.44 -18.14
N ILE C 51 11.85 9.10 -19.27
CA ILE C 51 11.12 8.74 -20.49
C ILE C 51 11.74 7.49 -21.15
N ASN C 52 10.89 6.58 -21.64
CA ASN C 52 11.35 5.33 -22.27
C ASN C 52 11.77 5.58 -23.74
N PRO C 53 12.45 4.62 -24.37
CA PRO C 53 12.96 4.78 -25.75
C PRO C 53 11.95 5.33 -26.80
N ASP C 54 10.71 4.83 -26.78
CA ASP C 54 9.69 5.23 -27.78
C ASP C 54 8.65 6.25 -27.27
N SER C 55 8.89 6.85 -26.09
CA SER C 55 8.05 7.94 -25.53
C SER C 55 6.66 7.51 -25.04
N SER C 56 6.41 6.20 -24.97
CA SER C 56 5.11 5.68 -24.53
C SER C 56 4.94 5.68 -23.01
N THR C 57 6.05 5.84 -22.29
CA THR C 57 6.00 5.90 -20.84
C THR C 57 6.86 7.05 -20.36
N ILE C 58 6.21 8.00 -19.68
CA ILE C 58 6.86 9.16 -19.12
C ILE C 58 6.42 9.28 -17.65
N ASN C 59 7.39 9.20 -16.73
CA ASN C 59 7.13 9.26 -15.30
C ASN C 59 7.70 10.56 -14.76
N TYR C 60 7.00 11.14 -13.79
CA TYR C 60 7.39 12.38 -13.15
C TYR C 60 7.37 12.21 -11.63
N THR C 61 8.12 13.04 -10.93
CA THR C 61 7.86 13.29 -9.53
C THR C 61 6.50 14.01 -9.48
N PRO C 62 5.59 13.57 -8.62
CA PRO C 62 4.21 14.10 -8.61
C PRO C 62 4.11 15.63 -8.53
N SER C 63 4.97 16.26 -7.72
CA SER C 63 4.95 17.72 -7.53
C SER C 63 5.31 18.55 -8.79
N LEU C 64 6.01 17.92 -9.75
CA LEU C 64 6.43 18.59 -10.99
C LEU C 64 5.60 18.18 -12.23
N LYS C 65 4.74 17.18 -12.08
CA LYS C 65 4.00 16.57 -13.20
C LYS C 65 3.24 17.60 -14.06
N ASP C 66 2.69 18.63 -13.43
CA ASP C 66 1.91 19.63 -14.16
C ASP C 66 2.75 20.84 -14.69
N LYS C 67 3.99 20.97 -14.23
CA LYS C 67 4.89 22.07 -14.64
C LYS C 67 5.89 21.64 -15.74
N PHE C 68 6.35 20.40 -15.65
CA PHE C 68 7.45 19.92 -16.46
C PHE C 68 6.95 18.91 -17.51
N ILE C 69 7.44 19.04 -18.73
CA ILE C 69 7.15 18.06 -19.79
C ILE C 69 8.47 17.50 -20.37
N ILE C 70 8.68 16.20 -20.21
CA ILE C 70 9.82 15.50 -20.78
C ILE C 70 9.42 14.92 -22.14
N SER C 71 10.25 15.15 -23.14
CA SER C 71 10.06 14.58 -24.47
C SER C 71 11.41 14.27 -25.07
N ARG C 72 11.40 13.63 -26.23
CA ARG C 72 12.65 13.37 -26.94
C ARG C 72 12.47 13.21 -28.46
N ASP C 73 13.58 13.40 -29.17
CA ASP C 73 13.62 13.26 -30.62
C ASP C 73 14.76 12.31 -30.97
N ASN C 74 14.43 11.04 -31.16
CA ASN C 74 15.43 10.02 -31.39
C ASN C 74 16.25 10.28 -32.64
N ALA C 75 15.60 10.80 -33.68
CA ALA C 75 16.29 11.18 -34.94
C ALA C 75 17.40 12.21 -34.71
N LYS C 76 17.19 13.10 -33.74
CA LYS C 76 18.18 14.14 -33.39
C LYS C 76 19.09 13.74 -32.22
N ASN C 77 18.92 12.50 -31.72
CA ASN C 77 19.61 12.04 -30.51
C ASN C 77 19.52 13.04 -29.35
N THR C 78 18.31 13.57 -29.12
CA THR C 78 18.13 14.68 -28.20
C THR C 78 16.96 14.47 -27.24
N LEU C 79 17.19 14.89 -25.99
CA LEU C 79 16.24 14.76 -24.91
C LEU C 79 15.89 16.17 -24.44
N TYR C 80 14.63 16.41 -24.11
CA TYR C 80 14.15 17.76 -23.79
C TYR C 80 13.48 17.79 -22.46
N LEU C 81 13.62 18.92 -21.75
CA LEU C 81 12.77 19.21 -20.59
C LEU C 81 12.13 20.57 -20.81
N GLN C 82 10.79 20.58 -20.88
CA GLN C 82 10.03 21.82 -21.03
C GLN C 82 9.46 22.20 -19.66
N MET C 83 9.83 23.38 -19.18
CA MET C 83 9.34 23.88 -17.91
C MET C 83 8.42 25.03 -18.20
N SER C 84 7.41 25.17 -17.36
CA SER C 84 6.46 26.25 -17.48
C SER C 84 6.08 26.73 -16.08
N LYS C 85 5.50 27.94 -16.00
CA LYS C 85 5.05 28.54 -14.74
C LYS C 85 6.13 28.42 -13.66
N VAL C 86 7.34 28.69 -14.08
CA VAL C 86 8.50 28.44 -13.29
C VAL C 86 8.60 29.42 -12.13
N ARG C 87 9.30 29.05 -11.07
CA ARG C 87 9.45 29.95 -9.94
C ARG C 87 10.81 29.80 -9.26
N SER C 88 11.03 30.63 -8.24
CA SER C 88 12.35 30.74 -7.61
C SER C 88 12.93 29.41 -7.13
N GLU C 89 12.07 28.52 -6.67
CA GLU C 89 12.49 27.21 -6.23
C GLU C 89 12.96 26.30 -7.38
N ASP C 90 12.72 26.69 -8.62
CA ASP C 90 13.20 25.91 -9.79
C ASP C 90 14.63 26.28 -10.25
N THR C 91 15.20 27.30 -9.63
CA THR C 91 16.58 27.66 -9.81
C THR C 91 17.47 26.47 -9.39
N ALA C 92 18.25 25.97 -10.31
CA ALA C 92 18.99 24.77 -10.07
C ALA C 92 19.91 24.46 -11.24
N LEU C 93 20.86 23.57 -10.97
CA LEU C 93 21.61 22.88 -12.02
C LEU C 93 20.81 21.65 -12.47
N TYR C 94 20.55 21.52 -13.77
CA TYR C 94 19.72 20.43 -14.32
C TYR C 94 20.58 19.47 -15.09
N TYR C 95 20.60 18.21 -14.62
CA TYR C 95 21.34 17.13 -15.27
C TYR C 95 20.39 16.28 -16.08
N CYS C 96 20.84 15.82 -17.25
CA CYS C 96 20.18 14.71 -17.94
C CYS C 96 21.03 13.47 -17.71
N ALA C 97 20.37 12.32 -17.61
CA ALA C 97 21.04 11.08 -17.28
C ALA C 97 20.47 9.92 -18.07
N ARG C 98 21.36 9.03 -18.46
CA ARG C 98 21.04 7.83 -19.20
C ARG C 98 20.82 6.66 -18.21
N GLU C 99 19.71 5.90 -18.39
CA GLU C 99 19.38 4.66 -17.61
C GLU C 99 19.92 4.62 -16.19
N THR C 100 19.32 5.41 -15.29
CA THR C 100 19.87 5.52 -13.93
C THR C 100 19.69 4.23 -13.12
N GLY C 101 20.64 3.97 -12.20
CA GLY C 101 20.60 2.80 -11.35
C GLY C 101 20.88 1.54 -12.12
N THR C 102 21.90 1.60 -12.97
CA THR C 102 22.12 0.59 -13.98
C THR C 102 23.59 0.69 -14.41
N ARG C 103 24.14 -0.38 -14.94
CA ARG C 103 25.56 -0.36 -15.40
C ARG C 103 25.83 0.72 -16.48
N PHE C 104 24.79 1.07 -17.24
CA PHE C 104 24.81 2.22 -18.18
C PHE C 104 24.54 3.62 -17.54
N ASP C 105 24.60 3.73 -16.22
CA ASP C 105 24.33 5.00 -15.56
C ASP C 105 25.36 6.04 -16.05
N TYR C 106 24.88 7.12 -16.64
CA TYR C 106 25.77 8.25 -17.05
C TYR C 106 25.04 9.59 -16.96
N TRP C 107 25.69 10.57 -16.34
CA TRP C 107 25.12 11.91 -16.11
C TRP C 107 25.88 12.96 -16.95
N GLY C 108 25.13 13.87 -17.59
CA GLY C 108 25.72 15.01 -18.30
C GLY C 108 26.27 16.07 -17.35
N GLN C 109 26.88 17.12 -17.90
CA GLN C 109 27.59 18.13 -17.07
C GLN C 109 26.63 19.11 -16.36
N GLY C 110 25.44 19.28 -16.93
CA GLY C 110 24.39 20.11 -16.35
C GLY C 110 24.27 21.47 -17.00
N THR C 111 23.05 22.04 -17.00
CA THR C 111 22.81 23.48 -17.32
C THR C 111 22.16 24.15 -16.13
N THR C 112 22.47 25.42 -15.96
CA THR C 112 21.94 26.15 -14.84
C THR C 112 20.80 27.02 -15.30
N LEU C 113 19.63 26.83 -14.69
CA LEU C 113 18.51 27.75 -14.90
C LEU C 113 18.39 28.53 -13.62
N THR C 114 18.40 29.87 -13.75
CA THR C 114 18.13 30.77 -12.64
C THR C 114 16.83 31.50 -12.90
N VAL C 115 15.88 31.38 -11.96
CA VAL C 115 14.60 32.09 -12.04
C VAL C 115 14.69 33.37 -11.21
N SER C 116 14.63 34.51 -11.87
CA SER C 116 14.98 35.80 -11.24
C SER C 116 14.41 37.01 -12.01
N SER C 117 13.99 38.03 -11.26
CA SER C 117 13.55 39.30 -11.80
C SER C 117 14.72 40.25 -12.00
N ALA C 118 15.93 39.86 -11.57
CA ALA C 118 17.12 40.73 -11.69
C ALA C 118 17.71 40.65 -13.09
N THR C 119 18.74 41.46 -13.34
CA THR C 119 19.34 41.63 -14.63
C THR C 119 20.68 40.87 -14.74
N THR C 120 20.77 40.01 -15.75
CA THR C 120 22.00 39.35 -16.07
C THR C 120 23.16 40.38 -16.33
N THR C 121 24.26 40.19 -15.62
CA THR C 121 25.35 41.14 -15.63
C THR C 121 26.66 40.43 -15.95
N ALA C 122 27.42 40.96 -16.91
CA ALA C 122 28.73 40.39 -17.25
C ALA C 122 29.78 40.69 -16.14
N PRO C 123 30.70 39.76 -15.90
CA PRO C 123 31.74 39.97 -14.91
C PRO C 123 32.80 40.95 -15.37
N SER C 124 33.49 41.55 -14.40
CA SER C 124 34.76 42.23 -14.64
C SER C 124 35.88 41.31 -14.12
N VAL C 125 36.99 41.24 -14.85
CA VAL C 125 38.07 40.30 -14.50
C VAL C 125 39.39 41.03 -14.39
N TYR C 126 40.11 40.75 -13.31
CA TYR C 126 41.34 41.44 -13.01
C TYR C 126 42.41 40.42 -12.63
N PRO C 127 43.62 40.57 -13.18
CA PRO C 127 44.75 39.67 -12.84
C PRO C 127 45.27 39.88 -11.42
N LEU C 128 45.79 38.80 -10.82
CA LEU C 128 46.42 38.80 -9.50
C LEU C 128 47.87 38.44 -9.68
N VAL C 129 48.74 39.44 -9.56
CA VAL C 129 50.17 39.31 -9.80
C VAL C 129 50.89 39.73 -8.51
N PRO C 130 51.95 38.99 -8.11
CA PRO C 130 52.72 39.28 -6.87
C PRO C 130 52.95 40.76 -6.56
N GLY C 137 61.28 33.37 -4.79
CA GLY C 137 60.80 32.05 -4.39
C GLY C 137 60.94 31.01 -5.48
N SER C 138 60.81 29.73 -5.09
CA SER C 138 60.95 28.59 -6.03
C SER C 138 59.67 28.36 -6.83
N SER C 139 58.53 28.65 -6.23
CA SER C 139 57.27 28.68 -6.97
C SER C 139 56.66 30.05 -6.84
N VAL C 140 55.74 30.36 -7.76
CA VAL C 140 55.02 31.63 -7.76
C VAL C 140 53.51 31.38 -7.92
N THR C 141 52.71 32.12 -7.17
CA THR C 141 51.26 31.99 -7.20
C THR C 141 50.58 33.21 -7.87
N LEU C 142 49.79 32.92 -8.91
CA LEU C 142 49.10 33.89 -9.74
C LEU C 142 47.60 33.67 -9.60
N GLY C 143 46.80 34.60 -10.14
CA GLY C 143 45.33 34.45 -10.07
C GLY C 143 44.54 35.46 -10.91
N CYS C 144 43.22 35.25 -10.95
CA CYS C 144 42.27 36.28 -11.38
C CYS C 144 41.10 36.40 -10.46
N LEU C 145 40.60 37.61 -10.42
CA LEU C 145 39.55 38.03 -9.56
C LEU C 145 38.38 38.33 -10.50
N VAL C 146 37.26 37.66 -10.27
CA VAL C 146 36.13 37.77 -11.15
C VAL C 146 35.00 38.36 -10.28
N LYS C 147 34.48 39.51 -10.68
CA LYS C 147 33.53 40.27 -9.82
C LYS C 147 32.30 40.78 -10.56
N GLY C 148 31.21 40.97 -9.82
CA GLY C 148 30.11 41.77 -10.27
C GLY C 148 29.12 41.07 -11.21
N TYR C 149 29.10 39.76 -11.22
CA TYR C 149 28.31 39.03 -12.22
C TYR C 149 27.05 38.46 -11.63
N PHE C 150 26.08 38.24 -12.50
CA PHE C 150 24.83 37.63 -12.14
C PHE C 150 24.19 37.06 -13.41
N PRO C 151 23.56 35.88 -13.36
CA PRO C 151 23.58 34.95 -12.22
C PRO C 151 24.79 34.02 -12.27
N GLU C 152 24.80 33.00 -11.41
CA GLU C 152 25.76 31.90 -11.52
C GLU C 152 25.49 31.04 -12.74
N PRO C 153 26.50 30.28 -13.22
CA PRO C 153 27.85 30.29 -12.69
C PRO C 153 28.81 31.06 -13.59
N VAL C 154 30.04 31.13 -13.13
CA VAL C 154 31.18 31.48 -13.94
C VAL C 154 32.13 30.30 -13.92
N THR C 155 32.77 29.99 -15.03
CA THR C 155 33.92 29.06 -14.97
C THR C 155 35.19 29.83 -15.18
N VAL C 156 36.25 29.40 -14.50
CA VAL C 156 37.60 29.93 -14.71
C VAL C 156 38.53 28.77 -14.99
N LYS C 157 39.17 28.79 -16.16
CA LYS C 157 40.18 27.82 -16.52
C LYS C 157 41.51 28.54 -16.73
N TRP C 158 42.60 27.76 -16.74
CA TRP C 158 43.92 28.30 -16.93
C TRP C 158 44.55 27.66 -18.14
N ASN C 159 45.06 28.50 -19.05
CA ASN C 159 45.57 28.03 -20.33
C ASN C 159 44.58 27.08 -21.03
N TYR C 160 43.31 27.53 -21.07
CA TYR C 160 42.15 26.79 -21.64
C TYR C 160 41.80 25.47 -20.93
N GLY C 161 42.32 25.27 -19.71
CA GLY C 161 42.12 24.02 -18.98
C GLY C 161 43.34 23.11 -18.95
N ALA C 162 44.29 23.33 -19.86
CA ALA C 162 45.52 22.56 -19.90
C ALA C 162 46.30 22.68 -18.60
N LEU C 163 46.34 23.88 -18.01
CA LEU C 163 47.00 24.05 -16.73
C LEU C 163 46.01 23.68 -15.61
N SER C 164 46.14 22.47 -15.09
CA SER C 164 45.16 21.89 -14.17
C SER C 164 45.72 21.67 -12.76
N SER C 165 46.93 21.13 -12.66
CA SER C 165 47.51 20.90 -11.35
C SER C 165 47.90 22.24 -10.73
N GLY C 166 47.68 22.35 -9.42
CA GLY C 166 47.98 23.58 -8.69
C GLY C 166 46.90 24.65 -8.73
N VAL C 167 45.79 24.36 -9.42
CA VAL C 167 44.72 25.32 -9.60
C VAL C 167 43.86 25.26 -8.35
N ARG C 168 43.48 26.43 -7.84
CA ARG C 168 42.61 26.52 -6.69
C ARG C 168 41.58 27.56 -6.98
N THR C 169 40.31 27.16 -7.06
CA THR C 169 39.24 28.06 -7.34
C THR C 169 38.25 27.98 -6.20
N VAL C 170 38.10 29.08 -5.48
CA VAL C 170 37.21 29.10 -4.34
C VAL C 170 35.78 29.09 -4.80
N SER C 171 34.85 28.75 -3.91
CA SER C 171 33.46 28.85 -4.22
C SER C 171 33.04 30.33 -4.31
N SER C 172 32.00 30.59 -5.10
CA SER C 172 31.54 31.91 -5.38
C SER C 172 30.86 32.48 -4.15
N VAL C 173 30.94 33.78 -3.98
CA VAL C 173 30.28 34.45 -2.89
C VAL C 173 29.27 35.41 -3.46
N LEU C 174 28.10 35.50 -2.81
CA LEU C 174 27.02 36.40 -3.23
C LEU C 174 26.92 37.55 -2.27
N GLN C 175 26.91 38.76 -2.79
CA GLN C 175 26.71 39.92 -1.96
C GLN C 175 26.04 41.05 -2.70
N SER C 176 24.96 41.57 -2.09
CA SER C 176 24.25 42.70 -2.66
C SER C 176 23.88 42.43 -4.13
N GLY C 177 23.42 41.21 -4.40
CA GLY C 177 22.86 40.84 -5.67
C GLY C 177 23.85 40.42 -6.74
N PHE C 178 25.14 40.38 -6.41
CA PHE C 178 26.16 40.06 -7.38
C PHE C 178 27.18 39.08 -6.78
N TYR C 179 27.78 38.30 -7.66
CA TYR C 179 28.72 37.22 -7.31
C TYR C 179 30.11 37.63 -7.60
N SER C 180 31.05 37.05 -6.87
CA SER C 180 32.46 37.17 -7.18
C SER C 180 33.17 35.89 -6.80
N LEU C 181 34.28 35.64 -7.44
CA LEU C 181 35.17 34.55 -7.06
C LEU C 181 36.58 34.86 -7.49
N SER C 182 37.50 34.00 -7.09
CA SER C 182 38.89 34.13 -7.43
C SER C 182 39.47 32.74 -7.64
N SER C 183 40.28 32.63 -8.67
CA SER C 183 41.01 31.43 -8.97
C SER C 183 42.49 31.69 -8.94
N LEU C 184 43.26 30.77 -8.35
CA LEU C 184 44.71 30.89 -8.30
C LEU C 184 45.41 29.59 -8.74
N VAL C 185 46.56 29.78 -9.40
CA VAL C 185 47.48 28.68 -9.78
C VAL C 185 48.84 28.92 -9.19
N THR C 186 49.43 27.86 -8.65
CA THR C 186 50.78 27.89 -8.21
C THR C 186 51.62 27.15 -9.24
N VAL C 187 52.78 27.68 -9.49
CA VAL C 187 53.51 27.38 -10.69
C VAL C 187 55.00 27.59 -10.37
N PRO C 188 55.89 26.72 -10.85
CA PRO C 188 57.32 26.90 -10.58
C PRO C 188 57.84 28.24 -11.12
N SER C 189 58.62 28.95 -10.31
CA SER C 189 59.06 30.31 -10.64
C SER C 189 59.92 30.36 -11.91
N SER C 190 60.49 29.22 -12.30
CA SER C 190 61.18 29.10 -13.59
C SER C 190 60.22 29.21 -14.79
N THR C 191 58.95 28.87 -14.59
CA THR C 191 57.95 28.92 -15.69
C THR C 191 57.28 30.28 -15.87
N TRP C 192 57.27 31.10 -14.82
CA TRP C 192 56.68 32.43 -14.91
C TRP C 192 57.65 33.47 -14.28
N PRO C 193 57.84 34.64 -14.90
CA PRO C 193 57.07 35.13 -16.08
C PRO C 193 57.59 34.68 -17.45
N SER C 194 58.55 33.76 -17.48
CA SER C 194 59.14 33.29 -18.73
C SER C 194 58.07 32.79 -19.71
N GLN C 195 57.24 31.85 -19.26
CA GLN C 195 56.18 31.29 -20.10
C GLN C 195 54.82 31.98 -19.89
N THR C 196 53.97 31.88 -20.92
CA THR C 196 52.66 32.52 -20.93
C THR C 196 51.71 31.78 -20.00
N VAL C 197 50.95 32.56 -19.20
CA VAL C 197 49.87 32.02 -18.36
C VAL C 197 48.63 32.89 -18.50
N ILE C 198 47.52 32.25 -18.78
CA ILE C 198 46.30 32.92 -19.13
C ILE C 198 45.17 32.34 -18.32
N CYS C 199 44.24 33.18 -17.92
CA CYS C 199 43.04 32.69 -17.28
C CYS C 199 41.80 32.96 -18.15
N ASN C 200 41.08 31.89 -18.47
CA ASN C 200 39.92 31.92 -19.34
C ASN C 200 38.64 31.94 -18.50
N VAL C 201 37.89 33.03 -18.60
CA VAL C 201 36.68 33.21 -17.79
C VAL C 201 35.47 33.15 -18.71
N ALA C 202 34.53 32.22 -18.42
CA ALA C 202 33.26 32.14 -19.13
C ALA C 202 32.09 32.44 -18.18
N HIS C 203 31.15 33.26 -18.65
CA HIS C 203 29.86 33.52 -17.99
C HIS C 203 28.76 33.19 -18.99
N PRO C 204 28.31 31.93 -19.01
CA PRO C 204 27.36 31.49 -20.03
C PRO C 204 26.06 32.33 -20.11
N ALA C 205 25.55 32.81 -19.00
CA ALA C 205 24.26 33.56 -19.04
C ALA C 205 24.31 34.84 -19.87
N SER C 206 25.47 35.51 -19.90
CA SER C 206 25.70 36.72 -20.71
C SER C 206 26.53 36.46 -22.00
N LYS C 207 26.86 35.20 -22.25
CA LYS C 207 27.71 34.83 -23.38
C LYS C 207 29.05 35.54 -23.36
N THR C 208 29.60 35.71 -22.15
CA THR C 208 30.90 36.30 -21.96
C THR C 208 31.92 35.17 -22.01
N GLU C 209 32.92 35.37 -22.84
CA GLU C 209 34.06 34.47 -22.96
C GLU C 209 35.27 35.35 -23.10
N LEU C 210 36.02 35.50 -22.02
CA LEU C 210 37.16 36.38 -22.04
C LEU C 210 38.43 35.71 -21.54
N ILE C 211 39.54 36.36 -21.85
CA ILE C 211 40.87 35.84 -21.54
C ILE C 211 41.68 36.95 -20.89
N LYS C 212 42.32 36.64 -19.78
CA LYS C 212 43.29 37.58 -19.18
C LYS C 212 44.71 36.98 -19.16
N ARG C 213 45.63 37.68 -19.83
CA ARG C 213 47.08 37.34 -19.78
C ARG C 213 47.60 37.79 -18.43
N ILE C 214 48.26 36.90 -17.69
CA ILE C 214 48.89 37.29 -16.43
C ILE C 214 50.36 37.66 -16.70
N GLU C 215 50.70 38.93 -16.43
CA GLU C 215 51.98 39.52 -16.85
C GLU C 215 52.52 40.38 -15.70
N PRO C 216 53.84 40.49 -15.55
CA PRO C 216 54.40 41.34 -14.49
C PRO C 216 54.05 42.82 -14.66
N ARG C 217 54.27 43.41 -15.73
N ASP D 1 6.36 9.60 -0.70
CA ASP D 1 7.71 9.16 -1.18
C ASP D 1 8.51 8.50 -0.05
N ILE D 2 9.50 7.71 -0.42
CA ILE D 2 10.41 7.09 0.56
C ILE D 2 11.47 8.12 0.91
N VAL D 3 11.68 8.37 2.21
CA VAL D 3 12.66 9.36 2.67
C VAL D 3 13.98 8.67 3.01
N MET D 4 15.07 9.19 2.45
CA MET D 4 16.41 8.68 2.68
C MET D 4 17.16 9.67 3.59
N THR D 5 17.62 9.20 4.74
CA THR D 5 18.27 10.07 5.69
C THR D 5 19.73 9.66 5.84
N GLN D 6 20.62 10.63 5.73
CA GLN D 6 22.03 10.44 6.03
C GLN D 6 22.63 11.73 6.63
N ALA D 7 23.75 11.59 7.34
CA ALA D 7 24.38 12.73 8.01
C ALA D 7 25.01 13.68 6.98
N ALA D 8 25.15 14.95 7.36
CA ALA D 8 25.73 15.96 6.46
C ALA D 8 27.22 15.73 6.22
N PHE D 9 27.92 15.18 7.21
CA PHE D 9 29.38 14.96 7.15
C PHE D 9 29.74 13.65 7.82
N SER D 10 30.79 13.00 7.34
CA SER D 10 31.41 11.91 8.08
C SER D 10 32.27 12.49 9.21
N ASN D 11 32.72 11.63 10.11
CA ASN D 11 33.79 12.02 11.03
C ASN D 11 35.06 12.04 10.22
N PRO D 12 36.04 12.86 10.59
CA PRO D 12 37.33 12.84 9.90
C PRO D 12 37.86 11.41 9.75
N VAL D 13 38.49 11.11 8.62
CA VAL D 13 38.92 9.76 8.31
C VAL D 13 40.36 9.80 7.85
N THR D 14 41.23 9.11 8.58
CA THR D 14 42.62 9.01 8.20
C THR D 14 42.77 8.23 6.90
N LEU D 15 43.74 8.64 6.08
CA LEU D 15 44.05 7.91 4.83
C LEU D 15 44.57 6.51 5.15
N GLY D 16 44.17 5.53 4.35
CA GLY D 16 44.49 4.14 4.62
C GLY D 16 43.60 3.49 5.68
N THR D 17 42.66 4.26 6.24
CA THR D 17 41.69 3.77 7.19
C THR D 17 40.31 3.71 6.51
N SER D 18 39.41 2.90 7.06
CA SER D 18 38.08 2.70 6.48
C SER D 18 37.11 3.81 6.81
N ALA D 19 36.36 4.27 5.82
CA ALA D 19 35.21 5.17 6.06
C ALA D 19 33.90 4.36 6.15
N SER D 20 32.95 4.89 6.93
CA SER D 20 31.61 4.36 6.99
C SER D 20 30.61 5.51 6.86
N ILE D 21 29.76 5.42 5.83
CA ILE D 21 28.67 6.38 5.64
C ILE D 21 27.34 5.63 5.75
N SER D 22 26.55 6.05 6.72
CA SER D 22 25.29 5.41 6.99
C SER D 22 24.16 6.06 6.21
N CYS D 23 23.12 5.29 5.99
CA CYS D 23 21.94 5.76 5.30
C CYS D 23 20.75 5.01 5.84
N ARG D 24 19.62 5.69 5.94
CA ARG D 24 18.44 5.15 6.56
C ARG D 24 17.23 5.41 5.66
N SER D 25 16.40 4.38 5.47
CA SER D 25 15.25 4.46 4.61
C SER D 25 13.96 4.50 5.47
N SER D 26 12.97 5.28 5.05
CA SER D 26 11.71 5.43 5.82
C SER D 26 10.83 4.18 5.72
N LYS D 27 11.10 3.35 4.71
CA LYS D 27 10.55 2.03 4.64
C LYS D 27 11.53 1.12 3.89
N SER D 28 11.22 -0.16 3.82
CA SER D 28 12.18 -1.16 3.37
C SER D 28 12.46 -1.05 1.88
N LEU D 29 13.72 -1.17 1.50
CA LEU D 29 14.11 -1.21 0.09
C LEU D 29 14.20 -2.62 -0.44
N LEU D 30 13.97 -3.61 0.44
CA LEU D 30 13.87 -5.02 0.05
C LEU D 30 12.52 -5.31 -0.59
N TYR D 31 12.56 -5.79 -1.83
CA TYR D 31 11.36 -6.15 -2.60
C TYR D 31 11.12 -7.66 -2.53
N SER D 32 9.93 -8.10 -2.92
CA SER D 32 9.58 -9.52 -2.89
C SER D 32 10.36 -10.40 -3.90
N ASN D 33 11.15 -9.76 -4.78
CA ASN D 33 12.10 -10.49 -5.66
C ASN D 33 13.48 -10.75 -5.00
N GLY D 34 13.61 -10.42 -3.72
CA GLY D 34 14.85 -10.61 -2.98
C GLY D 34 15.88 -9.49 -3.16
N ILE D 35 15.63 -8.54 -4.06
CA ILE D 35 16.59 -7.45 -4.35
C ILE D 35 16.30 -6.18 -3.50
N THR D 36 17.36 -5.57 -2.98
CA THR D 36 17.26 -4.34 -2.21
C THR D 36 17.64 -3.19 -3.13
N TYR D 37 16.67 -2.31 -3.41
CA TYR D 37 16.83 -1.27 -4.42
C TYR D 37 17.53 -0.02 -3.88
N LEU D 38 18.78 -0.20 -3.41
CA LEU D 38 19.60 0.85 -2.86
C LEU D 38 20.73 1.15 -3.83
N TYR D 39 21.05 2.44 -3.98
CA TYR D 39 22.12 2.89 -4.85
C TYR D 39 23.00 3.85 -4.07
N TRP D 40 24.30 3.86 -4.40
CA TRP D 40 25.22 4.89 -3.88
C TRP D 40 25.86 5.65 -5.03
N TYR D 41 25.87 6.97 -4.88
CA TYR D 41 26.48 7.90 -5.86
C TYR D 41 27.57 8.72 -5.16
N LEU D 42 28.60 9.07 -5.91
CA LEU D 42 29.64 9.98 -5.45
C LEU D 42 29.57 11.22 -6.32
N GLN D 43 29.59 12.40 -5.71
CA GLN D 43 29.73 13.64 -6.46
C GLN D 43 31.04 14.28 -6.03
N LYS D 44 32.04 14.21 -6.91
CA LYS D 44 33.32 14.83 -6.61
C LYS D 44 33.17 16.34 -6.85
N PRO D 45 34.01 17.16 -6.19
CA PRO D 45 33.87 18.62 -6.29
C PRO D 45 33.82 19.13 -7.73
N GLY D 46 32.81 19.95 -8.03
CA GLY D 46 32.66 20.56 -9.35
C GLY D 46 32.34 19.61 -10.49
N GLN D 47 31.75 18.45 -10.16
CA GLN D 47 31.45 17.40 -11.14
C GLN D 47 30.08 16.79 -10.91
N SER D 48 29.53 16.13 -11.91
CA SER D 48 28.21 15.54 -11.79
C SER D 48 28.30 14.22 -10.98
N PRO D 49 27.18 13.79 -10.41
CA PRO D 49 27.15 12.50 -9.69
C PRO D 49 27.58 11.34 -10.56
N GLN D 50 28.24 10.37 -9.96
CA GLN D 50 28.60 9.14 -10.65
C GLN D 50 28.17 7.96 -9.77
N LEU D 51 27.59 6.95 -10.40
CA LEU D 51 27.17 5.75 -9.70
C LEU D 51 28.36 4.94 -9.16
N LEU D 52 28.27 4.49 -7.90
CA LEU D 52 29.27 3.58 -7.33
C LEU D 52 28.76 2.17 -7.26
N ILE D 53 27.61 2.03 -6.60
CA ILE D 53 27.02 0.74 -6.29
C ILE D 53 25.53 0.80 -6.59
N TYR D 54 24.99 -0.27 -7.16
CA TYR D 54 23.55 -0.36 -7.43
C TYR D 54 22.94 -1.70 -6.97
N GLN D 55 21.73 -1.60 -6.43
CA GLN D 55 20.99 -2.72 -5.84
C GLN D 55 21.81 -3.50 -4.79
N MET D 56 22.52 -2.74 -3.97
CA MET D 56 23.27 -3.26 -2.82
C MET D 56 24.58 -3.94 -3.20
N SER D 57 24.53 -4.90 -4.13
CA SER D 57 25.65 -5.82 -4.34
C SER D 57 26.40 -5.67 -5.67
N ASN D 58 26.01 -4.71 -6.51
CA ASN D 58 26.68 -4.52 -7.82
C ASN D 58 27.55 -3.26 -7.85
N LEU D 59 28.81 -3.43 -8.22
CA LEU D 59 29.73 -2.30 -8.44
C LEU D 59 29.51 -1.74 -9.83
N ALA D 60 29.47 -0.42 -9.96
CA ALA D 60 29.51 0.21 -11.28
C ALA D 60 30.88 -0.03 -11.94
N SER D 61 30.91 0.12 -13.27
CA SER D 61 32.13 -0.04 -14.03
C SER D 61 33.21 0.91 -13.54
N GLY D 62 34.42 0.38 -13.37
CA GLY D 62 35.57 1.18 -12.98
C GLY D 62 35.61 1.59 -11.53
N VAL D 63 34.74 1.01 -10.70
CA VAL D 63 34.71 1.34 -9.29
C VAL D 63 35.51 0.29 -8.51
N PRO D 64 36.42 0.71 -7.64
CA PRO D 64 37.24 -0.24 -6.86
C PRO D 64 36.45 -1.10 -5.86
N ASP D 65 36.99 -2.30 -5.56
CA ASP D 65 36.40 -3.22 -4.56
C ASP D 65 36.46 -2.69 -3.11
N ARG D 66 37.17 -1.58 -2.90
CA ARG D 66 37.21 -0.90 -1.61
C ARG D 66 35.81 -0.39 -1.20
N PHE D 67 34.97 -0.15 -2.20
CA PHE D 67 33.58 0.27 -1.99
C PHE D 67 32.68 -0.95 -1.88
N SER D 68 32.02 -1.08 -0.74
CA SER D 68 31.04 -2.13 -0.53
C SER D 68 29.89 -1.52 0.25
N SER D 69 28.69 -2.10 0.09
CA SER D 69 27.50 -1.70 0.87
C SER D 69 26.80 -2.88 1.56
N SER D 70 26.33 -2.65 2.79
CA SER D 70 25.62 -3.67 3.55
C SER D 70 24.47 -3.02 4.28
N GLY D 71 23.54 -3.84 4.73
CA GLY D 71 22.40 -3.33 5.46
C GLY D 71 21.21 -4.24 5.39
N SER D 72 20.36 -4.12 6.39
CA SER D 72 19.12 -4.85 6.43
C SER D 72 17.98 -3.88 6.21
N GLY D 73 17.50 -3.83 4.95
CA GLY D 73 16.13 -3.39 4.65
C GLY D 73 15.86 -1.91 4.81
N THR D 74 16.02 -1.40 6.04
CA THR D 74 15.83 0.02 6.37
C THR D 74 17.16 0.80 6.60
N ASP D 75 18.20 0.12 7.08
CA ASP D 75 19.41 0.78 7.61
C ASP D 75 20.66 0.24 6.90
N PHE D 76 21.46 1.14 6.33
CA PHE D 76 22.56 0.74 5.40
C PHE D 76 23.87 1.42 5.73
N THR D 77 24.97 0.83 5.27
CA THR D 77 26.30 1.40 5.46
C THR D 77 27.13 1.24 4.19
N LEU D 78 27.70 2.36 3.73
CA LEU D 78 28.70 2.34 2.68
C LEU D 78 30.06 2.26 3.35
N ARG D 79 30.81 1.22 3.04
CA ARG D 79 32.15 1.10 3.56
C ARG D 79 33.14 1.41 2.46
N ILE D 80 34.08 2.30 2.76
CA ILE D 80 35.23 2.55 1.89
C ILE D 80 36.47 2.09 2.61
N SER D 81 37.01 0.94 2.23
CA SER D 81 38.23 0.45 2.84
C SER D 81 39.41 1.28 2.37
N ARG D 82 40.42 1.43 3.22
CA ARG D 82 41.70 2.07 2.85
C ARG D 82 41.52 3.38 2.04
N VAL D 83 40.84 4.34 2.68
CA VAL D 83 40.42 5.59 2.01
C VAL D 83 41.59 6.35 1.37
N GLU D 84 41.38 6.82 0.14
CA GLU D 84 42.36 7.63 -0.59
C GLU D 84 41.90 9.07 -0.67
N ALA D 85 42.83 9.98 -0.98
CA ALA D 85 42.53 11.39 -1.08
C ALA D 85 41.55 11.68 -2.21
N GLU D 86 41.63 10.90 -3.28
CA GLU D 86 40.75 11.08 -4.44
C GLU D 86 39.27 10.73 -4.15
N ASP D 87 39.03 9.99 -3.06
CA ASP D 87 37.67 9.56 -2.68
C ASP D 87 36.85 10.70 -2.13
N VAL D 88 37.50 11.83 -1.81
CA VAL D 88 36.80 12.94 -1.23
C VAL D 88 35.67 13.45 -2.14
N GLY D 89 34.58 13.82 -1.51
CA GLY D 89 33.37 14.25 -2.20
C GLY D 89 32.16 13.97 -1.35
N VAL D 90 30.99 14.09 -1.97
CA VAL D 90 29.71 13.87 -1.29
C VAL D 90 29.13 12.55 -1.80
N TYR D 91 28.88 11.64 -0.87
CA TYR D 91 28.27 10.35 -1.14
C TYR D 91 26.78 10.43 -0.88
N TYR D 92 25.98 10.14 -1.91
CA TYR D 92 24.50 10.15 -1.80
C TYR D 92 23.97 8.73 -1.82
N CYS D 93 23.06 8.39 -0.92
CA CYS D 93 22.31 7.15 -1.07
C CYS D 93 21.06 7.49 -1.85
N ALA D 94 20.47 6.49 -2.51
CA ALA D 94 19.25 6.68 -3.28
C ALA D 94 18.45 5.38 -3.36
N GLN D 95 17.15 5.49 -3.64
CA GLN D 95 16.29 4.32 -3.84
C GLN D 95 15.42 4.51 -5.07
N ASN D 96 15.00 3.41 -5.69
CA ASN D 96 13.91 3.44 -6.68
C ASN D 96 12.93 2.30 -6.53
N LEU D 97 12.76 1.78 -5.31
CA LEU D 97 11.74 0.81 -5.07
C LEU D 97 10.40 1.40 -5.48
N GLU D 98 10.18 2.65 -5.07
CA GLU D 98 8.99 3.41 -5.46
C GLU D 98 9.35 4.67 -6.24
N VAL D 99 8.56 4.94 -7.28
CA VAL D 99 8.58 6.22 -7.97
C VAL D 99 7.96 7.26 -7.00
N PRO D 100 8.56 8.46 -6.88
CA PRO D 100 9.78 8.86 -7.59
C PRO D 100 11.04 8.35 -6.92
N TRP D 101 12.11 8.16 -7.72
CA TRP D 101 13.45 8.03 -7.18
C TRP D 101 13.65 9.08 -6.11
N THR D 102 14.31 8.73 -5.02
CA THR D 102 14.71 9.72 -4.05
C THR D 102 16.16 9.53 -3.62
N PHE D 103 16.74 10.63 -3.15
CA PHE D 103 18.12 10.67 -2.76
C PHE D 103 18.22 11.11 -1.33
N GLY D 104 19.22 10.62 -0.61
CA GLY D 104 19.54 11.17 0.69
C GLY D 104 20.11 12.57 0.54
N GLY D 105 20.30 13.23 1.67
CA GLY D 105 20.86 14.58 1.69
C GLY D 105 22.28 14.67 1.18
N GLY D 106 23.05 13.61 1.35
CA GLY D 106 24.44 13.62 0.97
C GLY D 106 25.29 13.71 2.21
N THR D 107 26.37 12.94 2.24
CA THR D 107 27.34 12.99 3.33
C THR D 107 28.69 13.34 2.72
N LYS D 108 29.30 14.42 3.18
CA LYS D 108 30.62 14.79 2.72
C LYS D 108 31.66 13.93 3.43
N LEU D 109 32.53 13.28 2.68
CA LEU D 109 33.62 12.53 3.26
C LEU D 109 34.71 13.53 3.67
N GLU D 110 35.03 13.55 4.97
CA GLU D 110 36.04 14.46 5.52
C GLU D 110 37.30 13.65 5.80
N ILE D 111 38.39 13.99 5.14
CA ILE D 111 39.64 13.25 5.32
C ILE D 111 40.53 13.91 6.39
N LYS D 112 41.06 13.06 7.27
CA LYS D 112 41.97 13.49 8.34
C LYS D 112 43.39 13.42 7.81
N ARG D 113 44.17 14.47 8.07
CA ARG D 113 45.59 14.48 7.74
C ARG D 113 46.36 15.30 8.75
N ALA D 114 47.69 15.30 8.63
CA ALA D 114 48.55 16.11 9.49
C ALA D 114 48.25 17.58 9.30
N ASP D 115 48.34 18.36 10.37
CA ASP D 115 48.15 19.81 10.31
C ASP D 115 49.19 20.45 9.39
N ALA D 116 48.80 21.54 8.74
CA ALA D 116 49.61 22.20 7.73
C ALA D 116 49.34 23.67 7.73
N ALA D 117 50.38 24.47 7.94
CA ALA D 117 50.28 25.91 7.89
C ALA D 117 50.02 26.37 6.45
N PRO D 118 49.24 27.42 6.26
CA PRO D 118 49.04 27.97 4.94
C PRO D 118 50.30 28.61 4.38
N THR D 119 50.48 28.50 3.08
CA THR D 119 51.33 29.44 2.37
C THR D 119 50.46 30.66 2.04
N VAL D 120 50.96 31.84 2.37
CA VAL D 120 50.17 33.04 2.23
C VAL D 120 50.76 33.92 1.16
N SER D 121 49.91 34.30 0.19
CA SER D 121 50.22 35.31 -0.82
C SER D 121 49.25 36.49 -0.62
N ILE D 122 49.77 37.70 -0.78
CA ILE D 122 48.93 38.90 -0.80
C ILE D 122 49.11 39.59 -2.16
N PHE D 123 48.01 40.08 -2.75
CA PHE D 123 48.01 40.72 -4.07
C PHE D 123 47.41 42.14 -3.95
N PRO D 124 48.17 43.17 -4.38
CA PRO D 124 47.62 44.51 -4.47
C PRO D 124 46.63 44.59 -5.63
N PRO D 125 45.75 45.59 -5.63
CA PRO D 125 44.84 45.80 -6.75
C PRO D 125 45.63 46.08 -7.99
N SER D 126 45.32 45.40 -9.11
CA SER D 126 45.90 45.74 -10.40
C SER D 126 45.60 47.19 -10.77
N SER D 127 46.51 47.78 -11.50
CA SER D 127 46.32 49.10 -12.10
C SER D 127 45.06 49.14 -12.95
N GLU D 128 44.75 48.02 -13.61
CA GLU D 128 43.55 47.88 -14.44
C GLU D 128 42.30 48.17 -13.64
N GLN D 129 42.25 47.66 -12.42
CA GLN D 129 41.08 47.82 -11.59
C GLN D 129 40.84 49.27 -11.18
N LEU D 130 41.91 50.05 -11.02
CA LEU D 130 41.78 51.36 -10.36
C LEU D 130 40.85 52.36 -11.11
N THR D 131 40.88 52.27 -12.45
CA THR D 131 39.94 53.02 -13.35
C THR D 131 38.47 52.84 -13.00
N SER D 132 38.12 51.65 -12.52
CA SER D 132 36.75 51.31 -12.21
C SER D 132 36.22 52.05 -10.99
N GLY D 133 37.12 52.64 -10.19
CA GLY D 133 36.74 53.27 -8.94
C GLY D 133 36.81 52.33 -7.75
N GLY D 134 37.22 51.09 -8.01
CA GLY D 134 37.29 50.05 -7.00
C GLY D 134 38.71 49.56 -6.87
N ALA D 135 39.02 48.98 -5.71
CA ALA D 135 40.34 48.46 -5.42
C ALA D 135 40.19 47.27 -4.51
N SER D 136 40.40 46.08 -5.07
CA SER D 136 40.33 44.84 -4.33
C SER D 136 41.73 44.36 -3.99
N VAL D 137 41.98 44.12 -2.72
CA VAL D 137 43.25 43.54 -2.25
C VAL D 137 42.92 42.11 -1.91
N VAL D 138 43.74 41.17 -2.39
CA VAL D 138 43.44 39.74 -2.20
C VAL D 138 44.50 39.04 -1.37
N CYS D 139 44.04 38.24 -0.42
CA CYS D 139 44.89 37.42 0.41
C CYS D 139 44.57 35.95 0.18
N PHE D 140 45.55 35.16 -0.16
CA PHE D 140 45.31 33.79 -0.49
C PHE D 140 46.11 32.84 0.41
N LEU D 141 45.39 31.93 1.08
CA LEU D 141 45.98 30.96 2.00
C LEU D 141 45.94 29.62 1.33
N ASN D 142 47.10 29.06 1.04
CA ASN D 142 47.16 27.87 0.19
C ASN D 142 47.54 26.59 0.94
N ASN D 143 46.82 25.50 0.67
CA ASN D 143 47.19 24.15 1.13
C ASN D 143 47.35 24.01 2.66
N PHE D 144 46.34 24.37 3.43
CA PHE D 144 46.42 24.27 4.89
C PHE D 144 45.45 23.22 5.44
N TYR D 145 45.67 22.84 6.69
CA TYR D 145 44.80 21.90 7.39
C TYR D 145 44.98 22.11 8.89
N PRO D 146 43.89 22.17 9.68
CA PRO D 146 42.50 21.90 9.26
C PRO D 146 41.78 23.06 8.53
N LYS D 147 40.48 22.89 8.22
CA LYS D 147 39.74 23.87 7.41
C LYS D 147 39.54 25.20 8.12
N ASP D 148 39.17 25.16 9.38
CA ASP D 148 38.89 26.36 10.13
C ASP D 148 40.16 27.16 10.30
N ILE D 149 40.13 28.40 9.80
CA ILE D 149 41.22 29.34 9.94
C ILE D 149 40.64 30.74 9.90
N ASN D 150 41.27 31.66 10.61
CA ASN D 150 40.83 33.06 10.63
C ASN D 150 41.82 33.92 9.86
N VAL D 151 41.30 34.91 9.15
CA VAL D 151 42.10 35.91 8.43
C VAL D 151 41.69 37.28 8.91
N LYS D 152 42.64 38.07 9.39
CA LYS D 152 42.41 39.46 9.74
C LYS D 152 43.11 40.34 8.72
N TRP D 153 42.47 41.44 8.35
CA TRP D 153 43.12 42.50 7.56
C TRP D 153 43.52 43.66 8.46
N LYS D 154 44.67 44.28 8.18
CA LYS D 154 45.02 45.54 8.81
C LYS D 154 45.36 46.54 7.73
N ILE D 155 44.80 47.76 7.86
CA ILE D 155 45.17 48.88 7.00
C ILE D 155 45.88 49.89 7.89
N ASP D 156 47.15 50.17 7.55
CA ASP D 156 48.04 50.91 8.45
C ASP D 156 47.95 50.38 9.88
N GLY D 157 48.13 49.07 10.04
CA GLY D 157 48.12 48.42 11.37
C GLY D 157 46.80 48.44 12.14
N SER D 158 45.74 48.96 11.50
CA SER D 158 44.41 48.98 12.11
C SER D 158 43.54 47.95 11.46
N GLU D 159 42.85 47.16 12.28
CA GLU D 159 42.07 46.07 11.81
C GLU D 159 40.84 46.60 11.05
N ARG D 160 40.58 45.98 9.92
CA ARG D 160 39.47 46.36 9.05
C ARG D 160 38.73 45.10 8.65
N GLN D 161 37.44 45.05 8.97
CA GLN D 161 36.57 43.94 8.55
C GLN D 161 35.53 44.35 7.48
N ASN D 162 35.29 45.66 7.33
CA ASN D 162 34.33 46.11 6.34
C ASN D 162 34.84 45.94 4.91
N GLY D 163 34.00 45.34 4.07
CA GLY D 163 34.31 45.12 2.68
C GLY D 163 35.11 43.84 2.44
N VAL D 164 35.17 42.96 3.45
CA VAL D 164 35.91 41.70 3.34
C VAL D 164 34.99 40.51 3.05
N LEU D 165 35.35 39.76 2.02
CA LEU D 165 34.65 38.54 1.65
C LEU D 165 35.63 37.40 1.69
N ASN D 166 35.23 36.30 2.32
CA ASN D 166 36.07 35.10 2.44
C ASN D 166 35.39 33.91 1.80
N SER D 167 36.17 33.08 1.10
CA SER D 167 35.66 31.87 0.50
C SER D 167 36.76 30.78 0.44
N TRP D 168 36.31 29.53 0.54
CA TRP D 168 37.16 28.37 0.60
C TRP D 168 36.99 27.49 -0.63
N THR D 169 38.02 26.67 -0.89
CA THR D 169 37.91 25.52 -1.78
C THR D 169 37.34 24.34 -1.00
N ASP D 170 37.04 23.26 -1.71
CA ASP D 170 36.79 21.97 -1.07
C ASP D 170 38.13 21.32 -0.77
N GLN D 171 38.07 20.20 -0.07
CA GLN D 171 39.26 19.47 0.29
C GLN D 171 39.89 18.91 -0.99
N ASP D 172 41.19 19.12 -1.11
CA ASP D 172 41.92 18.83 -2.34
C ASP D 172 42.00 17.31 -2.62
N SER D 173 41.76 16.94 -3.87
CA SER D 173 41.74 15.53 -4.26
C SER D 173 43.08 14.83 -4.18
N LYS D 174 44.18 15.59 -4.18
CA LYS D 174 45.54 14.96 -4.21
C LYS D 174 46.34 15.04 -2.87
N ASP D 175 46.26 16.17 -2.15
CA ASP D 175 46.96 16.33 -0.84
C ASP D 175 46.02 16.49 0.39
N SER D 176 44.70 16.50 0.18
CA SER D 176 43.71 16.58 1.28
C SER D 176 43.76 17.87 2.12
N THR D 177 44.29 18.94 1.53
CA THR D 177 44.32 20.26 2.15
C THR D 177 43.18 21.13 1.67
N TYR D 178 43.05 22.28 2.29
CA TYR D 178 42.14 23.33 1.85
C TYR D 178 42.92 24.56 1.42
N SER D 179 42.27 25.42 0.65
CA SER D 179 42.74 26.80 0.43
C SER D 179 41.58 27.74 0.61
N MET D 180 41.89 29.00 0.82
CA MET D 180 40.87 30.02 0.84
C MET D 180 41.44 31.35 0.42
N SER D 181 40.57 32.22 -0.09
CA SER D 181 40.98 33.58 -0.41
C SER D 181 40.13 34.55 0.39
N SER D 182 40.75 35.66 0.78
CA SER D 182 40.07 36.75 1.46
C SER D 182 40.29 38.03 0.64
N THR D 183 39.18 38.69 0.26
CA THR D 183 39.25 39.88 -0.59
C THR D 183 38.72 41.09 0.14
N LEU D 184 39.60 42.08 0.29
CA LEU D 184 39.23 43.38 0.85
C LEU D 184 38.99 44.30 -0.33
N THR D 185 37.73 44.71 -0.52
CA THR D 185 37.40 45.64 -1.60
C THR D 185 37.12 47.03 -1.05
N LEU D 186 37.83 48.00 -1.61
CA LEU D 186 37.79 49.36 -1.19
C LEU D 186 37.42 50.17 -2.42
N THR D 187 37.26 51.47 -2.23
CA THR D 187 37.20 52.39 -3.38
C THR D 187 38.63 52.67 -3.76
N LYS D 188 38.85 53.12 -4.98
CA LYS D 188 40.17 53.62 -5.37
C LYS D 188 40.67 54.71 -4.41
N ASP D 189 39.79 55.60 -3.98
CA ASP D 189 40.18 56.69 -3.09
C ASP D 189 40.74 56.21 -1.76
N GLU D 190 39.97 55.40 -1.04
CA GLU D 190 40.44 54.82 0.24
C GLU D 190 41.77 54.15 0.04
N TYR D 191 41.85 53.38 -1.03
CA TYR D 191 43.05 52.60 -1.25
C TYR D 191 44.26 53.52 -1.35
N GLU D 192 44.11 54.62 -2.08
CA GLU D 192 45.18 55.58 -2.34
C GLU D 192 45.47 56.48 -1.10
N ARG D 193 44.47 56.59 -0.21
CA ARG D 193 44.61 57.23 1.10
C ARG D 193 45.64 56.56 1.99
N HIS D 194 45.65 55.23 2.02
CA HIS D 194 46.48 54.49 2.95
C HIS D 194 47.69 53.87 2.26
N ASN D 195 48.62 53.39 3.07
CA ASN D 195 49.92 52.94 2.56
C ASN D 195 50.21 51.47 2.80
N SER D 196 49.91 51.00 4.01
CA SER D 196 50.29 49.67 4.44
C SER D 196 49.05 48.76 4.50
N TYR D 197 49.15 47.61 3.83
CA TYR D 197 48.07 46.62 3.82
C TYR D 197 48.61 45.28 4.29
N THR D 198 47.91 44.66 5.24
CA THR D 198 48.36 43.43 5.86
C THR D 198 47.24 42.43 5.96
N CYS D 199 47.50 41.15 5.63
CA CYS D 199 46.61 40.09 6.08
C CYS D 199 47.34 39.09 6.97
N GLU D 200 46.60 38.55 7.93
CA GLU D 200 47.15 37.75 9.00
C GLU D 200 46.34 36.49 9.10
N ALA D 201 47.02 35.34 9.01
CA ALA D 201 46.36 34.02 9.05
C ALA D 201 46.57 33.36 10.42
N THR D 202 45.50 32.79 10.97
CA THR D 202 45.53 32.22 12.33
C THR D 202 44.69 30.93 12.40
N PRO D 209 51.17 32.11 13.41
CA PRO D 209 50.51 33.39 13.08
C PRO D 209 51.16 34.07 11.85
N ILE D 210 50.81 33.59 10.65
CA ILE D 210 51.49 34.01 9.40
C ILE D 210 50.96 35.35 8.90
N VAL D 211 51.88 36.28 8.61
CA VAL D 211 51.55 37.62 8.17
C VAL D 211 52.17 37.86 6.78
N LYS D 212 51.46 38.58 5.92
CA LYS D 212 52.02 39.10 4.66
C LYS D 212 51.54 40.52 4.52
N SER D 213 52.40 41.40 4.00
CA SER D 213 52.07 42.81 3.84
C SER D 213 52.70 43.37 2.56
N PHE D 214 52.15 44.47 2.07
CA PHE D 214 52.85 45.35 1.14
C PHE D 214 52.62 46.82 1.53
N ASN D 215 53.46 47.70 0.96
CA ASN D 215 53.26 49.13 1.01
C ASN D 215 52.90 49.65 -0.38
N ARG D 216 51.80 50.37 -0.48
CA ARG D 216 51.34 50.89 -1.76
C ARG D 216 52.44 51.69 -2.51
N ASN D 217 53.12 52.57 -1.97
N ASP E 1 -4.88 -8.65 -1.90
CA ASP E 1 -4.59 -9.38 -3.16
C ASP E 1 -5.31 -8.70 -4.34
N ILE E 2 -4.73 -8.80 -5.53
CA ILE E 2 -5.39 -8.30 -6.74
C ILE E 2 -6.40 -9.32 -7.26
N VAL E 3 -7.64 -8.86 -7.47
CA VAL E 3 -8.71 -9.74 -7.94
C VAL E 3 -8.77 -9.79 -9.48
N MET E 4 -8.62 -10.99 -10.02
CA MET E 4 -8.74 -11.24 -11.46
C MET E 4 -10.08 -11.91 -11.72
N THR E 5 -10.95 -11.23 -12.47
CA THR E 5 -12.29 -11.75 -12.73
C THR E 5 -12.41 -12.18 -14.18
N GLN E 6 -13.02 -13.33 -14.43
CA GLN E 6 -13.42 -13.71 -15.76
C GLN E 6 -14.65 -14.65 -15.76
N ALA E 7 -15.34 -14.68 -16.88
CA ALA E 7 -16.51 -15.52 -17.08
C ALA E 7 -16.11 -16.99 -17.02
N ALA E 8 -17.02 -17.83 -16.50
CA ALA E 8 -16.78 -19.27 -16.38
C ALA E 8 -16.86 -20.00 -17.72
N PHE E 9 -17.58 -19.42 -18.70
CA PHE E 9 -17.78 -20.05 -20.02
C PHE E 9 -17.72 -19.01 -21.12
N SER E 10 -17.04 -19.36 -22.21
CA SER E 10 -17.07 -18.56 -23.42
C SER E 10 -18.43 -18.73 -24.11
N ASN E 11 -18.74 -17.81 -25.03
CA ASN E 11 -19.79 -18.07 -26.04
C ASN E 11 -19.37 -19.28 -26.90
N PRO E 12 -20.34 -20.02 -27.44
CA PRO E 12 -20.01 -21.13 -28.35
C PRO E 12 -19.30 -20.60 -29.62
N VAL E 13 -18.12 -21.15 -29.92
CA VAL E 13 -17.28 -20.60 -31.00
C VAL E 13 -17.20 -21.56 -32.16
N THR E 14 -17.58 -21.09 -33.34
CA THR E 14 -17.50 -21.88 -34.54
C THR E 14 -16.03 -22.08 -34.90
N LEU E 15 -15.66 -23.31 -35.26
CA LEU E 15 -14.29 -23.59 -35.73
C LEU E 15 -13.94 -22.67 -36.91
N GLY E 16 -12.74 -22.11 -36.89
CA GLY E 16 -12.32 -21.14 -37.92
C GLY E 16 -12.68 -19.68 -37.64
N THR E 17 -13.52 -19.43 -36.63
CA THR E 17 -13.84 -18.07 -36.20
C THR E 17 -12.98 -17.68 -35.00
N SER E 18 -12.93 -16.38 -34.72
CA SER E 18 -12.21 -15.87 -33.56
C SER E 18 -12.98 -16.16 -32.30
N ALA E 19 -12.24 -16.47 -31.24
CA ALA E 19 -12.77 -16.49 -29.87
C ALA E 19 -12.19 -15.30 -29.14
N SER E 20 -12.98 -14.72 -28.23
CA SER E 20 -12.51 -13.65 -27.34
C SER E 20 -12.84 -13.99 -25.91
N ILE E 21 -11.82 -13.97 -25.05
CA ILE E 21 -11.96 -14.30 -23.63
C ILE E 21 -11.44 -13.14 -22.80
N SER E 22 -12.30 -12.65 -21.93
CA SER E 22 -12.10 -11.40 -21.26
C SER E 22 -11.67 -11.62 -19.80
N CYS E 23 -11.02 -10.61 -19.25
CA CYS E 23 -10.51 -10.66 -17.90
C CYS E 23 -10.44 -9.24 -17.36
N ARG E 24 -10.77 -9.08 -16.08
CA ARG E 24 -10.72 -7.77 -15.45
C ARG E 24 -9.95 -7.80 -14.14
N SER E 25 -9.10 -6.79 -13.97
CA SER E 25 -8.24 -6.65 -12.80
C SER E 25 -8.80 -5.59 -11.86
N SER E 26 -8.66 -5.81 -10.55
CA SER E 26 -9.11 -4.85 -9.55
C SER E 26 -8.17 -3.64 -9.44
N LYS E 27 -6.92 -3.82 -9.85
CA LYS E 27 -5.95 -2.72 -9.92
C LYS E 27 -5.22 -2.80 -11.24
N SER E 28 -4.70 -1.67 -11.72
CA SER E 28 -3.98 -1.66 -13.00
C SER E 28 -2.80 -2.60 -12.95
N LEU E 29 -2.61 -3.42 -13.99
CA LEU E 29 -1.44 -4.29 -14.10
C LEU E 29 -0.27 -3.63 -14.84
N LEU E 30 -0.49 -2.38 -15.32
CA LEU E 30 0.55 -1.60 -15.96
C LEU E 30 1.43 -0.97 -14.91
N TYR E 31 2.73 -1.28 -14.97
CA TYR E 31 3.69 -0.72 -14.04
C TYR E 31 4.39 0.49 -14.66
N SER E 32 5.05 1.28 -13.82
CA SER E 32 5.75 2.48 -14.24
C SER E 32 6.97 2.22 -15.16
N ASN E 33 7.34 0.95 -15.35
CA ASN E 33 8.30 0.56 -16.38
C ASN E 33 7.65 0.30 -17.75
N GLY E 34 6.33 0.47 -17.81
CA GLY E 34 5.61 0.33 -19.05
C GLY E 34 5.21 -1.10 -19.39
N ILE E 35 5.57 -2.06 -18.52
CA ILE E 35 5.22 -3.46 -18.72
C ILE E 35 3.91 -3.73 -17.99
N THR E 36 3.01 -4.46 -18.66
CA THR E 36 1.75 -4.88 -18.07
C THR E 36 1.88 -6.33 -17.63
N TYR E 37 1.79 -6.56 -16.32
CA TYR E 37 2.05 -7.90 -15.76
C TYR E 37 0.81 -8.81 -15.79
N LEU E 38 0.40 -9.15 -17.02
CA LEU E 38 -0.72 -10.05 -17.28
C LEU E 38 -0.18 -11.30 -17.97
N TYR E 39 -0.72 -12.47 -17.56
CA TYR E 39 -0.35 -13.76 -18.11
C TYR E 39 -1.59 -14.50 -18.49
N TRP E 40 -1.50 -15.29 -19.56
CA TRP E 40 -2.60 -16.22 -19.94
C TRP E 40 -2.07 -17.64 -19.98
N TYR E 41 -2.80 -18.53 -19.32
CA TYR E 41 -2.52 -19.97 -19.34
C TYR E 41 -3.70 -20.69 -19.94
N LEU E 42 -3.41 -21.83 -20.61
CA LEU E 42 -4.42 -22.78 -21.08
C LEU E 42 -4.25 -24.06 -20.27
N GLN E 43 -5.34 -24.61 -19.76
CA GLN E 43 -5.31 -25.95 -19.19
C GLN E 43 -6.24 -26.86 -19.99
N LYS E 44 -5.65 -27.77 -20.74
CA LYS E 44 -6.43 -28.75 -21.51
C LYS E 44 -6.84 -29.91 -20.60
N PRO E 45 -7.91 -30.64 -20.96
CA PRO E 45 -8.44 -31.66 -20.08
C PRO E 45 -7.39 -32.74 -19.79
N GLY E 46 -7.15 -33.00 -18.50
CA GLY E 46 -6.19 -34.02 -18.07
C GLY E 46 -4.73 -33.58 -18.03
N GLN E 47 -4.45 -32.34 -18.44
CA GLN E 47 -3.10 -31.84 -18.53
C GLN E 47 -2.88 -30.70 -17.55
N SER E 48 -1.62 -30.42 -17.26
CA SER E 48 -1.26 -29.28 -16.41
C SER E 48 -1.39 -27.97 -17.24
N PRO E 49 -1.44 -26.83 -16.56
CA PRO E 49 -1.48 -25.53 -17.26
C PRO E 49 -0.23 -25.24 -18.10
N GLN E 50 -0.43 -24.67 -19.30
CA GLN E 50 0.67 -24.19 -20.13
C GLN E 50 0.55 -22.67 -20.33
N LEU E 51 1.65 -21.96 -20.17
CA LEU E 51 1.69 -20.53 -20.45
C LEU E 51 1.45 -20.29 -21.94
N LEU E 52 0.52 -19.39 -22.26
CA LEU E 52 0.33 -18.96 -23.65
C LEU E 52 1.07 -17.66 -23.88
N ILE E 53 0.75 -16.67 -23.05
CA ILE E 53 1.27 -15.31 -23.19
C ILE E 53 1.73 -14.79 -21.84
N TYR E 54 2.85 -14.06 -21.83
CA TYR E 54 3.32 -13.41 -20.62
C TYR E 54 3.63 -11.92 -20.85
N GLN E 55 3.18 -11.10 -19.90
CA GLN E 55 3.39 -9.66 -19.90
C GLN E 55 2.78 -8.98 -21.12
N MET E 56 1.60 -9.46 -21.52
CA MET E 56 0.80 -8.86 -22.60
C MET E 56 1.28 -9.24 -24.02
N SER E 57 2.52 -8.89 -24.35
CA SER E 57 3.02 -8.89 -25.73
C SER E 57 3.91 -10.09 -26.15
N ASN E 58 4.22 -10.99 -25.22
CA ASN E 58 5.16 -12.08 -25.48
C ASN E 58 4.46 -13.45 -25.56
N LEU E 59 4.56 -14.12 -26.71
CA LEU E 59 4.11 -15.51 -26.81
C LEU E 59 5.12 -16.41 -26.11
N ALA E 60 4.62 -17.50 -25.53
CA ALA E 60 5.47 -18.58 -25.03
C ALA E 60 5.93 -19.45 -26.18
N SER E 61 7.06 -20.13 -25.97
CA SER E 61 7.69 -20.91 -27.04
C SER E 61 6.74 -21.99 -27.56
N GLY E 62 6.72 -22.16 -28.88
CA GLY E 62 5.86 -23.14 -29.53
C GLY E 62 4.35 -22.84 -29.51
N VAL E 63 3.96 -21.60 -29.18
CA VAL E 63 2.54 -21.19 -29.16
C VAL E 63 2.23 -20.46 -30.48
N PRO E 64 1.12 -20.80 -31.17
CA PRO E 64 0.81 -20.18 -32.48
C PRO E 64 0.54 -18.66 -32.40
N ASP E 65 0.67 -17.99 -33.54
CA ASP E 65 0.43 -16.53 -33.63
C ASP E 65 -1.06 -16.20 -33.54
N ARG E 66 -1.90 -17.23 -33.64
CA ARG E 66 -3.35 -17.09 -33.49
C ARG E 66 -3.76 -16.52 -32.12
N PHE E 67 -2.90 -16.73 -31.12
CA PHE E 67 -3.13 -16.21 -29.77
C PHE E 67 -2.48 -14.83 -29.60
N SER E 68 -3.31 -13.83 -29.28
CA SER E 68 -2.82 -12.48 -28.95
C SER E 68 -3.65 -11.89 -27.81
N SER E 69 -3.05 -10.94 -27.09
CA SER E 69 -3.71 -10.31 -25.95
C SER E 69 -3.57 -8.79 -26.02
N SER E 70 -4.64 -8.08 -25.66
CA SER E 70 -4.67 -6.63 -25.68
C SER E 70 -5.51 -6.15 -24.52
N GLY E 71 -5.39 -4.88 -24.16
CA GLY E 71 -6.17 -4.35 -23.06
C GLY E 71 -5.65 -3.04 -22.51
N SER E 72 -6.55 -2.29 -21.87
CA SER E 72 -6.21 -1.00 -21.30
C SER E 72 -6.19 -1.13 -19.78
N GLY E 73 -5.05 -1.64 -19.27
CA GLY E 73 -4.67 -1.55 -17.83
C GLY E 73 -5.44 -2.43 -16.86
N THR E 74 -6.77 -2.31 -16.92
CA THR E 74 -7.70 -2.95 -16.01
C THR E 74 -8.58 -4.00 -16.73
N ASP E 75 -8.75 -3.86 -18.05
CA ASP E 75 -9.67 -4.68 -18.82
C ASP E 75 -8.92 -5.24 -20.00
N PHE E 76 -8.92 -6.59 -20.11
CA PHE E 76 -8.09 -7.30 -21.07
C PHE E 76 -8.91 -8.29 -21.87
N THR E 77 -8.32 -8.75 -22.97
CA THR E 77 -8.99 -9.65 -23.88
C THR E 77 -7.99 -10.56 -24.55
N LEU E 78 -8.20 -11.88 -24.41
CA LEU E 78 -7.48 -12.87 -25.20
C LEU E 78 -8.28 -13.21 -26.41
N ARG E 79 -7.70 -12.96 -27.60
CA ARG E 79 -8.33 -13.30 -28.86
C ARG E 79 -7.60 -14.51 -29.45
N ILE E 80 -8.38 -15.50 -29.89
CA ILE E 80 -7.84 -16.69 -30.60
C ILE E 80 -8.44 -16.71 -31.98
N SER E 81 -7.64 -16.40 -32.99
CA SER E 81 -8.15 -16.39 -34.36
C SER E 81 -8.27 -17.82 -34.88
N ARG E 82 -9.18 -18.03 -35.84
CA ARG E 82 -9.23 -19.28 -36.59
C ARG E 82 -9.25 -20.48 -35.65
N VAL E 83 -10.18 -20.45 -34.70
CA VAL E 83 -10.22 -21.42 -33.60
C VAL E 83 -10.28 -22.85 -34.10
N GLU E 84 -9.49 -23.72 -33.46
CA GLU E 84 -9.39 -25.12 -33.80
C GLU E 84 -9.99 -25.96 -32.67
N ALA E 85 -10.27 -27.23 -32.97
CA ALA E 85 -10.81 -28.15 -31.98
C ALA E 85 -9.81 -28.38 -30.82
N GLU E 86 -8.51 -28.34 -31.13
CA GLU E 86 -7.47 -28.59 -30.13
C GLU E 86 -7.28 -27.42 -29.14
N ASP E 87 -7.90 -26.28 -29.42
CA ASP E 87 -7.86 -25.12 -28.50
C ASP E 87 -8.73 -25.33 -27.27
N VAL E 88 -9.62 -26.31 -27.32
CA VAL E 88 -10.62 -26.48 -26.29
C VAL E 88 -9.97 -26.74 -24.93
N GLY E 89 -10.49 -26.06 -23.90
CA GLY E 89 -9.88 -26.08 -22.57
C GLY E 89 -10.32 -24.89 -21.73
N VAL E 90 -9.67 -24.72 -20.57
CA VAL E 90 -9.97 -23.62 -19.67
C VAL E 90 -8.83 -22.61 -19.72
N TYR E 91 -9.16 -21.37 -20.07
CA TYR E 91 -8.17 -20.29 -20.19
C TYR E 91 -8.16 -19.47 -18.92
N TYR E 92 -6.97 -19.33 -18.31
CA TYR E 92 -6.80 -18.54 -17.08
C TYR E 92 -6.00 -17.30 -17.39
N CYS E 93 -6.47 -16.16 -16.89
CA CYS E 93 -5.65 -14.98 -16.79
C CYS E 93 -5.04 -14.94 -15.39
N ALA E 94 -3.86 -14.34 -15.29
CA ALA E 94 -3.14 -14.25 -14.02
C ALA E 94 -2.34 -12.97 -13.97
N GLN E 95 -1.93 -12.58 -12.76
CA GLN E 95 -1.07 -11.39 -12.57
C GLN E 95 0.02 -11.65 -11.57
N ASN E 96 1.11 -10.90 -11.68
CA ASN E 96 2.08 -10.80 -10.60
C ASN E 96 2.71 -9.42 -10.48
N LEU E 97 1.90 -8.39 -10.68
CA LEU E 97 2.32 -7.06 -10.33
C LEU E 97 2.56 -7.03 -8.81
N GLU E 98 1.60 -7.53 -8.05
CA GLU E 98 1.71 -7.63 -6.60
C GLU E 98 1.68 -9.08 -6.18
N VAL E 99 2.45 -9.40 -5.14
CA VAL E 99 2.40 -10.71 -4.50
C VAL E 99 1.19 -10.71 -3.52
N PRO E 100 0.41 -11.79 -3.46
CA PRO E 100 0.65 -13.05 -4.19
C PRO E 100 0.17 -13.02 -5.62
N TRP E 101 0.79 -13.84 -6.47
CA TRP E 101 0.17 -14.22 -7.75
C TRP E 101 -1.30 -14.57 -7.52
N THR E 102 -2.16 -14.08 -8.39
CA THR E 102 -3.56 -14.50 -8.40
C THR E 102 -3.95 -14.90 -9.79
N PHE E 103 -4.95 -15.79 -9.87
CA PHE E 103 -5.50 -16.29 -11.11
C PHE E 103 -6.95 -15.91 -11.23
N GLY E 104 -7.40 -15.73 -12.47
CA GLY E 104 -8.79 -15.64 -12.75
C GLY E 104 -9.44 -16.99 -12.47
N GLY E 105 -10.77 -17.01 -12.45
CA GLY E 105 -11.50 -18.25 -12.18
C GLY E 105 -11.43 -19.27 -13.30
N GLY E 106 -11.01 -18.83 -14.49
CA GLY E 106 -10.87 -19.69 -15.64
C GLY E 106 -12.11 -19.60 -16.51
N THR E 107 -11.91 -19.46 -17.82
CA THR E 107 -13.02 -19.45 -18.76
C THR E 107 -12.92 -20.66 -19.66
N LYS E 108 -13.95 -21.51 -19.66
CA LYS E 108 -13.93 -22.72 -20.52
C LYS E 108 -14.27 -22.31 -21.92
N LEU E 109 -13.41 -22.67 -22.86
CA LEU E 109 -13.71 -22.45 -24.27
C LEU E 109 -14.60 -23.62 -24.75
N GLU E 110 -15.66 -23.27 -25.47
CA GLU E 110 -16.62 -24.27 -25.94
C GLU E 110 -16.84 -24.08 -27.40
N ILE E 111 -16.62 -25.15 -28.15
CA ILE E 111 -16.71 -25.12 -29.61
C ILE E 111 -18.14 -25.38 -30.05
N LYS E 112 -18.62 -24.52 -30.95
CA LYS E 112 -19.87 -24.74 -31.65
C LYS E 112 -19.59 -25.63 -32.84
N ARG E 113 -20.41 -26.66 -33.00
CA ARG E 113 -20.41 -27.46 -34.19
C ARG E 113 -21.81 -27.99 -34.46
N ALA E 114 -21.99 -28.62 -35.61
CA ALA E 114 -23.30 -29.16 -35.98
C ALA E 114 -23.76 -30.17 -34.94
N ASP E 115 -25.01 -30.05 -34.51
CA ASP E 115 -25.66 -31.09 -33.72
C ASP E 115 -25.35 -32.48 -34.29
N ALA E 116 -25.06 -33.44 -33.42
CA ALA E 116 -24.81 -34.84 -33.83
C ALA E 116 -25.47 -35.80 -32.86
N ALA E 117 -25.99 -36.90 -33.41
CA ALA E 117 -26.69 -37.90 -32.61
C ALA E 117 -25.67 -38.85 -31.98
N PRO E 118 -25.95 -39.32 -30.76
CA PRO E 118 -25.07 -40.26 -30.09
C PRO E 118 -25.16 -41.62 -30.72
N THR E 119 -24.04 -42.31 -30.75
CA THR E 119 -24.06 -43.74 -30.96
C THR E 119 -24.20 -44.37 -29.59
N VAL E 120 -25.26 -45.15 -29.40
CA VAL E 120 -25.61 -45.68 -28.09
C VAL E 120 -25.20 -47.14 -27.98
N SER E 121 -24.50 -47.46 -26.90
CA SER E 121 -24.16 -48.85 -26.56
C SER E 121 -24.66 -49.19 -25.17
N ILE E 122 -25.29 -50.34 -25.04
CA ILE E 122 -25.74 -50.82 -23.76
C ILE E 122 -24.92 -52.08 -23.38
N PHE E 123 -24.47 -52.14 -22.12
CA PHE E 123 -23.58 -53.20 -21.64
C PHE E 123 -24.23 -53.92 -20.48
N PRO E 124 -24.63 -55.18 -20.70
CA PRO E 124 -25.10 -56.00 -19.60
C PRO E 124 -23.97 -56.24 -18.60
N PRO E 125 -24.32 -56.50 -17.35
CA PRO E 125 -23.34 -56.86 -16.33
C PRO E 125 -22.53 -58.06 -16.76
N SER E 126 -21.22 -58.00 -16.60
CA SER E 126 -20.36 -59.15 -16.85
C SER E 126 -20.57 -60.21 -15.80
N SER E 127 -20.29 -61.45 -16.21
CA SER E 127 -20.18 -62.60 -15.34
C SER E 127 -19.25 -62.33 -14.14
N GLU E 128 -18.17 -61.60 -14.40
CA GLU E 128 -17.20 -61.26 -13.38
C GLU E 128 -17.83 -60.37 -12.32
N GLN E 129 -18.54 -59.34 -12.74
CA GLN E 129 -19.16 -58.47 -11.81
C GLN E 129 -20.24 -59.19 -10.99
N LEU E 130 -21.05 -60.03 -11.63
CA LEU E 130 -22.12 -60.74 -10.92
C LEU E 130 -21.61 -61.63 -9.78
N THR E 131 -20.44 -62.25 -10.00
CA THR E 131 -19.73 -62.97 -8.93
C THR E 131 -19.52 -62.11 -7.67
N SER E 132 -19.25 -60.82 -7.86
CA SER E 132 -19.07 -59.89 -6.74
C SER E 132 -20.37 -59.49 -6.04
N GLY E 133 -21.52 -59.87 -6.62
CA GLY E 133 -22.81 -59.50 -6.07
C GLY E 133 -23.36 -58.19 -6.58
N GLY E 134 -22.64 -57.55 -7.49
CA GLY E 134 -23.07 -56.28 -8.08
C GLY E 134 -23.52 -56.51 -9.51
N ALA E 135 -24.33 -55.61 -10.03
CA ALA E 135 -24.73 -55.65 -11.43
C ALA E 135 -24.92 -54.24 -11.95
N SER E 136 -23.86 -53.67 -12.48
CA SER E 136 -23.94 -52.37 -13.16
C SER E 136 -24.33 -52.56 -14.60
N VAL E 137 -25.42 -51.92 -15.01
CA VAL E 137 -25.79 -51.87 -16.40
C VAL E 137 -25.41 -50.49 -16.93
N VAL E 138 -24.58 -50.45 -17.97
CA VAL E 138 -24.03 -49.19 -18.50
C VAL E 138 -24.57 -48.87 -19.88
N CYS E 139 -25.19 -47.70 -19.98
CA CYS E 139 -25.62 -47.12 -21.26
C CYS E 139 -24.61 -46.04 -21.63
N PHE E 140 -23.86 -46.25 -22.72
CA PHE E 140 -22.82 -45.32 -23.16
C PHE E 140 -23.23 -44.55 -24.44
N LEU E 141 -23.34 -43.24 -24.34
CA LEU E 141 -23.71 -42.38 -25.46
C LEU E 141 -22.44 -41.75 -26.00
N ASN E 142 -22.11 -42.05 -27.25
CA ASN E 142 -20.83 -41.67 -27.80
C ASN E 142 -20.95 -40.61 -28.91
N ASN E 143 -20.17 -39.52 -28.77
CA ASN E 143 -19.90 -38.55 -29.86
C ASN E 143 -21.12 -37.76 -30.33
N PHE E 144 -21.72 -37.04 -29.40
CA PHE E 144 -22.92 -36.26 -29.68
C PHE E 144 -22.67 -34.78 -29.41
N TYR E 145 -23.58 -33.96 -29.91
CA TYR E 145 -23.56 -32.53 -29.69
C TYR E 145 -25.02 -32.04 -29.83
N PRO E 146 -25.51 -31.12 -28.98
CA PRO E 146 -24.75 -30.48 -27.87
C PRO E 146 -24.63 -31.36 -26.61
N LYS E 147 -24.06 -30.82 -25.54
CA LYS E 147 -23.89 -31.57 -24.29
C LYS E 147 -25.22 -31.97 -23.66
N ASP E 148 -26.24 -31.12 -23.80
CA ASP E 148 -27.60 -31.41 -23.29
C ASP E 148 -28.18 -32.66 -23.92
N ILE E 149 -28.27 -33.73 -23.12
CA ILE E 149 -28.93 -34.96 -23.53
C ILE E 149 -29.50 -35.65 -22.30
N ASN E 150 -30.62 -36.34 -22.48
CA ASN E 150 -31.31 -37.02 -21.39
C ASN E 150 -31.35 -38.51 -21.65
N VAL E 151 -31.18 -39.30 -20.58
CA VAL E 151 -31.24 -40.76 -20.67
C VAL E 151 -32.30 -41.30 -19.70
N LYS E 152 -33.19 -42.15 -20.20
CA LYS E 152 -34.26 -42.70 -19.40
C LYS E 152 -34.07 -44.21 -19.34
N TRP E 153 -34.15 -44.78 -18.13
CA TRP E 153 -34.09 -46.24 -17.95
C TRP E 153 -35.47 -46.85 -17.73
N LYS E 154 -35.69 -48.03 -18.30
CA LYS E 154 -36.89 -48.82 -18.04
C LYS E 154 -36.52 -50.26 -17.75
N ILE E 155 -37.06 -50.78 -16.66
CA ILE E 155 -36.84 -52.16 -16.29
C ILE E 155 -38.18 -52.87 -16.35
N ASP E 156 -38.25 -53.92 -17.16
CA ASP E 156 -39.50 -54.62 -17.41
C ASP E 156 -40.65 -53.65 -17.71
N GLY E 157 -40.36 -52.65 -18.54
CA GLY E 157 -41.35 -51.72 -19.02
C GLY E 157 -41.82 -50.66 -18.03
N SER E 158 -41.10 -50.51 -16.90
CA SER E 158 -41.41 -49.45 -15.91
C SER E 158 -40.16 -48.58 -15.66
N GLU E 159 -40.34 -47.26 -15.74
CA GLU E 159 -39.22 -46.31 -15.58
C GLU E 159 -38.52 -46.44 -14.22
N ARG E 160 -37.22 -46.23 -14.22
CA ARG E 160 -36.39 -46.42 -13.03
C ARG E 160 -35.41 -45.24 -12.91
N GLN E 161 -35.53 -44.49 -11.82
CA GLN E 161 -34.67 -43.32 -11.57
C GLN E 161 -33.63 -43.58 -10.47
N ASN E 162 -34.03 -44.28 -9.42
CA ASN E 162 -33.09 -44.60 -8.34
C ASN E 162 -31.98 -45.52 -8.83
N GLY E 163 -30.75 -45.20 -8.45
CA GLY E 163 -29.56 -45.98 -8.84
C GLY E 163 -28.91 -45.61 -10.18
N VAL E 164 -29.38 -44.54 -10.79
CA VAL E 164 -28.90 -44.13 -12.10
C VAL E 164 -27.89 -43.00 -11.95
N LEU E 165 -26.69 -43.21 -12.43
CA LEU E 165 -25.68 -42.17 -12.37
C LEU E 165 -25.13 -41.82 -13.75
N ASN E 166 -25.20 -40.52 -14.07
CA ASN E 166 -24.80 -40.01 -15.35
C ASN E 166 -23.47 -39.27 -15.28
N SER E 167 -22.62 -39.46 -16.26
CA SER E 167 -21.30 -38.85 -16.23
C SER E 167 -20.79 -38.58 -17.63
N TRP E 168 -20.16 -37.42 -17.78
CA TRP E 168 -19.73 -36.91 -19.08
C TRP E 168 -18.22 -36.88 -19.24
N THR E 169 -17.78 -36.86 -20.50
CA THR E 169 -16.41 -36.48 -20.83
C THR E 169 -16.37 -34.98 -21.04
N ASP E 170 -15.16 -34.45 -21.23
CA ASP E 170 -14.98 -33.08 -21.71
C ASP E 170 -15.20 -33.04 -23.20
N GLN E 171 -15.40 -31.84 -23.75
CA GLN E 171 -15.56 -31.68 -25.18
C GLN E 171 -14.30 -32.18 -25.88
N ASP E 172 -14.49 -33.13 -26.80
CA ASP E 172 -13.38 -33.85 -27.43
C ASP E 172 -12.44 -32.93 -28.22
N SER E 173 -11.14 -33.14 -28.06
CA SER E 173 -10.13 -32.27 -28.65
C SER E 173 -10.01 -32.37 -30.17
N LYS E 174 -10.49 -33.45 -30.78
CA LYS E 174 -10.35 -33.63 -32.25
C LYS E 174 -11.67 -33.40 -33.04
N ASP E 175 -12.82 -33.86 -32.50
CA ASP E 175 -14.13 -33.68 -33.18
C ASP E 175 -15.16 -32.81 -32.42
N SER E 176 -14.81 -32.33 -31.22
CA SER E 176 -15.62 -31.33 -30.47
C SER E 176 -17.00 -31.84 -30.00
N THR E 177 -17.13 -33.16 -29.92
CA THR E 177 -18.36 -33.78 -29.40
C THR E 177 -18.17 -34.05 -27.93
N TYR E 178 -19.25 -34.53 -27.30
CA TYR E 178 -19.19 -35.10 -25.97
C TYR E 178 -19.57 -36.59 -26.03
N SER E 179 -19.18 -37.32 -24.99
CA SER E 179 -19.71 -38.65 -24.72
C SER E 179 -20.20 -38.67 -23.29
N MET E 180 -21.06 -39.62 -22.95
CA MET E 180 -21.49 -39.79 -21.56
C MET E 180 -21.91 -41.21 -21.29
N SER E 181 -21.72 -41.64 -20.03
CA SER E 181 -22.26 -42.91 -19.59
C SER E 181 -23.40 -42.66 -18.60
N SER E 182 -24.46 -43.45 -18.71
CA SER E 182 -25.52 -43.51 -17.70
C SER E 182 -25.54 -44.91 -17.15
N THR E 183 -25.33 -45.05 -15.85
CA THR E 183 -25.12 -46.37 -15.26
C THR E 183 -26.24 -46.67 -14.29
N LEU E 184 -26.90 -47.81 -14.51
CA LEU E 184 -27.88 -48.30 -13.57
C LEU E 184 -27.15 -49.26 -12.62
N THR E 185 -26.95 -48.81 -11.39
CA THR E 185 -26.27 -49.59 -10.39
C THR E 185 -27.29 -50.46 -9.62
N LEU E 186 -27.23 -51.79 -9.85
CA LEU E 186 -28.10 -52.74 -9.15
C LEU E 186 -27.28 -53.72 -8.35
N THR E 187 -27.92 -54.37 -7.38
CA THR E 187 -27.36 -55.60 -6.82
C THR E 187 -27.64 -56.71 -7.81
N LYS E 188 -26.89 -57.79 -7.68
CA LYS E 188 -27.17 -58.99 -8.41
C LYS E 188 -28.63 -59.42 -8.23
N ASP E 189 -29.13 -59.39 -6.99
CA ASP E 189 -30.55 -59.75 -6.70
C ASP E 189 -31.52 -58.93 -7.51
N GLU E 190 -31.40 -57.62 -7.41
CA GLU E 190 -32.22 -56.71 -8.21
C GLU E 190 -32.13 -57.09 -9.70
N TYR E 191 -30.93 -57.39 -10.18
CA TYR E 191 -30.71 -57.67 -11.60
C TYR E 191 -31.45 -58.93 -12.06
N GLU E 192 -31.34 -59.98 -11.26
CA GLU E 192 -31.90 -61.28 -11.59
C GLU E 192 -33.45 -61.35 -11.45
N ARG E 193 -34.03 -60.38 -10.76
CA ARG E 193 -35.50 -60.32 -10.59
C ARG E 193 -36.24 -59.77 -11.82
N HIS E 194 -35.50 -59.18 -12.76
CA HIS E 194 -36.07 -58.62 -13.96
C HIS E 194 -35.34 -59.16 -15.18
N ASN E 195 -35.96 -59.05 -16.36
CA ASN E 195 -35.37 -59.60 -17.58
C ASN E 195 -35.08 -58.55 -18.67
N SER E 196 -35.93 -57.54 -18.78
CA SER E 196 -35.84 -56.54 -19.87
C SER E 196 -35.25 -55.21 -19.40
N TYR E 197 -34.18 -54.76 -20.07
CA TYR E 197 -33.46 -53.52 -19.68
C TYR E 197 -33.32 -52.58 -20.86
N THR E 198 -33.82 -51.36 -20.71
CA THR E 198 -33.87 -50.42 -21.81
C THR E 198 -33.36 -49.10 -21.37
N CYS E 199 -32.48 -48.51 -22.18
CA CYS E 199 -32.14 -47.11 -22.01
C CYS E 199 -32.48 -46.37 -23.28
N GLU E 200 -33.03 -45.16 -23.13
CA GLU E 200 -33.32 -44.30 -24.28
C GLU E 200 -32.66 -42.97 -24.15
N ALA E 201 -32.01 -42.54 -25.23
CA ALA E 201 -31.34 -41.25 -25.29
C ALA E 201 -32.28 -40.27 -25.97
N THR E 202 -32.37 -39.05 -25.44
CA THR E 202 -33.35 -38.10 -25.90
C THR E 202 -32.78 -36.67 -25.77
N PRO E 209 -34.96 -40.04 -31.01
CA PRO E 209 -34.98 -40.89 -29.81
C PRO E 209 -34.38 -42.27 -30.09
N ILE E 210 -33.26 -42.57 -29.44
CA ILE E 210 -32.54 -43.83 -29.68
C ILE E 210 -32.70 -44.76 -28.48
N VAL E 211 -33.17 -45.98 -28.75
CA VAL E 211 -33.47 -46.92 -27.70
C VAL E 211 -32.58 -48.13 -27.88
N LYS E 212 -31.87 -48.52 -26.81
CA LYS E 212 -31.10 -49.76 -26.81
C LYS E 212 -31.62 -50.66 -25.71
N SER E 213 -31.68 -51.95 -26.02
CA SER E 213 -32.43 -52.89 -25.21
C SER E 213 -31.69 -54.21 -25.17
N PHE E 214 -31.86 -54.94 -24.07
CA PHE E 214 -31.44 -56.32 -23.99
C PHE E 214 -32.25 -57.04 -22.95
N ASN E 215 -32.18 -58.36 -23.01
CA ASN E 215 -32.87 -59.21 -22.09
C ASN E 215 -31.87 -60.08 -21.37
N ARG E 216 -31.98 -60.15 -20.05
CA ARG E 216 -30.97 -60.80 -19.23
C ARG E 216 -30.68 -62.25 -19.65
N ASN E 217 -31.73 -63.00 -19.97
CA ASN E 217 -31.58 -64.42 -20.36
C ASN E 217 -30.93 -64.62 -21.78
N ARG E 218 -30.63 -63.69 -22.55
N GLU F 1 13.31 -33.35 -22.10
CA GLU F 1 14.49 -33.21 -21.18
C GLU F 1 14.09 -32.55 -19.88
N VAL F 2 13.53 -31.33 -19.97
CA VAL F 2 13.04 -30.62 -18.78
C VAL F 2 11.95 -31.48 -18.13
N LYS F 3 12.16 -31.88 -16.88
CA LYS F 3 11.24 -32.78 -16.17
C LYS F 3 11.05 -32.35 -14.72
N LEU F 4 9.79 -32.33 -14.29
CA LEU F 4 9.44 -32.05 -12.89
C LEU F 4 8.56 -33.19 -12.37
N LEU F 5 9.20 -34.14 -11.67
CA LEU F 5 8.49 -35.35 -11.17
C LEU F 5 8.03 -35.16 -9.73
N GLU F 6 6.73 -35.13 -9.54
CA GLU F 6 6.16 -34.90 -8.22
C GLU F 6 5.79 -36.21 -7.52
N SER F 7 5.94 -36.23 -6.20
CA SER F 7 5.57 -37.36 -5.36
C SER F 7 5.09 -36.86 -4.00
N GLY F 8 4.60 -37.78 -3.17
CA GLY F 8 4.32 -37.50 -1.77
C GLY F 8 2.85 -37.31 -1.45
N GLY F 9 2.00 -37.44 -2.46
CA GLY F 9 0.55 -37.32 -2.28
C GLY F 9 -0.13 -38.61 -1.80
N GLY F 10 -1.45 -38.60 -1.84
CA GLY F 10 -2.25 -39.74 -1.44
C GLY F 10 -3.40 -39.31 -0.53
N LEU F 11 -3.49 -39.98 0.62
CA LEU F 11 -4.48 -39.67 1.64
C LEU F 11 -3.79 -39.26 2.96
N VAL F 12 -4.37 -38.26 3.63
CA VAL F 12 -3.97 -37.86 4.97
C VAL F 12 -5.24 -37.58 5.79
N GLN F 13 -5.16 -37.78 7.09
CA GLN F 13 -6.34 -37.60 7.95
C GLN F 13 -6.46 -36.13 8.36
N PRO F 14 -7.68 -35.65 8.58
CA PRO F 14 -7.87 -34.24 8.87
C PRO F 14 -7.13 -33.87 10.13
N GLY F 15 -6.49 -32.70 10.10
CA GLY F 15 -5.62 -32.27 11.20
C GLY F 15 -4.19 -32.75 11.03
N GLY F 16 -3.96 -33.55 10.01
CA GLY F 16 -2.65 -34.14 9.78
C GLY F 16 -1.68 -33.26 9.05
N SER F 17 -0.51 -33.83 8.78
CA SER F 17 0.54 -33.15 8.02
C SER F 17 1.00 -34.04 6.86
N GLN F 18 1.47 -33.40 5.78
CA GLN F 18 2.00 -34.11 4.63
C GLN F 18 3.03 -33.28 3.93
N LYS F 19 4.11 -33.93 3.49
CA LYS F 19 5.14 -33.25 2.69
C LYS F 19 5.18 -33.82 1.28
N LEU F 20 5.06 -32.93 0.29
CA LEU F 20 5.20 -33.30 -1.12
C LEU F 20 6.60 -32.94 -1.60
N SER F 21 7.15 -33.77 -2.48
CA SER F 21 8.42 -33.51 -3.11
C SER F 21 8.23 -33.27 -4.60
N CYS F 22 9.22 -32.65 -5.22
CA CYS F 22 9.18 -32.38 -6.63
C CYS F 22 10.61 -32.41 -7.14
N ALA F 23 10.93 -33.43 -7.96
CA ALA F 23 12.33 -33.71 -8.39
C ALA F 23 12.59 -33.29 -9.83
N ALA F 24 13.57 -32.41 -10.01
CA ALA F 24 13.83 -31.75 -11.27
C ALA F 24 14.95 -32.40 -12.01
N SER F 25 14.87 -32.37 -13.34
CA SER F 25 15.98 -32.80 -14.20
C SER F 25 15.88 -32.15 -15.59
N GLY F 26 16.97 -32.23 -16.35
CA GLY F 26 17.05 -31.64 -17.69
C GLY F 26 17.28 -30.14 -17.68
N PHE F 27 17.80 -29.60 -16.57
CA PHE F 27 18.18 -28.17 -16.44
C PHE F 27 18.83 -27.91 -15.09
N ASP F 28 19.43 -26.74 -14.95
CA ASP F 28 20.13 -26.38 -13.72
C ASP F 28 19.12 -25.92 -12.68
N PHE F 29 18.65 -26.85 -11.87
CA PHE F 29 17.59 -26.58 -10.88
C PHE F 29 17.89 -25.37 -9.98
N SER F 30 19.15 -25.23 -9.57
CA SER F 30 19.55 -24.23 -8.59
C SER F 30 19.58 -22.79 -9.13
N GLY F 31 19.47 -22.62 -10.44
CA GLY F 31 19.46 -21.29 -11.05
C GLY F 31 18.08 -20.65 -11.19
N TYR F 32 17.02 -21.41 -10.87
CA TYR F 32 15.65 -20.95 -11.15
C TYR F 32 14.83 -20.81 -9.88
N TRP F 33 13.89 -19.85 -9.90
CA TRP F 33 12.82 -19.78 -8.90
C TRP F 33 11.87 -20.92 -9.15
N MET F 34 11.21 -21.40 -8.10
CA MET F 34 10.28 -22.52 -8.17
C MET F 34 9.05 -22.16 -7.37
N SER F 35 7.91 -22.71 -7.75
CA SER F 35 6.61 -22.35 -7.16
C SER F 35 5.73 -23.56 -6.91
N TRP F 36 4.71 -23.39 -6.08
CA TRP F 36 3.67 -24.37 -5.89
C TRP F 36 2.32 -23.75 -6.19
N VAL F 37 1.54 -24.46 -7.00
CA VAL F 37 0.19 -24.06 -7.31
C VAL F 37 -0.69 -25.30 -7.11
N ARG F 38 -1.92 -25.08 -6.63
CA ARG F 38 -2.85 -26.17 -6.43
C ARG F 38 -4.21 -25.91 -7.05
N GLN F 39 -4.96 -26.99 -7.22
CA GLN F 39 -6.24 -26.94 -7.90
C GLN F 39 -7.22 -27.91 -7.26
N ALA F 40 -8.31 -27.40 -6.69
CA ALA F 40 -9.35 -28.26 -6.11
C ALA F 40 -10.17 -28.89 -7.25
N PRO F 41 -10.72 -30.09 -7.02
CA PRO F 41 -11.50 -30.78 -8.06
C PRO F 41 -12.65 -29.93 -8.67
N GLY F 42 -12.58 -29.72 -9.99
CA GLY F 42 -13.55 -28.87 -10.70
C GLY F 42 -13.47 -27.38 -10.38
N LYS F 43 -12.35 -26.96 -9.78
CA LYS F 43 -12.15 -25.57 -9.37
C LYS F 43 -10.91 -24.99 -10.04
N GLY F 44 -10.71 -23.69 -9.88
CA GLY F 44 -9.62 -22.99 -10.54
C GLY F 44 -8.26 -23.19 -9.89
N LEU F 45 -7.31 -22.35 -10.26
CA LEU F 45 -5.93 -22.46 -9.77
C LEU F 45 -5.72 -21.51 -8.62
N GLU F 46 -4.96 -21.96 -7.63
CA GLU F 46 -4.59 -21.13 -6.48
C GLU F 46 -3.08 -21.21 -6.26
N TRP F 47 -2.44 -20.04 -6.23
CA TRP F 47 -1.01 -19.95 -5.98
C TRP F 47 -0.75 -20.16 -4.49
N ILE F 48 0.21 -21.03 -4.17
CA ILE F 48 0.56 -21.30 -2.79
C ILE F 48 1.74 -20.43 -2.40
N GLY F 49 2.81 -20.51 -3.19
CA GLY F 49 3.99 -19.72 -2.95
C GLY F 49 5.13 -20.01 -3.89
N GLU F 50 6.23 -19.27 -3.73
CA GLU F 50 7.44 -19.46 -4.50
C GLU F 50 8.67 -19.29 -3.63
N ILE F 51 9.80 -19.79 -4.13
CA ILE F 51 11.07 -19.73 -3.43
C ILE F 51 12.18 -19.44 -4.43
N ASN F 52 13.11 -18.57 -4.04
CA ASN F 52 14.22 -18.20 -4.90
C ASN F 52 15.35 -19.24 -4.81
N PRO F 53 16.26 -19.26 -5.79
CA PRO F 53 17.34 -20.24 -5.85
C PRO F 53 18.00 -20.58 -4.52
N ASP F 54 18.41 -19.56 -3.76
CA ASP F 54 19.18 -19.80 -2.53
C ASP F 54 18.31 -19.85 -1.27
N SER F 55 16.99 -19.83 -1.42
CA SER F 55 16.05 -19.97 -0.31
C SER F 55 16.07 -18.78 0.66
N SER F 56 16.55 -17.61 0.20
CA SER F 56 16.59 -16.40 1.03
C SER F 56 15.23 -15.75 1.01
N THR F 57 14.54 -15.86 -0.13
CA THR F 57 13.25 -15.24 -0.35
C THR F 57 12.20 -16.31 -0.57
N ILE F 58 11.16 -16.30 0.25
CA ILE F 58 10.01 -17.19 0.11
C ILE F 58 8.75 -16.35 0.24
N ASN F 59 7.93 -16.34 -0.80
CA ASN F 59 6.66 -15.62 -0.78
C ASN F 59 5.50 -16.62 -0.69
N TYR F 60 4.40 -16.21 -0.06
CA TYR F 60 3.20 -17.08 0.11
C TYR F 60 1.91 -16.31 -0.18
N THR F 61 0.85 -17.04 -0.46
CA THR F 61 -0.49 -16.50 -0.31
C THR F 61 -0.66 -16.20 1.19
N PRO F 62 -1.04 -14.96 1.57
CA PRO F 62 -1.14 -14.60 2.98
C PRO F 62 -1.98 -15.62 3.78
N SER F 63 -3.17 -15.94 3.28
CA SER F 63 -4.07 -16.89 3.96
C SER F 63 -3.50 -18.30 4.14
N LEU F 64 -2.47 -18.66 3.37
CA LEU F 64 -1.88 -20.01 3.40
C LEU F 64 -0.54 -20.11 4.17
N LYS F 65 0.00 -18.97 4.62
CA LYS F 65 1.32 -18.95 5.31
C LYS F 65 1.34 -19.78 6.61
N ASP F 66 0.20 -19.85 7.30
CA ASP F 66 0.11 -20.55 8.60
C ASP F 66 -0.12 -22.05 8.49
N LYS F 67 -0.25 -22.58 7.27
CA LYS F 67 -0.32 -24.03 7.07
C LYS F 67 0.82 -24.61 6.22
N PHE F 68 1.38 -23.83 5.29
CA PHE F 68 2.32 -24.34 4.29
C PHE F 68 3.74 -23.80 4.50
N ILE F 69 4.73 -24.69 4.37
CA ILE F 69 6.16 -24.29 4.46
C ILE F 69 6.91 -24.80 3.23
N ILE F 70 7.37 -23.86 2.39
CA ILE F 70 8.12 -24.21 1.16
C ILE F 70 9.61 -24.19 1.44
N SER F 71 10.29 -25.19 0.89
CA SER F 71 11.72 -25.34 1.08
C SER F 71 12.27 -26.04 -0.16
N ARG F 72 13.59 -26.18 -0.22
CA ARG F 72 14.23 -26.83 -1.36
C ARG F 72 15.65 -27.27 -1.03
N ASP F 73 16.10 -28.29 -1.74
CA ASP F 73 17.46 -28.82 -1.63
C ASP F 73 18.08 -28.85 -3.02
N ASN F 74 19.04 -27.97 -3.27
CA ASN F 74 19.67 -27.86 -4.60
C ASN F 74 20.62 -29.01 -4.91
N ALA F 75 21.24 -29.58 -3.89
CA ALA F 75 22.09 -30.76 -4.06
C ALA F 75 21.26 -31.96 -4.49
N LYS F 76 20.04 -32.06 -3.96
CA LYS F 76 19.09 -33.12 -4.34
C LYS F 76 18.20 -32.74 -5.54
N ASN F 77 18.34 -31.52 -6.04
CA ASN F 77 17.51 -31.00 -7.13
C ASN F 77 16.02 -31.21 -6.88
N THR F 78 15.59 -30.91 -5.65
CA THR F 78 14.23 -31.19 -5.23
C THR F 78 13.60 -29.98 -4.56
N LEU F 79 12.30 -29.83 -4.79
CA LEU F 79 11.50 -28.77 -4.21
C LEU F 79 10.49 -29.43 -3.30
N TYR F 80 10.26 -28.82 -2.13
CA TYR F 80 9.38 -29.42 -1.15
C TYR F 80 8.27 -28.47 -0.74
N LEU F 81 7.14 -29.04 -0.33
CA LEU F 81 6.03 -28.29 0.28
C LEU F 81 5.53 -29.09 1.47
N GLN F 82 5.83 -28.59 2.68
CA GLN F 82 5.35 -29.19 3.91
C GLN F 82 4.03 -28.52 4.30
N MET F 83 3.00 -29.33 4.58
CA MET F 83 1.74 -28.80 5.12
C MET F 83 1.40 -29.50 6.43
N SER F 84 0.70 -28.76 7.31
CA SER F 84 0.21 -29.34 8.56
C SER F 84 -1.20 -28.80 8.90
N LYS F 85 -1.84 -29.42 9.90
CA LYS F 85 -3.19 -29.02 10.39
C LYS F 85 -4.19 -29.00 9.26
N VAL F 86 -4.11 -30.04 8.44
CA VAL F 86 -4.66 -30.00 7.12
C VAL F 86 -6.19 -30.20 7.19
N ARG F 87 -6.89 -29.66 6.19
CA ARG F 87 -8.34 -29.67 6.19
C ARG F 87 -8.92 -30.13 4.84
N SER F 88 -10.18 -30.59 4.89
CA SER F 88 -11.02 -30.83 3.71
C SER F 88 -10.71 -29.89 2.53
N GLU F 89 -10.61 -28.59 2.83
CA GLU F 89 -10.31 -27.56 1.82
C GLU F 89 -8.92 -27.71 1.14
N ASP F 90 -8.01 -28.45 1.77
CA ASP F 90 -6.66 -28.71 1.21
C ASP F 90 -6.59 -29.94 0.27
N THR F 91 -7.73 -30.61 0.06
CA THR F 91 -7.79 -31.68 -0.94
C THR F 91 -7.65 -31.07 -2.33
N ALA F 92 -6.52 -31.34 -2.99
CA ALA F 92 -6.27 -30.78 -4.31
C ALA F 92 -5.18 -31.53 -5.05
N LEU F 93 -5.06 -31.22 -6.34
CA LEU F 93 -3.89 -31.55 -7.11
C LEU F 93 -2.87 -30.41 -6.90
N TYR F 94 -1.65 -30.77 -6.51
CA TYR F 94 -0.59 -29.80 -6.21
C TYR F 94 0.43 -29.88 -7.29
N TYR F 95 0.57 -28.79 -8.05
CA TYR F 95 1.62 -28.65 -9.07
C TYR F 95 2.82 -27.94 -8.49
N CYS F 96 4.01 -28.35 -8.92
CA CYS F 96 5.19 -27.48 -8.81
C CYS F 96 5.50 -26.88 -10.18
N ALA F 97 6.08 -25.68 -10.18
CA ALA F 97 6.38 -24.96 -11.41
C ALA F 97 7.75 -24.27 -11.35
N ARG F 98 8.40 -24.22 -12.50
CA ARG F 98 9.65 -23.51 -12.67
C ARG F 98 9.39 -22.12 -13.27
N GLU F 99 9.86 -21.08 -12.58
CA GLU F 99 9.87 -19.70 -13.11
C GLU F 99 8.59 -19.30 -13.85
N THR F 100 7.49 -19.20 -13.11
CA THR F 100 6.20 -18.91 -13.71
C THR F 100 6.20 -17.52 -14.36
N GLY F 101 5.47 -17.39 -15.47
CA GLY F 101 5.29 -16.10 -16.12
C GLY F 101 6.55 -15.61 -16.82
N THR F 102 7.35 -16.53 -17.31
CA THR F 102 8.59 -16.20 -18.00
C THR F 102 8.79 -17.23 -19.11
N ARG F 103 9.80 -17.04 -19.96
CA ARG F 103 10.03 -17.99 -21.07
C ARG F 103 10.40 -19.43 -20.60
N PHE F 104 10.80 -19.56 -19.33
CA PHE F 104 11.14 -20.83 -18.69
C PHE F 104 9.92 -21.49 -18.02
N ASP F 105 8.74 -20.91 -18.18
CA ASP F 105 7.55 -21.41 -17.52
C ASP F 105 7.37 -22.88 -17.85
N TYR F 106 7.39 -23.73 -16.82
CA TYR F 106 7.11 -25.16 -16.99
C TYR F 106 6.57 -25.79 -15.71
N TRP F 107 5.49 -26.54 -15.84
CA TRP F 107 4.74 -27.09 -14.71
C TRP F 107 4.86 -28.60 -14.66
N GLY F 108 4.89 -29.16 -13.46
CA GLY F 108 4.86 -30.60 -13.29
C GLY F 108 3.47 -31.19 -13.52
N GLN F 109 3.40 -32.51 -13.50
CA GLN F 109 2.16 -33.24 -13.76
C GLN F 109 1.16 -33.15 -12.58
N GLY F 110 1.68 -32.97 -11.36
CA GLY F 110 0.87 -32.82 -10.18
C GLY F 110 0.87 -34.09 -9.36
N THR F 111 0.66 -33.96 -8.04
CA THR F 111 0.26 -35.09 -7.18
C THR F 111 -1.00 -34.72 -6.45
N THR F 112 -1.82 -35.73 -6.21
CA THR F 112 -3.12 -35.55 -5.63
C THR F 112 -3.02 -35.85 -4.16
N LEU F 113 -3.39 -34.88 -3.34
CA LEU F 113 -3.57 -35.08 -1.90
C LEU F 113 -5.06 -34.99 -1.57
N THR F 114 -5.55 -35.98 -0.80
CA THR F 114 -6.93 -36.01 -0.32
C THR F 114 -6.89 -36.01 1.20
N VAL F 115 -7.71 -35.14 1.82
CA VAL F 115 -7.81 -35.04 3.28
C VAL F 115 -9.12 -35.72 3.72
N SER F 116 -8.98 -36.85 4.42
CA SER F 116 -10.13 -37.74 4.71
C SER F 116 -9.78 -38.65 5.88
N SER F 117 -10.78 -39.01 6.67
CA SER F 117 -10.63 -40.00 7.70
C SER F 117 -10.96 -41.41 7.17
N ALA F 118 -11.44 -41.47 5.93
CA ALA F 118 -11.78 -42.73 5.29
C ALA F 118 -10.52 -43.60 5.02
N THR F 119 -10.78 -44.86 4.65
CA THR F 119 -9.75 -45.84 4.32
C THR F 119 -9.51 -45.91 2.80
N THR F 120 -8.25 -45.82 2.41
CA THR F 120 -7.86 -46.08 1.05
C THR F 120 -8.34 -47.47 0.61
N THR F 121 -8.93 -47.54 -0.58
CA THR F 121 -9.54 -48.81 -1.10
C THR F 121 -9.17 -49.00 -2.55
N ALA F 122 -8.67 -50.20 -2.87
CA ALA F 122 -8.34 -50.55 -4.23
C ALA F 122 -9.60 -50.76 -5.05
N PRO F 123 -9.53 -50.48 -6.37
CA PRO F 123 -10.65 -50.70 -7.27
C PRO F 123 -10.82 -52.14 -7.64
N SER F 124 -12.05 -52.49 -8.02
CA SER F 124 -12.35 -53.70 -8.73
C SER F 124 -12.62 -53.31 -10.14
N VAL F 125 -12.12 -54.09 -11.09
CA VAL F 125 -12.31 -53.77 -12.50
C VAL F 125 -13.04 -54.89 -13.23
N TYR F 126 -14.06 -54.49 -14.00
CA TYR F 126 -14.94 -55.42 -14.71
C TYR F 126 -15.05 -55.01 -16.18
N PRO F 127 -15.14 -55.98 -17.08
CA PRO F 127 -15.18 -55.67 -18.52
C PRO F 127 -16.55 -55.18 -18.98
N LEU F 128 -16.56 -54.28 -19.94
CA LEU F 128 -17.76 -53.82 -20.61
C LEU F 128 -17.71 -54.39 -22.01
N VAL F 129 -18.56 -55.41 -22.23
CA VAL F 129 -18.58 -56.17 -23.47
C VAL F 129 -20.00 -56.08 -24.04
N PRO F 130 -20.14 -55.83 -25.34
CA PRO F 130 -21.47 -55.56 -25.94
C PRO F 130 -22.54 -56.65 -25.73
N SER F 136 -24.02 -55.09 -34.28
CA SER F 136 -22.89 -55.70 -34.96
C SER F 136 -22.58 -54.94 -36.24
N GLY F 137 -21.87 -53.82 -36.11
CA GLY F 137 -21.57 -52.92 -37.22
C GLY F 137 -20.08 -52.87 -37.54
N SER F 138 -19.67 -51.84 -38.29
CA SER F 138 -18.27 -51.65 -38.71
C SER F 138 -17.30 -51.48 -37.53
N SER F 139 -17.78 -50.84 -36.45
CA SER F 139 -16.98 -50.64 -35.24
C SER F 139 -17.66 -51.27 -34.01
N VAL F 140 -16.85 -51.58 -33.00
CA VAL F 140 -17.36 -52.07 -31.72
C VAL F 140 -16.74 -51.27 -30.57
N THR F 141 -17.58 -51.00 -29.56
CA THR F 141 -17.16 -50.25 -28.39
C THR F 141 -17.07 -51.17 -27.16
N LEU F 142 -15.89 -51.17 -26.55
CA LEU F 142 -15.60 -51.97 -25.37
C LEU F 142 -15.22 -51.01 -24.24
N GLY F 143 -15.08 -51.56 -23.03
CA GLY F 143 -14.67 -50.74 -21.90
C GLY F 143 -14.31 -51.54 -20.70
N CYS F 144 -13.83 -50.86 -19.68
CA CYS F 144 -13.84 -51.42 -18.35
C CYS F 144 -14.46 -50.49 -17.35
N LEU F 145 -15.06 -51.10 -16.36
CA LEU F 145 -15.77 -50.41 -15.31
C LEU F 145 -14.85 -50.50 -14.10
N VAL F 146 -14.39 -49.35 -13.62
CA VAL F 146 -13.50 -49.27 -12.49
C VAL F 146 -14.29 -48.74 -11.30
N LYS F 147 -14.35 -49.53 -10.22
CA LYS F 147 -15.35 -49.32 -9.16
C LYS F 147 -14.77 -49.47 -7.76
N GLY F 148 -15.37 -48.76 -6.81
CA GLY F 148 -15.15 -49.02 -5.40
C GLY F 148 -13.87 -48.51 -4.80
N TYR F 149 -13.20 -47.58 -5.48
CA TYR F 149 -11.89 -47.10 -5.02
C TYR F 149 -12.00 -45.78 -4.29
N PHE F 150 -10.99 -45.52 -3.47
CA PHE F 150 -10.86 -44.27 -2.74
C PHE F 150 -9.39 -44.17 -2.28
N PRO F 151 -8.76 -42.99 -2.34
CA PRO F 151 -9.29 -41.79 -2.96
C PRO F 151 -9.09 -41.79 -4.47
N GLU F 152 -9.34 -40.64 -5.08
CA GLU F 152 -8.89 -40.35 -6.43
C GLU F 152 -7.39 -40.06 -6.49
N PRO F 153 -6.76 -40.21 -7.67
CA PRO F 153 -7.42 -40.63 -8.92
C PRO F 153 -7.14 -42.09 -9.32
N VAL F 154 -7.68 -42.47 -10.47
CA VAL F 154 -7.35 -43.69 -11.15
C VAL F 154 -6.89 -43.32 -12.57
N THR F 155 -5.96 -44.09 -13.12
CA THR F 155 -5.51 -43.91 -14.51
C THR F 155 -5.93 -45.12 -15.29
N VAL F 156 -6.42 -44.89 -16.52
CA VAL F 156 -6.74 -45.99 -17.42
C VAL F 156 -6.08 -45.74 -18.76
N LYS F 157 -5.39 -46.75 -19.27
CA LYS F 157 -4.87 -46.75 -20.60
C LYS F 157 -5.28 -48.04 -21.25
N TRP F 158 -5.18 -48.09 -22.57
CA TRP F 158 -5.54 -49.26 -23.36
C TRP F 158 -4.34 -49.76 -24.12
N ASN F 159 -4.16 -51.08 -24.15
CA ASN F 159 -2.97 -51.69 -24.75
C ASN F 159 -1.71 -50.93 -24.39
N TYR F 160 -1.54 -50.67 -23.09
CA TYR F 160 -0.33 -50.01 -22.57
C TYR F 160 -0.08 -48.63 -23.19
N GLY F 161 -1.16 -47.93 -23.54
CA GLY F 161 -1.05 -46.61 -24.17
C GLY F 161 -1.06 -46.65 -25.70
N ALA F 162 -0.74 -47.82 -26.28
CA ALA F 162 -0.69 -47.97 -27.73
C ALA F 162 -2.04 -47.72 -28.37
N LEU F 163 -3.12 -47.96 -27.63
CA LEU F 163 -4.44 -47.66 -28.12
C LEU F 163 -4.88 -46.33 -27.52
N SER F 164 -4.80 -45.27 -28.34
CA SER F 164 -5.10 -43.90 -27.92
C SER F 164 -6.34 -43.32 -28.61
N SER F 165 -6.44 -43.52 -29.93
CA SER F 165 -7.60 -43.01 -30.67
C SER F 165 -8.86 -43.67 -30.15
N GLY F 166 -9.94 -42.90 -30.09
CA GLY F 166 -11.25 -43.44 -29.80
C GLY F 166 -11.50 -43.80 -28.34
N VAL F 167 -10.68 -43.26 -27.43
CA VAL F 167 -10.82 -43.55 -25.99
C VAL F 167 -11.69 -42.48 -25.37
N ARG F 168 -12.58 -42.91 -24.48
CA ARG F 168 -13.52 -42.00 -23.87
C ARG F 168 -13.60 -42.39 -22.43
N THR F 169 -13.01 -41.56 -21.57
CA THR F 169 -13.02 -41.81 -20.16
C THR F 169 -13.83 -40.75 -19.51
N VAL F 170 -14.77 -41.21 -18.73
CA VAL F 170 -15.83 -40.42 -18.24
C VAL F 170 -15.43 -39.91 -16.84
N SER F 171 -15.83 -38.71 -16.50
CA SER F 171 -15.57 -38.17 -15.16
C SER F 171 -15.97 -39.20 -14.07
N SER F 172 -15.16 -39.30 -13.02
CA SER F 172 -15.45 -40.17 -11.90
C SER F 172 -16.73 -39.71 -11.17
N VAL F 173 -17.26 -40.58 -10.33
CA VAL F 173 -18.54 -40.37 -9.69
C VAL F 173 -18.43 -40.90 -8.26
N LEU F 174 -18.77 -40.07 -7.28
CA LEU F 174 -18.77 -40.45 -5.89
C LEU F 174 -20.17 -40.95 -5.48
N GLN F 175 -20.23 -42.14 -4.91
CA GLN F 175 -21.47 -42.65 -4.32
C GLN F 175 -21.11 -43.44 -3.09
N SER F 176 -21.71 -43.09 -1.96
CA SER F 176 -21.49 -43.79 -0.71
C SER F 176 -20.01 -43.88 -0.30
N GLY F 177 -19.24 -42.83 -0.58
CA GLY F 177 -17.83 -42.76 -0.16
C GLY F 177 -16.79 -43.43 -1.07
N PHE F 178 -17.25 -43.97 -2.21
CA PHE F 178 -16.31 -44.58 -3.17
C PHE F 178 -16.54 -44.06 -4.55
N TYR F 179 -15.48 -44.09 -5.35
CA TYR F 179 -15.51 -43.59 -6.69
C TYR F 179 -15.67 -44.71 -7.70
N SER F 180 -16.29 -44.39 -8.82
CA SER F 180 -16.20 -45.27 -9.96
C SER F 180 -16.19 -44.48 -11.24
N LEU F 181 -15.68 -45.09 -12.29
CA LEU F 181 -15.67 -44.50 -13.61
C LEU F 181 -15.71 -45.59 -14.66
N SER F 182 -15.92 -45.18 -15.89
CA SER F 182 -15.83 -46.08 -17.02
C SER F 182 -14.94 -45.48 -18.06
N SER F 183 -14.13 -46.33 -18.65
CA SER F 183 -13.35 -45.93 -19.80
C SER F 183 -13.73 -46.86 -20.92
N LEU F 184 -13.96 -46.28 -22.08
CA LEU F 184 -14.39 -47.05 -23.21
C LEU F 184 -13.55 -46.71 -24.40
N VAL F 185 -13.40 -47.70 -25.29
CA VAL F 185 -12.70 -47.53 -26.57
C VAL F 185 -13.54 -48.06 -27.71
N THR F 186 -13.58 -47.29 -28.79
CA THR F 186 -14.14 -47.78 -30.02
C THR F 186 -13.01 -48.19 -30.93
N VAL F 187 -13.19 -49.34 -31.57
CA VAL F 187 -12.17 -50.04 -32.28
C VAL F 187 -12.89 -50.71 -33.46
N PRO F 188 -12.23 -50.92 -34.60
CA PRO F 188 -12.86 -51.63 -35.70
C PRO F 188 -13.31 -53.04 -35.30
N SER F 189 -14.51 -53.43 -35.73
CA SER F 189 -15.04 -54.75 -35.42
C SER F 189 -14.19 -55.90 -35.98
N SER F 190 -13.37 -55.60 -37.01
CA SER F 190 -12.42 -56.57 -37.57
C SER F 190 -11.15 -56.74 -36.72
N THR F 191 -10.94 -55.84 -35.76
CA THR F 191 -9.78 -55.92 -34.87
C THR F 191 -10.12 -56.50 -33.47
N TRP F 192 -11.39 -56.83 -33.22
CA TRP F 192 -11.74 -57.49 -31.98
C TRP F 192 -12.91 -58.47 -32.18
N PRO F 193 -12.70 -59.75 -31.85
CA PRO F 193 -11.40 -60.43 -31.91
C PRO F 193 -11.42 -61.48 -33.03
N SER F 194 -10.30 -61.77 -33.73
CA SER F 194 -9.18 -60.86 -33.95
C SER F 194 -8.30 -60.57 -32.71
N GLN F 195 -8.02 -59.30 -32.44
CA GLN F 195 -6.82 -58.92 -31.71
C GLN F 195 -7.09 -58.66 -30.24
N THR F 196 -6.00 -58.51 -29.49
CA THR F 196 -6.07 -58.36 -28.04
C THR F 196 -6.39 -56.89 -27.66
N VAL F 197 -7.37 -56.72 -26.79
CA VAL F 197 -7.63 -55.40 -26.18
C VAL F 197 -7.53 -55.56 -24.69
N ILE F 198 -6.74 -54.69 -24.06
CA ILE F 198 -6.43 -54.74 -22.64
C ILE F 198 -6.62 -53.35 -22.09
N CYS F 199 -7.25 -53.22 -20.92
CA CYS F 199 -7.16 -51.97 -20.21
C CYS F 199 -6.23 -52.09 -19.03
N ASN F 200 -5.38 -51.07 -18.90
CA ASN F 200 -4.42 -50.96 -17.83
C ASN F 200 -4.95 -49.93 -16.82
N VAL F 201 -5.20 -50.37 -15.60
CA VAL F 201 -5.79 -49.48 -14.58
C VAL F 201 -4.79 -49.33 -13.46
N ALA F 202 -4.55 -48.10 -13.03
CA ALA F 202 -3.70 -47.84 -11.87
C ALA F 202 -4.44 -47.01 -10.83
N HIS F 203 -4.22 -47.32 -9.56
CA HIS F 203 -4.73 -46.52 -8.43
C HIS F 203 -3.55 -46.27 -7.47
N PRO F 204 -2.80 -45.19 -7.69
CA PRO F 204 -1.57 -44.95 -6.95
C PRO F 204 -1.72 -44.98 -5.41
N ALA F 205 -2.86 -44.55 -4.88
CA ALA F 205 -3.02 -44.43 -3.40
C ALA F 205 -2.92 -45.81 -2.71
N SER F 206 -3.42 -46.85 -3.39
CA SER F 206 -3.34 -48.22 -2.93
C SER F 206 -2.20 -49.00 -3.61
N LYS F 207 -1.38 -48.32 -4.40
CA LYS F 207 -0.35 -48.95 -5.25
C LYS F 207 -0.91 -50.16 -6.01
N THR F 208 -2.09 -49.98 -6.60
CA THR F 208 -2.75 -51.00 -7.39
C THR F 208 -2.42 -50.80 -8.85
N GLU F 209 -2.18 -51.90 -9.54
CA GLU F 209 -1.77 -51.90 -10.93
C GLU F 209 -2.28 -53.18 -11.54
N LEU F 210 -3.25 -53.07 -12.42
CA LEU F 210 -3.88 -54.26 -12.95
C LEU F 210 -4.27 -54.12 -14.39
N ILE F 211 -4.52 -55.27 -14.97
CA ILE F 211 -4.75 -55.41 -16.39
C ILE F 211 -5.92 -56.32 -16.55
N LYS F 212 -6.78 -55.98 -17.49
CA LYS F 212 -7.92 -56.76 -17.79
C LYS F 212 -8.02 -56.89 -19.30
N ARG F 213 -8.05 -58.12 -19.78
CA ARG F 213 -8.16 -58.42 -21.20
C ARG F 213 -9.63 -58.61 -21.51
N ILE F 214 -10.10 -57.89 -22.51
CA ILE F 214 -11.52 -57.90 -22.82
C ILE F 214 -11.75 -59.06 -23.77
N GLU F 215 -12.64 -59.96 -23.36
CA GLU F 215 -12.88 -61.19 -24.12
C GLU F 215 -14.41 -61.33 -24.38
N PRO F 216 -14.80 -61.86 -25.55
CA PRO F 216 -16.21 -61.81 -25.99
C PRO F 216 -17.17 -62.65 -25.14
N ARG F 217 -18.40 -62.53 -25.27
N ASP G 1 -21.60 -12.42 -14.16
CA ASP G 1 -22.16 -11.90 -12.89
C ASP G 1 -21.12 -11.01 -12.22
N ILE G 2 -21.58 -9.94 -11.54
CA ILE G 2 -20.71 -9.04 -10.76
C ILE G 2 -20.20 -9.75 -9.50
N VAL G 3 -18.88 -9.91 -9.41
CA VAL G 3 -18.25 -10.54 -8.27
C VAL G 3 -17.97 -9.49 -7.18
N MET G 4 -18.39 -9.79 -5.96
CA MET G 4 -18.11 -8.95 -4.78
C MET G 4 -17.03 -9.61 -3.95
N THR G 5 -16.02 -8.85 -3.56
CA THR G 5 -14.86 -9.38 -2.82
C THR G 5 -14.64 -8.62 -1.52
N GLN G 6 -14.46 -9.35 -0.44
CA GLN G 6 -14.12 -8.74 0.83
C GLN G 6 -13.28 -9.72 1.63
N ALA G 7 -12.65 -9.21 2.69
CA ALA G 7 -11.81 -10.03 3.55
C ALA G 7 -12.63 -11.06 4.31
N ALA G 8 -11.99 -12.18 4.66
CA ALA G 8 -12.61 -13.17 5.54
C ALA G 8 -12.67 -12.67 6.97
N PHE G 9 -11.72 -11.80 7.33
CA PHE G 9 -11.53 -11.38 8.72
C PHE G 9 -11.13 -9.92 8.78
N SER G 10 -11.74 -9.18 9.70
CA SER G 10 -11.28 -7.84 10.04
C SER G 10 -10.11 -8.00 11.01
N ASN G 11 -9.31 -6.95 11.16
CA ASN G 11 -8.35 -6.91 12.25
C ASN G 11 -9.13 -6.80 13.56
N PRO G 12 -8.54 -7.30 14.65
CA PRO G 12 -9.20 -7.19 15.96
C PRO G 12 -9.38 -5.71 16.35
N VAL G 13 -10.62 -5.33 16.66
CA VAL G 13 -11.01 -3.94 16.88
C VAL G 13 -11.24 -3.71 18.38
N THR G 14 -10.57 -2.72 18.96
CA THR G 14 -10.77 -2.39 20.36
C THR G 14 -12.20 -1.92 20.54
N LEU G 15 -12.83 -2.36 21.62
CA LEU G 15 -14.17 -1.87 21.98
C LEU G 15 -14.13 -0.37 22.18
N GLY G 16 -15.13 0.32 21.64
CA GLY G 16 -15.17 1.79 21.68
C GLY G 16 -14.41 2.49 20.56
N THR G 17 -13.55 1.75 19.86
CA THR G 17 -12.84 2.28 18.70
C THR G 17 -13.64 1.91 17.42
N SER G 18 -13.24 2.48 16.29
CA SER G 18 -14.00 2.30 15.04
C SER G 18 -13.51 1.10 14.23
N ALA G 19 -14.44 0.46 13.52
CA ALA G 19 -14.14 -0.63 12.57
C ALA G 19 -14.39 -0.17 11.14
N SER G 20 -13.65 -0.74 10.20
CA SER G 20 -13.77 -0.41 8.77
C SER G 20 -13.66 -1.67 7.94
N ILE G 21 -14.77 -2.02 7.27
CA ILE G 21 -14.84 -3.24 6.48
C ILE G 21 -14.95 -2.90 5.00
N SER G 22 -14.06 -3.51 4.21
CA SER G 22 -13.91 -3.20 2.81
C SER G 22 -14.72 -4.14 1.96
N CYS G 23 -14.98 -3.69 0.74
CA CYS G 23 -15.67 -4.48 -0.24
C CYS G 23 -15.33 -3.95 -1.62
N ARG G 24 -15.18 -4.87 -2.57
CA ARG G 24 -14.75 -4.56 -3.91
C ARG G 24 -15.82 -5.03 -4.84
N SER G 25 -16.08 -4.25 -5.89
CA SER G 25 -17.01 -4.59 -6.93
C SER G 25 -16.23 -4.85 -8.24
N SER G 26 -16.57 -5.92 -8.96
CA SER G 26 -15.91 -6.22 -10.26
C SER G 26 -16.38 -5.30 -11.39
N LYS G 27 -17.56 -4.72 -11.23
CA LYS G 27 -18.06 -3.69 -12.13
C LYS G 27 -18.59 -2.59 -11.22
N SER G 28 -18.70 -1.36 -11.72
CA SER G 28 -19.26 -0.26 -10.93
C SER G 28 -20.70 -0.60 -10.52
N LEU G 29 -21.11 -0.19 -9.31
CA LEU G 29 -22.51 -0.35 -8.84
C LEU G 29 -23.30 0.97 -8.91
N LEU G 30 -22.67 2.04 -9.38
CA LEU G 30 -23.38 3.31 -9.65
C LEU G 30 -24.15 3.24 -10.98
N TYR G 31 -25.45 3.46 -10.90
CA TYR G 31 -26.31 3.43 -12.07
C TYR G 31 -26.54 4.84 -12.49
N SER G 32 -27.01 5.01 -13.74
CA SER G 32 -27.23 6.35 -14.34
C SER G 32 -28.28 7.24 -13.62
N ASN G 33 -29.09 6.65 -12.74
CA ASN G 33 -29.99 7.43 -11.86
C ASN G 33 -29.29 8.03 -10.63
N GLY G 34 -27.98 7.84 -10.54
CA GLY G 34 -27.21 8.40 -9.44
C GLY G 34 -27.17 7.52 -8.19
N ILE G 35 -27.93 6.43 -8.18
CA ILE G 35 -28.01 5.55 -7.02
C ILE G 35 -26.94 4.47 -7.12
N THR G 36 -26.28 4.19 -6.00
CA THR G 36 -25.30 3.13 -5.93
C THR G 36 -25.97 1.92 -5.27
N TYR G 37 -26.02 0.81 -5.99
CA TYR G 37 -26.77 -0.35 -5.54
C TYR G 37 -25.93 -1.32 -4.68
N LEU G 38 -25.44 -0.77 -3.56
CA LEU G 38 -24.67 -1.52 -2.58
C LEU G 38 -25.50 -1.72 -1.31
N TYR G 39 -25.42 -2.93 -0.76
CA TYR G 39 -26.16 -3.32 0.47
C TYR G 39 -25.22 -3.93 1.47
N TRP G 40 -25.51 -3.74 2.77
CA TRP G 40 -24.73 -4.38 3.86
C TRP G 40 -25.65 -5.16 4.77
N TYR G 41 -25.31 -6.44 4.96
CA TYR G 41 -26.01 -7.34 5.89
C TYR G 41 -25.08 -7.78 7.02
N LEU G 42 -25.67 -8.11 8.17
CA LEU G 42 -24.95 -8.58 9.33
C LEU G 42 -25.56 -9.90 9.71
N GLN G 43 -24.73 -10.92 9.91
CA GLN G 43 -25.23 -12.21 10.39
C GLN G 43 -24.58 -12.52 11.70
N LYS G 44 -25.37 -12.48 12.77
CA LYS G 44 -24.86 -12.80 14.08
C LYS G 44 -24.91 -14.32 14.24
N PRO G 45 -24.10 -14.85 15.17
CA PRO G 45 -24.05 -16.30 15.39
C PRO G 45 -25.42 -16.93 15.66
N GLY G 46 -25.77 -17.93 14.85
CA GLY G 46 -27.03 -18.68 15.03
C GLY G 46 -28.30 -18.00 14.53
N GLN G 47 -28.15 -16.85 13.86
CA GLN G 47 -29.29 -16.07 13.37
C GLN G 47 -29.19 -15.90 11.87
N SER G 48 -30.31 -15.55 11.25
CA SER G 48 -30.32 -15.23 9.83
C SER G 48 -29.73 -13.82 9.61
N PRO G 49 -29.36 -13.49 8.37
CA PRO G 49 -28.87 -12.15 8.05
C PRO G 49 -29.91 -11.02 8.28
N GLN G 50 -29.41 -9.85 8.64
CA GLN G 50 -30.23 -8.67 8.80
C GLN G 50 -29.60 -7.51 8.03
N LEU G 51 -30.42 -6.82 7.26
CA LEU G 51 -29.98 -5.67 6.51
C LEU G 51 -29.61 -4.52 7.45
N LEU G 52 -28.43 -3.96 7.25
CA LEU G 52 -28.00 -2.74 7.94
C LEU G 52 -28.25 -1.53 7.06
N ILE G 53 -27.77 -1.60 5.82
CA ILE G 53 -27.71 -0.43 4.92
C ILE G 53 -28.12 -0.82 3.51
N TYR G 54 -28.92 0.02 2.86
CA TYR G 54 -29.32 -0.25 1.49
C TYR G 54 -29.14 0.94 0.55
N GLN G 55 -28.69 0.63 -0.66
CA GLN G 55 -28.35 1.60 -1.69
C GLN G 55 -27.38 2.67 -1.20
N MET G 56 -26.32 2.23 -0.53
CA MET G 56 -25.27 3.11 0.04
C MET G 56 -25.71 3.93 1.27
N SER G 57 -26.79 4.70 1.14
CA SER G 57 -27.07 5.82 2.04
C SER G 57 -28.33 5.67 2.94
N ASN G 58 -28.93 4.48 3.00
CA ASN G 58 -30.15 4.28 3.83
C ASN G 58 -29.94 3.28 4.96
N LEU G 59 -30.05 3.73 6.22
CA LEU G 59 -30.08 2.82 7.38
C LEU G 59 -31.39 2.06 7.36
N ALA G 60 -31.36 0.76 7.65
CA ALA G 60 -32.57 -0.02 7.79
C ALA G 60 -33.22 0.27 9.16
N SER G 61 -34.47 -0.14 9.32
CA SER G 61 -35.22 0.15 10.53
C SER G 61 -34.57 -0.49 11.74
N GLY G 62 -34.34 0.32 12.78
CA GLY G 62 -33.78 -0.19 14.03
C GLY G 62 -32.25 -0.27 14.05
N VAL G 63 -31.62 0.17 12.96
CA VAL G 63 -30.16 0.14 12.86
C VAL G 63 -29.63 1.49 13.30
N PRO G 64 -28.69 1.52 14.24
CA PRO G 64 -28.21 2.78 14.78
C PRO G 64 -27.26 3.49 13.81
N ASP G 65 -27.19 4.81 13.95
CA ASP G 65 -26.35 5.65 13.09
C ASP G 65 -24.84 5.43 13.23
N ARG G 66 -24.43 4.53 14.14
CA ARG G 66 -23.03 4.11 14.23
C ARG G 66 -22.54 3.41 12.93
N PHE G 67 -23.48 2.83 12.18
CA PHE G 67 -23.17 2.20 10.89
C PHE G 67 -23.35 3.20 9.74
N SER G 68 -22.33 3.25 8.86
CA SER G 68 -22.35 4.14 7.70
C SER G 68 -21.50 3.52 6.60
N SER G 69 -21.91 3.69 5.36
CA SER G 69 -21.14 3.20 4.23
C SER G 69 -20.64 4.34 3.35
N SER G 70 -19.48 4.15 2.75
CA SER G 70 -18.96 5.12 1.79
C SER G 70 -18.10 4.42 0.77
N GLY G 71 -17.85 5.12 -0.32
CA GLY G 71 -17.11 4.56 -1.43
C GLY G 71 -17.58 5.23 -2.68
N SER G 72 -17.10 4.76 -3.82
CA SER G 72 -17.62 5.21 -5.08
C SER G 72 -17.31 4.19 -6.15
N GLY G 73 -18.37 3.65 -6.75
CA GLY G 73 -18.27 2.81 -7.94
C GLY G 73 -17.79 1.40 -7.68
N THR G 74 -16.51 1.27 -7.35
CA THR G 74 -15.84 -0.02 -7.33
C THR G 74 -15.37 -0.45 -5.92
N ASP G 75 -14.90 0.50 -5.11
CA ASP G 75 -14.41 0.18 -3.78
C ASP G 75 -15.30 0.84 -2.74
N PHE G 76 -15.69 0.06 -1.71
CA PHE G 76 -16.58 0.54 -0.65
C PHE G 76 -16.04 0.20 0.74
N THR G 77 -16.50 0.97 1.74
CA THR G 77 -16.12 0.78 3.14
C THR G 77 -17.31 0.99 4.07
N LEU G 78 -17.63 -0.04 4.85
CA LEU G 78 -18.57 0.07 5.97
C LEU G 78 -17.81 0.51 7.22
N ARG G 79 -18.21 1.65 7.77
CA ARG G 79 -17.63 2.15 9.03
C ARG G 79 -18.58 1.88 10.18
N ILE G 80 -18.09 1.20 11.21
CA ILE G 80 -18.81 1.04 12.47
C ILE G 80 -18.07 1.85 13.52
N SER G 81 -18.72 2.86 14.07
CA SER G 81 -18.09 3.71 15.08
C SER G 81 -18.39 3.18 16.46
N ARG G 82 -17.46 3.39 17.41
CA ARG G 82 -17.67 3.02 18.81
C ARG G 82 -18.18 1.58 18.92
N VAL G 83 -17.40 0.65 18.40
CA VAL G 83 -17.85 -0.71 18.19
C VAL G 83 -18.14 -1.38 19.52
N GLU G 84 -19.33 -1.97 19.62
CA GLU G 84 -19.78 -2.66 20.82
C GLU G 84 -19.57 -4.16 20.68
N ALA G 85 -19.59 -4.86 21.81
CA ALA G 85 -19.46 -6.32 21.84
C ALA G 85 -20.56 -7.02 21.04
N GLU G 86 -21.78 -6.46 21.09
CA GLU G 86 -22.94 -7.01 20.35
C GLU G 86 -22.82 -6.90 18.82
N ASP G 87 -21.88 -6.08 18.33
CA ASP G 87 -21.66 -5.90 16.90
C ASP G 87 -20.99 -7.10 16.25
N VAL G 88 -20.38 -7.95 17.06
CA VAL G 88 -19.67 -9.10 16.55
C VAL G 88 -20.56 -9.98 15.64
N GLY G 89 -19.98 -10.46 14.55
CA GLY G 89 -20.70 -11.22 13.53
C GLY G 89 -20.03 -11.13 12.18
N VAL G 90 -20.74 -11.60 11.15
CA VAL G 90 -20.21 -11.62 9.77
C VAL G 90 -20.93 -10.58 8.95
N TYR G 91 -20.18 -9.59 8.48
CA TYR G 91 -20.70 -8.49 7.70
C TYR G 91 -20.53 -8.79 6.22
N TYR G 92 -21.66 -8.84 5.50
CA TYR G 92 -21.70 -9.16 4.07
C TYR G 92 -22.06 -7.95 3.24
N CYS G 93 -21.26 -7.67 2.20
CA CYS G 93 -21.67 -6.72 1.18
C CYS G 93 -22.41 -7.44 0.08
N ALA G 94 -23.25 -6.70 -0.64
CA ALA G 94 -24.03 -7.28 -1.73
C ALA G 94 -24.44 -6.21 -2.73
N GLN G 95 -24.85 -6.67 -3.92
CA GLN G 95 -25.31 -5.78 -5.00
C GLN G 95 -26.49 -6.38 -5.72
N ASN G 96 -27.27 -5.52 -6.38
CA ASN G 96 -28.32 -5.97 -7.31
C ASN G 96 -28.52 -5.01 -8.48
N LEU G 97 -27.44 -4.38 -8.91
CA LEU G 97 -27.48 -3.62 -10.15
C LEU G 97 -27.78 -4.57 -11.30
N GLU G 98 -27.09 -5.70 -11.32
CA GLU G 98 -27.30 -6.72 -12.32
C GLU G 98 -27.70 -8.06 -11.67
N VAL G 99 -28.74 -8.69 -12.20
CA VAL G 99 -29.10 -10.06 -11.81
C VAL G 99 -27.97 -11.00 -12.28
N PRO G 100 -27.58 -12.01 -11.48
CA PRO G 100 -28.10 -12.27 -10.13
C PRO G 100 -27.55 -11.36 -9.05
N TRP G 101 -28.32 -11.16 -7.98
CA TRP G 101 -27.76 -10.69 -6.72
C TRP G 101 -26.52 -11.50 -6.40
N THR G 102 -25.46 -10.82 -5.95
CA THR G 102 -24.26 -11.49 -5.49
C THR G 102 -23.87 -10.91 -4.16
N PHE G 103 -23.25 -11.75 -3.33
CA PHE G 103 -22.78 -11.37 -2.02
C PHE G 103 -21.28 -11.49 -1.97
N GLY G 104 -20.65 -10.67 -1.13
CA GLY G 104 -19.28 -10.90 -0.77
C GLY G 104 -19.19 -12.17 0.07
N GLY G 105 -17.98 -12.68 0.28
CA GLY G 105 -17.77 -13.89 1.06
C GLY G 105 -18.07 -13.75 2.56
N GLY G 106 -18.11 -12.50 3.05
CA GLY G 106 -18.43 -12.20 4.45
C GLY G 106 -17.15 -11.90 5.23
N THR G 107 -17.15 -10.78 5.94
CA THR G 107 -16.05 -10.40 6.80
C THR G 107 -16.44 -10.54 8.27
N LYS G 108 -15.76 -11.43 8.98
CA LYS G 108 -15.99 -11.56 10.43
C LYS G 108 -15.39 -10.37 11.17
N LEU G 109 -16.22 -9.66 11.92
CA LEU G 109 -15.73 -8.64 12.85
C LEU G 109 -15.15 -9.30 14.10
N GLU G 110 -13.87 -9.01 14.38
CA GLU G 110 -13.20 -9.53 15.57
C GLU G 110 -12.96 -8.41 16.55
N ILE G 111 -13.32 -8.64 17.81
CA ILE G 111 -13.17 -7.63 18.85
C ILE G 111 -11.87 -7.83 19.64
N LYS G 112 -11.11 -6.74 19.81
CA LYS G 112 -9.92 -6.73 20.64
C LYS G 112 -10.35 -6.38 22.06
N ARG G 113 -9.85 -7.16 23.02
CA ARG G 113 -10.12 -6.92 24.43
C ARG G 113 -8.94 -7.41 25.27
N ALA G 114 -8.99 -7.14 26.57
CA ALA G 114 -7.96 -7.61 27.50
C ALA G 114 -7.79 -9.13 27.44
N ASP G 115 -6.55 -9.60 27.31
CA ASP G 115 -6.26 -11.04 27.43
C ASP G 115 -6.87 -11.61 28.71
N ALA G 116 -7.41 -12.83 28.61
CA ALA G 116 -8.01 -13.52 29.76
C ALA G 116 -7.62 -14.98 29.70
N ALA G 117 -7.32 -15.56 30.86
CA ALA G 117 -7.01 -16.98 30.95
C ALA G 117 -8.31 -17.80 30.99
N PRO G 118 -8.29 -19.00 30.43
CA PRO G 118 -9.44 -19.84 30.45
C PRO G 118 -9.70 -20.42 31.83
N THR G 119 -10.96 -20.62 32.13
CA THR G 119 -11.37 -21.46 33.23
C THR G 119 -11.54 -22.85 32.66
N VAL G 120 -10.75 -23.78 33.19
CA VAL G 120 -10.61 -25.11 32.62
C VAL G 120 -11.38 -26.12 33.47
N SER G 121 -12.24 -26.91 32.84
CA SER G 121 -12.93 -28.04 33.47
C SER G 121 -12.58 -29.30 32.68
N ILE G 122 -12.36 -30.39 33.42
CA ILE G 122 -12.10 -31.71 32.80
C ILE G 122 -13.22 -32.62 33.20
N PHE G 123 -13.76 -33.36 32.24
CA PHE G 123 -14.92 -34.21 32.48
C PHE G 123 -14.56 -35.62 32.12
N PRO G 124 -14.38 -36.49 33.11
CA PRO G 124 -14.18 -37.91 32.84
C PRO G 124 -15.43 -38.52 32.17
N PRO G 125 -15.24 -39.60 31.42
CA PRO G 125 -16.34 -40.29 30.80
C PRO G 125 -17.40 -40.62 31.82
N SER G 126 -18.67 -40.37 31.49
CA SER G 126 -19.78 -40.76 32.34
C SER G 126 -20.02 -42.27 32.26
N SER G 127 -20.64 -42.80 33.29
CA SER G 127 -20.92 -44.22 33.41
C SER G 127 -21.88 -44.67 32.32
N GLU G 128 -22.79 -43.78 31.96
CA GLU G 128 -23.67 -43.98 30.85
C GLU G 128 -22.90 -44.19 29.54
N GLN G 129 -21.94 -43.31 29.23
CA GLN G 129 -21.16 -43.49 27.99
C GLN G 129 -20.41 -44.79 28.01
N LEU G 130 -19.80 -45.12 29.15
CA LEU G 130 -19.00 -46.36 29.26
C LEU G 130 -19.84 -47.60 28.98
N THR G 131 -21.12 -47.57 29.35
CA THR G 131 -22.06 -48.63 28.93
C THR G 131 -22.18 -48.80 27.40
N SER G 132 -22.07 -47.70 26.66
CA SER G 132 -22.11 -47.74 25.19
C SER G 132 -20.81 -48.25 24.53
N GLY G 133 -19.75 -48.43 25.32
CA GLY G 133 -18.45 -48.85 24.80
C GLY G 133 -17.56 -47.66 24.44
N GLY G 134 -18.04 -46.44 24.71
CA GLY G 134 -17.30 -45.24 24.37
C GLY G 134 -16.80 -44.58 25.62
N ALA G 135 -15.72 -43.83 25.50
CA ALA G 135 -15.21 -43.02 26.61
C ALA G 135 -14.64 -41.72 26.10
N SER G 136 -15.45 -40.68 26.09
CA SER G 136 -15.00 -39.38 25.67
C SER G 136 -14.56 -38.63 26.90
N VAL G 137 -13.39 -38.01 26.81
CA VAL G 137 -12.85 -37.23 27.91
C VAL G 137 -12.82 -35.81 27.41
N VAL G 138 -13.59 -34.94 28.04
CA VAL G 138 -13.73 -33.58 27.55
C VAL G 138 -12.98 -32.57 28.44
N CYS G 139 -12.13 -31.78 27.79
CA CYS G 139 -11.47 -30.65 28.42
C CYS G 139 -12.14 -29.37 27.92
N PHE G 140 -12.78 -28.64 28.83
CA PHE G 140 -13.50 -27.45 28.46
C PHE G 140 -12.79 -26.19 28.95
N LEU G 141 -12.44 -25.32 27.98
CA LEU G 141 -11.76 -24.05 28.23
C LEU G 141 -12.76 -22.94 28.07
N ASN G 142 -13.01 -22.21 29.14
CA ASN G 142 -14.12 -21.26 29.17
C ASN G 142 -13.65 -19.80 29.30
N ASN G 143 -14.13 -18.94 28.40
CA ASN G 143 -14.02 -17.48 28.54
C ASN G 143 -12.59 -16.97 28.51
N PHE G 144 -11.93 -17.17 27.39
CA PHE G 144 -10.55 -16.75 27.28
C PHE G 144 -10.37 -15.79 26.09
N TYR G 145 -9.22 -15.11 26.05
CA TYR G 145 -8.85 -14.22 24.94
C TYR G 145 -7.31 -14.13 24.88
N PRO G 146 -6.70 -14.20 23.69
CA PRO G 146 -7.37 -14.28 22.38
C PRO G 146 -7.82 -15.72 22.04
N LYS G 147 -8.30 -15.92 20.81
CA LYS G 147 -8.78 -17.24 20.37
C LYS G 147 -7.68 -18.29 20.32
N ASP G 148 -6.48 -17.86 19.94
CA ASP G 148 -5.29 -18.72 19.96
C ASP G 148 -5.04 -19.33 21.35
N ILE G 149 -5.13 -20.66 21.42
CA ILE G 149 -4.83 -21.41 22.62
C ILE G 149 -4.51 -22.84 22.27
N ASN G 150 -3.60 -23.46 23.03
CA ASN G 150 -3.15 -24.82 22.77
C ASN G 150 -3.53 -25.76 23.89
N VAL G 151 -4.26 -26.83 23.56
CA VAL G 151 -4.55 -27.90 24.55
C VAL G 151 -3.74 -29.16 24.24
N LYS G 152 -2.98 -29.63 25.22
CA LYS G 152 -2.19 -30.84 25.08
C LYS G 152 -2.72 -31.90 26.02
N TRP G 153 -2.88 -33.12 25.52
CA TRP G 153 -3.30 -34.25 26.34
C TRP G 153 -2.13 -35.13 26.72
N LYS G 154 -2.10 -35.55 27.99
CA LYS G 154 -1.19 -36.60 28.44
C LYS G 154 -2.00 -37.74 29.08
N ILE G 155 -1.73 -38.96 28.63
CA ILE G 155 -2.34 -40.15 29.21
C ILE G 155 -1.20 -40.93 29.84
N ASP G 156 -1.32 -41.15 31.15
CA ASP G 156 -0.22 -41.72 31.92
C ASP G 156 1.12 -41.04 31.61
N GLY G 157 1.08 -39.70 31.59
CA GLY G 157 2.30 -38.89 31.48
C GLY G 157 2.98 -38.90 30.13
N SER G 158 2.26 -39.29 29.08
CA SER G 158 2.80 -39.23 27.72
C SER G 158 1.79 -38.58 26.75
N GLU G 159 2.30 -37.66 25.95
CA GLU G 159 1.48 -36.87 25.06
C GLU G 159 0.65 -37.76 24.13
N ARG G 160 -0.58 -37.34 23.87
CA ARG G 160 -1.46 -38.04 22.96
C ARG G 160 -2.11 -37.02 22.01
N GLN G 161 -1.85 -37.19 20.71
CA GLN G 161 -2.43 -36.35 19.66
C GLN G 161 -3.56 -37.03 18.90
N ASN G 162 -3.44 -38.34 18.70
CA ASN G 162 -4.49 -39.11 18.03
C ASN G 162 -5.77 -39.08 18.84
N GLY G 163 -6.90 -38.90 18.16
CA GLY G 163 -8.24 -38.91 18.77
C GLY G 163 -8.68 -37.61 19.44
N VAL G 164 -7.91 -36.54 19.28
CA VAL G 164 -8.23 -35.26 19.89
C VAL G 164 -8.91 -34.37 18.89
N LEU G 165 -10.13 -33.94 19.22
CA LEU G 165 -10.84 -33.02 18.42
C LEU G 165 -11.14 -31.75 19.21
N ASN G 166 -10.68 -30.62 18.67
CA ASN G 166 -10.88 -29.31 19.25
C ASN G 166 -11.95 -28.53 18.53
N SER G 167 -12.80 -27.84 19.28
CA SER G 167 -13.87 -27.08 18.69
C SER G 167 -14.15 -25.81 19.52
N TRP G 168 -14.40 -24.70 18.82
CA TRP G 168 -14.57 -23.37 19.41
C TRP G 168 -16.03 -22.90 19.33
N THR G 169 -16.39 -21.98 20.23
CA THR G 169 -17.58 -21.15 20.08
C THR G 169 -17.21 -19.94 19.24
N ASP G 170 -18.20 -19.17 18.86
CA ASP G 170 -17.94 -17.87 18.26
C ASP G 170 -17.61 -16.93 19.39
N GLN G 171 -17.14 -15.73 19.04
CA GLN G 171 -16.84 -14.71 20.03
C GLN G 171 -18.11 -14.24 20.73
N ASP G 172 -18.05 -14.23 22.06
CA ASP G 172 -19.21 -13.96 22.88
C ASP G 172 -19.72 -12.52 22.69
N SER G 173 -21.05 -12.40 22.57
CA SER G 173 -21.70 -11.10 22.30
C SER G 173 -21.80 -10.16 23.50
N LYS G 174 -21.53 -10.66 24.71
CA LYS G 174 -21.60 -9.80 25.92
C LYS G 174 -20.21 -9.47 26.51
N ASP G 175 -19.31 -10.46 26.63
CA ASP G 175 -17.96 -10.23 27.20
C ASP G 175 -16.77 -10.30 26.18
N SER G 176 -17.05 -10.72 24.95
CA SER G 176 -16.05 -10.78 23.83
C SER G 176 -14.92 -11.83 24.00
N THR G 177 -15.19 -12.87 24.77
CA THR G 177 -14.25 -13.96 24.94
C THR G 177 -14.63 -15.12 24.05
N TYR G 178 -13.77 -16.12 24.04
CA TYR G 178 -14.05 -17.38 23.37
C TYR G 178 -14.14 -18.50 24.41
N SER G 179 -14.74 -19.60 23.99
CA SER G 179 -14.68 -20.85 24.73
C SER G 179 -14.39 -21.94 23.74
N MET G 180 -13.78 -23.03 24.18
CA MET G 180 -13.55 -24.19 23.32
C MET G 180 -13.49 -25.47 24.12
N SER G 181 -13.79 -26.57 23.44
CA SER G 181 -13.63 -27.87 24.02
C SER G 181 -12.59 -28.66 23.23
N SER G 182 -11.80 -29.43 23.96
CA SER G 182 -10.94 -30.46 23.41
C SER G 182 -11.44 -31.77 23.93
N THR G 183 -11.75 -32.69 23.03
CA THR G 183 -12.27 -33.98 23.40
C THR G 183 -11.32 -35.07 22.98
N LEU G 184 -10.86 -35.84 23.94
CA LEU G 184 -10.16 -37.07 23.66
C LEU G 184 -11.22 -38.16 23.49
N THR G 185 -11.34 -38.66 22.27
CA THR G 185 -12.34 -39.64 21.94
C THR G 185 -11.67 -41.02 22.01
N LEU G 186 -11.98 -41.78 23.07
CA LEU G 186 -11.45 -43.14 23.27
C LEU G 186 -12.57 -44.14 23.22
N THR G 187 -12.23 -45.40 22.94
CA THR G 187 -13.13 -46.51 23.29
C THR G 187 -13.05 -46.75 24.81
N LYS G 188 -14.03 -47.47 25.33
CA LYS G 188 -13.99 -47.93 26.68
C LYS G 188 -12.69 -48.66 26.95
N ASP G 189 -12.31 -49.60 26.09
CA ASP G 189 -11.07 -50.38 26.30
C ASP G 189 -9.83 -49.48 26.43
N GLU G 190 -9.67 -48.55 25.49
CA GLU G 190 -8.58 -47.56 25.53
C GLU G 190 -8.58 -46.84 26.86
N TYR G 191 -9.77 -46.41 27.28
CA TYR G 191 -9.92 -45.68 28.55
C TYR G 191 -9.47 -46.50 29.76
N GLU G 192 -9.90 -47.76 29.81
CA GLU G 192 -9.63 -48.64 30.95
C GLU G 192 -8.13 -49.05 31.08
N ARG G 193 -7.38 -48.96 29.98
CA ARG G 193 -5.96 -49.32 29.98
C ARG G 193 -5.03 -48.30 30.63
N HIS G 194 -5.55 -47.11 30.94
CA HIS G 194 -4.73 -46.06 31.56
C HIS G 194 -5.44 -45.46 32.77
N ASN G 195 -4.69 -44.80 33.65
CA ASN G 195 -5.30 -44.22 34.86
C ASN G 195 -5.28 -42.70 34.92
N SER G 196 -4.20 -42.07 34.45
CA SER G 196 -4.03 -40.62 34.60
C SER G 196 -4.32 -39.87 33.32
N TYR G 197 -5.16 -38.84 33.43
CA TYR G 197 -5.61 -38.07 32.27
C TYR G 197 -5.47 -36.58 32.57
N THR G 198 -4.75 -35.88 31.70
CA THR G 198 -4.41 -34.51 31.90
C THR G 198 -4.53 -33.76 30.61
N CYS G 199 -5.16 -32.58 30.66
CA CYS G 199 -5.03 -31.62 29.58
C CYS G 199 -4.41 -30.38 30.12
N GLU G 200 -3.56 -29.74 29.33
CA GLU G 200 -3.00 -28.47 29.74
C GLU G 200 -3.12 -27.40 28.66
N ALA G 201 -3.71 -26.27 29.05
CA ALA G 201 -3.91 -25.13 28.17
C ALA G 201 -2.68 -24.23 28.19
N THR G 202 -2.34 -23.62 27.05
CA THR G 202 -1.12 -22.85 26.89
C THR G 202 -1.40 -21.56 26.14
N PRO G 209 0.35 -21.60 32.19
CA PRO G 209 -0.01 -22.94 31.69
C PRO G 209 -0.91 -23.69 32.68
N ILE G 210 -2.18 -23.84 32.31
CA ILE G 210 -3.20 -24.35 33.25
C ILE G 210 -3.44 -25.83 33.02
N VAL G 211 -3.23 -26.61 34.07
CA VAL G 211 -3.29 -28.06 34.00
C VAL G 211 -4.50 -28.54 34.81
N LYS G 212 -5.35 -29.35 34.17
CA LYS G 212 -6.41 -30.07 34.86
C LYS G 212 -6.18 -31.55 34.67
N SER G 213 -6.53 -32.33 35.67
CA SER G 213 -6.04 -33.68 35.78
C SER G 213 -6.98 -34.54 36.60
N PHE G 214 -7.10 -35.81 36.25
CA PHE G 214 -7.80 -36.79 37.09
C PHE G 214 -7.28 -38.18 36.88
N ASN G 215 -7.61 -39.05 37.83
CA ASN G 215 -7.26 -40.44 37.78
C ASN G 215 -8.52 -41.25 37.63
N ARG G 216 -8.49 -42.21 36.70
CA ARG G 216 -9.67 -43.03 36.40
C ARG G 216 -10.17 -43.79 37.61
N ASN G 217 -9.24 -44.35 38.38
CA ASN G 217 -9.56 -45.27 39.47
C ASN G 217 -10.54 -44.78 40.56
N ARG G 218 -10.72 -43.46 40.68
CA ARG G 218 -11.54 -42.88 41.77
C ARG G 218 -12.78 -42.13 41.24
N GLU H 1 -44.82 -10.38 14.68
CA GLU H 1 -46.05 -10.43 13.82
C GLU H 1 -45.71 -11.01 12.45
N VAL H 2 -44.68 -10.44 11.82
CA VAL H 2 -44.16 -10.97 10.54
C VAL H 2 -43.35 -12.23 10.79
N LYS H 3 -43.75 -13.32 10.13
CA LYS H 3 -43.11 -14.61 10.32
C LYS H 3 -42.95 -15.29 8.99
N LEU H 4 -41.83 -15.99 8.83
CA LEU H 4 -41.56 -16.82 7.66
C LEU H 4 -41.10 -18.17 8.18
N LEU H 5 -42.01 -19.14 8.17
CA LEU H 5 -41.75 -20.48 8.73
C LEU H 5 -41.41 -21.45 7.61
N GLU H 6 -40.17 -21.89 7.59
CA GLU H 6 -39.70 -22.76 6.56
C GLU H 6 -39.81 -24.23 6.96
N SER H 7 -39.89 -25.10 5.97
CA SER H 7 -39.99 -26.55 6.19
C SER H 7 -39.68 -27.30 4.93
N GLY H 8 -39.54 -28.62 5.05
CA GLY H 8 -39.30 -29.52 3.92
C GLY H 8 -37.84 -29.90 3.76
N GLY H 9 -37.02 -29.50 4.73
CA GLY H 9 -35.59 -29.81 4.70
C GLY H 9 -35.30 -31.18 5.29
N GLY H 10 -34.02 -31.47 5.46
CA GLY H 10 -33.60 -32.76 6.01
C GLY H 10 -32.53 -33.41 5.17
N LEU H 11 -32.73 -34.69 4.83
CA LEU H 11 -31.76 -35.42 4.03
C LEU H 11 -32.38 -35.87 2.70
N VAL H 12 -31.59 -35.75 1.64
CA VAL H 12 -31.96 -36.28 0.34
C VAL H 12 -30.74 -36.93 -0.32
N GLN H 13 -30.95 -37.99 -1.08
CA GLN H 13 -29.84 -38.74 -1.73
C GLN H 13 -29.35 -37.98 -2.97
N PRO H 14 -28.06 -38.11 -3.34
CA PRO H 14 -27.58 -37.41 -4.52
C PRO H 14 -28.39 -37.82 -5.76
N GLY H 15 -28.76 -36.83 -6.57
CA GLY H 15 -29.53 -37.07 -7.78
C GLY H 15 -31.03 -36.91 -7.54
N GLY H 16 -31.41 -36.72 -6.29
CA GLY H 16 -32.83 -36.69 -5.94
C GLY H 16 -33.42 -35.31 -6.00
N SER H 17 -34.63 -35.18 -5.48
CA SER H 17 -35.35 -33.94 -5.50
C SER H 17 -36.04 -33.68 -4.17
N GLN H 18 -36.16 -32.40 -3.82
CA GLN H 18 -36.77 -31.99 -2.55
C GLN H 18 -37.49 -30.67 -2.77
N LYS H 19 -38.65 -30.51 -2.12
CA LYS H 19 -39.39 -29.25 -2.15
C LYS H 19 -39.36 -28.58 -0.79
N LEU H 20 -38.77 -27.40 -0.69
CA LEU H 20 -38.86 -26.60 0.53
C LEU H 20 -40.05 -25.68 0.44
N SER H 21 -40.58 -25.30 1.60
CA SER H 21 -41.73 -24.43 1.69
C SER H 21 -41.44 -23.34 2.67
N CYS H 22 -42.08 -22.19 2.50
CA CYS H 22 -41.94 -21.06 3.41
C CYS H 22 -43.30 -20.45 3.68
N ALA H 23 -43.87 -20.76 4.85
CA ALA H 23 -45.19 -20.23 5.25
C ALA H 23 -45.05 -18.84 5.84
N ALA H 24 -45.66 -17.86 5.13
CA ALA H 24 -45.63 -16.47 5.53
C ALA H 24 -46.83 -16.16 6.42
N SER H 25 -46.63 -15.28 7.40
CA SER H 25 -47.71 -14.84 8.31
C SER H 25 -47.45 -13.40 8.80
N GLY H 26 -48.53 -12.69 9.11
CA GLY H 26 -48.44 -11.31 9.67
C GLY H 26 -48.25 -10.16 8.68
N PHE H 27 -48.42 -10.46 7.38
CA PHE H 27 -48.40 -9.43 6.34
C PHE H 27 -49.11 -9.93 5.08
N ASP H 28 -49.45 -9.03 4.18
CA ASP H 28 -50.07 -9.43 2.91
C ASP H 28 -49.00 -10.03 1.98
N PHE H 29 -48.76 -11.34 2.16
CA PHE H 29 -47.82 -12.10 1.32
C PHE H 29 -48.04 -11.83 -0.18
N SER H 30 -49.29 -11.72 -0.58
CA SER H 30 -49.62 -11.51 -2.00
C SER H 30 -49.13 -10.16 -2.58
N GLY H 31 -48.65 -9.25 -1.74
CA GLY H 31 -48.17 -7.94 -2.21
C GLY H 31 -46.65 -7.78 -2.31
N TYR H 32 -45.90 -8.84 -2.04
CA TYR H 32 -44.44 -8.75 -1.89
C TYR H 32 -43.65 -9.69 -2.83
N TRP H 33 -42.49 -9.21 -3.33
CA TRP H 33 -41.52 -10.10 -3.96
C TRP H 33 -40.89 -10.98 -2.88
N MET H 34 -40.52 -12.21 -3.27
CA MET H 34 -39.98 -13.19 -2.35
C MET H 34 -38.73 -13.85 -2.97
N SER H 35 -37.77 -14.18 -2.12
CA SER H 35 -36.46 -14.67 -2.57
C SER H 35 -36.06 -15.91 -1.78
N TRP H 36 -35.20 -16.73 -2.38
CA TRP H 36 -34.51 -17.78 -1.69
C TRP H 36 -33.01 -17.49 -1.76
N VAL H 37 -32.34 -17.73 -0.64
CA VAL H 37 -30.90 -17.62 -0.54
C VAL H 37 -30.42 -18.83 0.25
N ARG H 38 -29.27 -19.40 -0.13
CA ARG H 38 -28.70 -20.52 0.64
C ARG H 38 -27.31 -20.22 1.21
N GLN H 39 -26.90 -21.04 2.18
CA GLN H 39 -25.63 -20.85 2.87
C GLN H 39 -25.04 -22.21 3.23
N ALA H 40 -23.90 -22.54 2.62
CA ALA H 40 -23.25 -23.82 2.86
C ALA H 40 -22.50 -23.71 4.18
N PRO H 41 -22.35 -24.84 4.89
CA PRO H 41 -21.68 -24.83 6.19
C PRO H 41 -20.30 -24.16 6.15
N GLY H 42 -20.09 -23.18 7.03
CA GLY H 42 -18.81 -22.47 7.14
C GLY H 42 -18.51 -21.54 5.99
N LYS H 43 -19.48 -21.35 5.10
CA LYS H 43 -19.29 -20.62 3.86
C LYS H 43 -20.27 -19.45 3.82
N GLY H 44 -20.27 -18.68 2.73
CA GLY H 44 -21.06 -17.46 2.64
C GLY H 44 -22.46 -17.65 2.07
N LEU H 45 -23.04 -16.53 1.62
CA LEU H 45 -24.42 -16.49 1.12
C LEU H 45 -24.47 -16.51 -0.38
N GLU H 46 -25.39 -17.33 -0.94
CA GLU H 46 -25.64 -17.36 -2.38
C GLU H 46 -27.11 -17.20 -2.68
N TRP H 47 -27.42 -16.17 -3.45
CA TRP H 47 -28.77 -15.89 -3.92
C TRP H 47 -29.20 -16.98 -4.90
N ILE H 48 -30.40 -17.53 -4.73
CA ILE H 48 -30.86 -18.60 -5.61
C ILE H 48 -31.77 -18.02 -6.67
N GLY H 49 -32.76 -17.25 -6.22
CA GLY H 49 -33.65 -16.58 -7.12
C GLY H 49 -34.72 -15.80 -6.39
N GLU H 50 -35.64 -15.24 -7.18
CA GLU H 50 -36.74 -14.41 -6.68
C GLU H 50 -37.99 -14.57 -7.55
N ILE H 51 -39.14 -14.17 -7.02
CA ILE H 51 -40.42 -14.30 -7.70
C ILE H 51 -41.33 -13.14 -7.34
N ASN H 52 -41.97 -12.54 -8.35
CA ASN H 52 -42.89 -11.42 -8.12
C ASN H 52 -44.27 -11.95 -7.64
N PRO H 53 -45.12 -11.07 -7.09
CA PRO H 53 -46.42 -11.48 -6.54
C PRO H 53 -47.28 -12.39 -7.45
N ASP H 54 -47.55 -11.97 -8.69
CA ASP H 54 -48.40 -12.75 -9.59
C ASP H 54 -47.63 -13.88 -10.33
N SER H 55 -46.36 -14.08 -9.96
CA SER H 55 -45.49 -15.13 -10.51
C SER H 55 -45.21 -14.97 -12.00
N SER H 56 -45.29 -13.74 -12.51
CA SER H 56 -45.05 -13.47 -13.93
C SER H 56 -43.58 -13.18 -14.25
N THR H 57 -42.78 -12.98 -13.21
CA THR H 57 -41.34 -12.77 -13.34
C THR H 57 -40.63 -13.66 -12.32
N ILE H 58 -39.77 -14.56 -12.82
CA ILE H 58 -38.89 -15.37 -11.97
C ILE H 58 -37.46 -15.21 -12.45
N ASN H 59 -36.57 -14.80 -11.53
CA ASN H 59 -35.15 -14.63 -11.85
C ASN H 59 -34.36 -15.64 -11.04
N TYR H 60 -33.24 -16.06 -11.60
CA TYR H 60 -32.43 -17.14 -11.03
C TYR H 60 -30.94 -16.80 -11.19
N THR H 61 -30.10 -17.29 -10.28
CA THR H 61 -28.67 -17.38 -10.56
C THR H 61 -28.52 -18.31 -11.77
N PRO H 62 -27.83 -17.86 -12.84
CA PRO H 62 -27.74 -18.65 -14.07
C PRO H 62 -27.35 -20.10 -13.84
N SER H 63 -26.29 -20.34 -13.06
CA SER H 63 -25.82 -21.71 -12.82
C SER H 63 -26.90 -22.61 -12.20
N LEU H 64 -27.81 -22.02 -11.43
CA LEU H 64 -28.85 -22.78 -10.73
C LEU H 64 -30.21 -22.84 -11.49
N LYS H 65 -30.32 -22.12 -12.61
CA LYS H 65 -31.57 -22.03 -13.40
C LYS H 65 -32.24 -23.40 -13.68
N ASP H 66 -31.44 -24.38 -14.10
CA ASP H 66 -31.97 -25.67 -14.55
C ASP H 66 -32.32 -26.66 -13.41
N LYS H 67 -31.71 -26.47 -12.23
CA LYS H 67 -31.97 -27.36 -11.06
C LYS H 67 -33.17 -26.91 -10.22
N PHE H 68 -33.29 -25.60 -9.99
CA PHE H 68 -34.26 -25.06 -9.03
C PHE H 68 -35.46 -24.43 -9.73
N ILE H 69 -36.65 -24.62 -9.13
CA ILE H 69 -37.89 -23.98 -9.63
C ILE H 69 -38.59 -23.28 -8.48
N ILE H 70 -38.70 -21.96 -8.58
CA ILE H 70 -39.37 -21.15 -7.57
C ILE H 70 -40.82 -20.95 -7.97
N SER H 71 -41.71 -21.03 -6.98
CA SER H 71 -43.13 -20.83 -7.21
C SER H 71 -43.73 -20.38 -5.91
N ARG H 72 -44.98 -19.95 -5.97
CA ARG H 72 -45.71 -19.49 -4.80
C ARG H 72 -47.20 -19.77 -4.95
N ASP H 73 -47.83 -20.11 -3.83
CA ASP H 73 -49.28 -20.18 -3.72
C ASP H 73 -49.73 -19.04 -2.81
N ASN H 74 -50.16 -17.95 -3.42
CA ASN H 74 -50.61 -16.77 -2.70
C ASN H 74 -51.83 -17.02 -1.83
N ALA H 75 -52.62 -18.03 -2.17
CA ALA H 75 -53.80 -18.41 -1.35
C ALA H 75 -53.38 -19.11 -0.05
N LYS H 76 -52.31 -19.88 -0.11
CA LYS H 76 -51.77 -20.55 1.06
C LYS H 76 -50.72 -19.69 1.80
N ASN H 77 -50.47 -18.49 1.28
CA ASN H 77 -49.38 -17.64 1.73
C ASN H 77 -48.06 -18.40 1.85
N THR H 78 -47.72 -19.14 0.80
CA THR H 78 -46.56 -19.99 0.84
C THR H 78 -45.67 -19.81 -0.38
N LEU H 79 -44.37 -19.76 -0.11
CA LEU H 79 -43.35 -19.73 -1.12
C LEU H 79 -42.73 -21.13 -1.22
N TYR H 80 -42.26 -21.51 -2.41
CA TYR H 80 -41.66 -22.83 -2.62
C TYR H 80 -40.32 -22.80 -3.37
N LEU H 81 -39.47 -23.79 -3.07
CA LEU H 81 -38.28 -24.05 -3.87
C LEU H 81 -38.20 -25.54 -4.15
N GLN H 82 -38.44 -25.92 -5.41
CA GLN H 82 -38.24 -27.30 -5.85
C GLN H 82 -36.83 -27.45 -6.40
N MET H 83 -36.11 -28.44 -5.90
CA MET H 83 -34.77 -28.74 -6.36
C MET H 83 -34.77 -30.14 -6.92
N SER H 84 -33.98 -30.36 -7.96
CA SER H 84 -33.82 -31.68 -8.53
C SER H 84 -32.38 -31.93 -8.98
N LYS H 85 -32.08 -33.17 -9.32
CA LYS H 85 -30.73 -33.59 -9.72
C LYS H 85 -29.71 -33.04 -8.74
N VAL H 86 -30.02 -33.19 -7.45
CA VAL H 86 -29.28 -32.53 -6.40
C VAL H 86 -27.92 -33.24 -6.16
N ARG H 87 -26.93 -32.49 -5.70
CA ARG H 87 -25.65 -33.07 -5.37
C ARG H 87 -25.06 -32.44 -4.13
N SER H 88 -23.94 -32.98 -3.66
CA SER H 88 -23.32 -32.58 -2.41
C SER H 88 -23.20 -31.07 -2.20
N GLU H 89 -22.91 -30.33 -3.27
CA GLU H 89 -22.75 -28.88 -3.17
C GLU H 89 -24.08 -28.12 -2.94
N ASP H 90 -25.20 -28.83 -2.97
CA ASP H 90 -26.49 -28.25 -2.62
C ASP H 90 -26.82 -28.42 -1.13
N THR H 91 -25.93 -29.08 -0.40
CA THR H 91 -26.04 -29.13 1.05
C THR H 91 -25.86 -27.71 1.58
N ALA H 92 -26.84 -27.23 2.33
CA ALA H 92 -26.84 -25.85 2.82
C ALA H 92 -28.03 -25.58 3.71
N LEU H 93 -28.00 -24.44 4.38
CA LEU H 93 -29.16 -23.88 5.01
C LEU H 93 -29.84 -22.97 3.99
N TYR H 94 -31.12 -23.24 3.70
CA TYR H 94 -31.92 -22.48 2.74
C TYR H 94 -32.82 -21.48 3.46
N TYR H 95 -32.58 -20.19 3.20
CA TYR H 95 -33.42 -19.11 3.72
C TYR H 95 -34.40 -18.67 2.65
N CYS H 96 -35.63 -18.39 3.07
CA CYS H 96 -36.55 -17.60 2.26
C CYS H 96 -36.57 -16.18 2.83
N ALA H 97 -36.92 -15.20 2.01
CA ALA H 97 -36.87 -13.83 2.42
C ALA H 97 -37.90 -12.97 1.69
N ARG H 98 -38.27 -11.87 2.34
CA ARG H 98 -39.24 -10.93 1.84
C ARG H 98 -38.51 -9.70 1.31
N GLU H 99 -38.83 -9.30 0.07
CA GLU H 99 -38.26 -8.09 -0.59
C GLU H 99 -36.90 -7.59 -0.08
N THR H 100 -35.84 -8.29 -0.46
CA THR H 100 -34.48 -7.91 -0.02
C THR H 100 -34.05 -6.59 -0.66
N GLY H 101 -33.14 -5.88 0.01
CA GLY H 101 -32.65 -4.60 -0.47
C GLY H 101 -33.64 -3.44 -0.31
N THR H 102 -34.74 -3.68 0.41
CA THR H 102 -35.71 -2.63 0.74
C THR H 102 -35.88 -2.58 2.26
N ARG H 103 -36.75 -1.67 2.74
CA ARG H 103 -37.06 -1.60 4.19
C ARG H 103 -38.05 -2.69 4.66
N PHE H 104 -38.48 -3.56 3.74
CA PHE H 104 -39.30 -4.73 4.06
C PHE H 104 -38.41 -5.97 4.23
N ASP H 105 -37.12 -5.81 3.97
CA ASP H 105 -36.15 -6.89 4.09
C ASP H 105 -36.41 -7.71 5.37
N TYR H 106 -36.79 -8.98 5.20
CA TYR H 106 -36.91 -9.91 6.33
C TYR H 106 -36.63 -11.37 5.91
N TRP H 107 -35.86 -12.08 6.73
CA TRP H 107 -35.40 -13.43 6.40
C TRP H 107 -35.99 -14.45 7.35
N GLY H 108 -36.38 -15.60 6.80
CA GLY H 108 -36.78 -16.75 7.62
C GLY H 108 -35.62 -17.36 8.42
N GLN H 109 -35.93 -18.34 9.24
CA GLN H 109 -34.92 -18.99 10.09
C GLN H 109 -34.03 -19.98 9.31
N GLY H 110 -34.56 -20.48 8.20
CA GLY H 110 -33.85 -21.43 7.37
C GLY H 110 -34.29 -22.86 7.62
N THR H 111 -34.24 -23.69 6.58
CA THR H 111 -34.26 -25.16 6.73
C THR H 111 -32.96 -25.69 6.22
N THR H 112 -32.45 -26.71 6.89
CA THR H 112 -31.23 -27.34 6.47
C THR H 112 -31.54 -28.49 5.54
N LEU H 113 -30.88 -28.51 4.40
CA LEU H 113 -30.95 -29.66 3.51
C LEU H 113 -29.56 -30.24 3.34
N THR H 114 -29.47 -31.56 3.48
CA THR H 114 -28.22 -32.28 3.32
C THR H 114 -28.34 -33.31 2.22
N VAL H 115 -27.42 -33.26 1.27
CA VAL H 115 -27.37 -34.23 0.17
C VAL H 115 -26.34 -35.32 0.50
N SER H 116 -26.83 -36.52 0.83
CA SER H 116 -25.98 -37.63 1.25
C SER H 116 -26.67 -38.99 0.97
N SER H 117 -25.86 -40.01 0.63
CA SER H 117 -26.34 -41.39 0.52
C SER H 117 -26.33 -42.13 1.88
N ALA H 118 -25.76 -41.48 2.91
CA ALA H 118 -25.75 -42.01 4.26
C ALA H 118 -27.13 -42.08 4.89
N THR H 119 -27.20 -42.75 6.06
CA THR H 119 -28.45 -42.95 6.78
C THR H 119 -28.56 -41.96 7.90
N THR H 120 -29.72 -41.27 7.98
CA THR H 120 -30.03 -40.43 9.12
C THR H 120 -29.92 -41.26 10.42
N THR H 121 -29.32 -40.67 11.44
CA THR H 121 -29.01 -41.36 12.71
C THR H 121 -29.29 -40.49 13.88
N ALA H 122 -30.05 -41.01 14.84
CA ALA H 122 -30.37 -40.24 16.03
C ALA H 122 -29.11 -40.11 16.91
N PRO H 123 -29.02 -39.01 17.69
CA PRO H 123 -27.91 -38.81 18.62
C PRO H 123 -28.01 -39.67 19.86
N SER H 124 -26.87 -39.89 20.49
CA SER H 124 -26.80 -40.38 21.84
C SER H 124 -26.39 -39.20 22.68
N VAL H 125 -26.94 -39.10 23.89
CA VAL H 125 -26.66 -37.93 24.76
C VAL H 125 -26.14 -38.38 26.12
N TYR H 126 -24.97 -37.88 26.51
CA TYR H 126 -24.33 -38.25 27.79
C TYR H 126 -23.99 -37.00 28.58
N PRO H 127 -24.11 -37.07 29.91
CA PRO H 127 -23.89 -35.91 30.75
C PRO H 127 -22.42 -35.62 30.92
N LEU H 128 -22.10 -34.34 31.06
CA LEU H 128 -20.76 -33.90 31.40
C LEU H 128 -20.82 -33.36 32.83
N VAL H 129 -20.21 -34.10 33.75
CA VAL H 129 -20.30 -33.85 35.21
C VAL H 129 -18.89 -33.81 35.79
N PRO H 130 -18.63 -32.86 36.69
CA PRO H 130 -17.27 -32.64 37.24
C PRO H 130 -16.47 -33.92 37.57
N SER H 136 -14.08 -28.24 43.81
CA SER H 136 -15.34 -27.53 43.95
C SER H 136 -15.29 -26.13 43.26
N GLY H 137 -15.26 -25.06 44.07
CA GLY H 137 -15.33 -23.70 43.54
C GLY H 137 -16.73 -23.08 43.65
N SER H 138 -16.79 -21.76 43.54
CA SER H 138 -18.04 -20.99 43.73
C SER H 138 -19.06 -21.12 42.59
N SER H 139 -18.61 -21.61 41.43
CA SER H 139 -19.53 -21.98 40.35
C SER H 139 -19.18 -23.35 39.78
N VAL H 140 -20.13 -23.96 39.07
CA VAL H 140 -19.91 -25.26 38.45
C VAL H 140 -20.36 -25.29 36.99
N THR H 141 -19.51 -25.87 36.15
CA THR H 141 -19.79 -26.04 34.73
C THR H 141 -20.26 -27.48 34.49
N LEU H 142 -21.47 -27.59 33.94
CA LEU H 142 -22.09 -28.86 33.59
C LEU H 142 -22.31 -28.91 32.07
N GLY H 143 -22.69 -30.06 31.55
CA GLY H 143 -22.90 -30.18 30.11
C GLY H 143 -23.51 -31.47 29.65
N CYS H 144 -23.88 -31.50 28.37
CA CYS H 144 -24.16 -32.76 27.71
C CYS H 144 -23.42 -32.88 26.41
N LEU H 145 -23.04 -34.10 26.13
CA LEU H 145 -22.31 -34.48 24.96
C LEU H 145 -23.30 -35.24 24.04
N VAL H 146 -23.47 -34.72 22.83
CA VAL H 146 -24.39 -35.23 21.82
C VAL H 146 -23.56 -35.82 20.70
N LYS H 147 -23.76 -37.10 20.43
CA LYS H 147 -22.81 -37.90 19.67
C LYS H 147 -23.50 -38.72 18.63
N GLY H 148 -22.83 -38.94 17.51
CA GLY H 148 -23.21 -39.97 16.58
C GLY H 148 -24.40 -39.69 15.71
N TYR H 149 -24.77 -38.43 15.55
CA TYR H 149 -25.94 -38.07 14.76
C TYR H 149 -25.56 -37.69 13.33
N PHE H 150 -26.52 -37.85 12.42
CA PHE H 150 -26.37 -37.45 11.02
C PHE H 150 -27.80 -37.24 10.48
N PRO H 151 -28.05 -36.20 9.66
CA PRO H 151 -27.15 -35.10 9.37
C PRO H 151 -27.27 -33.99 10.42
N GLU H 152 -26.60 -32.87 10.19
CA GLU H 152 -26.85 -31.64 10.96
C GLU H 152 -28.25 -31.06 10.62
N PRO H 153 -28.84 -30.24 11.50
CA PRO H 153 -28.27 -29.81 12.77
C PRO H 153 -28.88 -30.54 14.00
N VAL H 154 -28.33 -30.21 15.15
CA VAL H 154 -28.89 -30.52 16.44
C VAL H 154 -29.06 -29.20 17.18
N THR H 155 -30.12 -29.10 17.99
CA THR H 155 -30.25 -27.97 18.92
C THR H 155 -30.19 -28.44 20.36
N VAL H 156 -29.64 -27.60 21.23
CA VAL H 156 -29.55 -27.86 22.65
C VAL H 156 -30.04 -26.63 23.40
N LYS H 157 -30.97 -26.83 24.32
CA LYS H 157 -31.41 -25.79 25.24
C LYS H 157 -31.16 -26.32 26.62
N TRP H 158 -31.32 -25.46 27.62
CA TRP H 158 -31.18 -25.86 29.00
C TRP H 158 -32.40 -25.40 29.79
N ASN H 159 -32.96 -26.31 30.59
CA ASN H 159 -34.21 -26.07 31.31
C ASN H 159 -35.27 -25.44 30.41
N TYR H 160 -35.45 -26.04 29.23
CA TYR H 160 -36.49 -25.62 28.29
C TYR H 160 -36.33 -24.21 27.75
N GLY H 161 -35.12 -23.66 27.85
CA GLY H 161 -34.86 -22.25 27.47
C GLY H 161 -34.72 -21.30 28.65
N ALA H 162 -35.17 -21.74 29.83
CA ALA H 162 -35.09 -20.91 31.03
C ALA H 162 -33.64 -20.60 31.43
N LEU H 163 -32.74 -21.55 31.17
CA LEU H 163 -31.34 -21.36 31.47
C LEU H 163 -30.63 -20.93 30.19
N SER H 164 -30.42 -19.62 30.06
CA SER H 164 -29.88 -19.01 28.83
C SER H 164 -28.49 -18.37 29.01
N SER H 165 -28.25 -17.70 30.13
CA SER H 165 -26.94 -17.09 30.39
C SER H 165 -25.91 -18.17 30.76
N GLY H 166 -24.68 -17.95 30.35
CA GLY H 166 -23.59 -18.85 30.68
C GLY H 166 -23.60 -20.15 29.91
N VAL H 167 -24.36 -20.20 28.81
CA VAL H 167 -24.43 -21.38 27.94
C VAL H 167 -23.36 -21.28 26.85
N ARG H 168 -22.69 -22.38 26.59
CA ARG H 168 -21.59 -22.39 25.65
C ARG H 168 -21.74 -23.64 24.85
N THR H 169 -22.20 -23.49 23.61
CA THR H 169 -22.35 -24.62 22.72
C THR H 169 -21.34 -24.50 21.61
N VAL H 170 -20.50 -25.50 21.57
CA VAL H 170 -19.37 -25.52 20.73
C VAL H 170 -19.81 -26.00 19.34
N SER H 171 -19.11 -25.56 18.29
CA SER H 171 -19.47 -25.96 16.94
C SER H 171 -19.36 -27.49 16.78
N SER H 172 -20.27 -28.07 16.02
CA SER H 172 -20.28 -29.51 15.81
C SER H 172 -19.03 -29.90 15.01
N VAL H 173 -18.54 -31.11 15.25
CA VAL H 173 -17.37 -31.64 14.57
C VAL H 173 -17.80 -32.88 13.84
N LEU H 174 -17.32 -33.08 12.62
CA LEU H 174 -17.60 -34.26 11.84
C LEU H 174 -16.42 -35.20 11.94
N GLN H 175 -16.68 -36.46 12.34
CA GLN H 175 -15.66 -37.51 12.35
C GLN H 175 -16.27 -38.84 11.94
N SER H 176 -15.74 -39.41 10.86
CA SER H 176 -16.14 -40.75 10.39
C SER H 176 -17.63 -40.81 9.99
N GLY H 177 -18.12 -39.75 9.38
CA GLY H 177 -19.48 -39.68 8.87
C GLY H 177 -20.54 -39.26 9.90
N PHE H 178 -20.12 -38.97 11.13
CA PHE H 178 -21.07 -38.59 12.17
C PHE H 178 -20.65 -37.34 12.92
N TYR H 179 -21.65 -36.60 13.43
CA TYR H 179 -21.39 -35.35 14.10
C TYR H 179 -21.46 -35.51 15.61
N SER H 180 -20.73 -34.64 16.31
CA SER H 180 -20.83 -34.56 17.75
C SER H 180 -20.64 -33.13 18.19
N LEU H 181 -21.29 -32.78 19.30
CA LEU H 181 -21.09 -31.47 19.92
C LEU H 181 -21.25 -31.54 21.41
N SER H 182 -20.84 -30.46 22.07
CA SER H 182 -20.94 -30.33 23.52
C SER H 182 -21.56 -28.98 23.82
N SER H 183 -22.56 -29.00 24.68
CA SER H 183 -23.11 -27.79 25.21
C SER H 183 -22.87 -27.80 26.68
N LEU H 184 -22.40 -26.66 27.19
CA LEU H 184 -22.10 -26.53 28.57
C LEU H 184 -22.80 -25.32 29.14
N VAL H 185 -23.10 -25.38 30.43
CA VAL H 185 -23.66 -24.26 31.18
C VAL H 185 -22.88 -24.09 32.45
N THR H 186 -22.68 -22.84 32.83
CA THR H 186 -22.05 -22.51 34.08
C THR H 186 -23.09 -21.92 34.98
N VAL H 187 -23.16 -22.45 36.18
CA VAL H 187 -24.25 -22.17 37.09
C VAL H 187 -23.64 -22.06 38.51
N PRO H 188 -24.21 -21.23 39.38
CA PRO H 188 -23.70 -21.14 40.75
C PRO H 188 -23.73 -22.48 41.47
N SER H 189 -22.67 -22.79 42.20
CA SER H 189 -22.55 -24.10 42.87
C SER H 189 -23.62 -24.28 43.95
N SER H 190 -24.18 -23.16 44.42
CA SER H 190 -25.34 -23.17 45.29
C SER H 190 -26.55 -23.91 44.67
N THR H 191 -26.79 -23.68 43.38
CA THR H 191 -28.02 -24.17 42.71
C THR H 191 -27.92 -25.59 42.16
N TRP H 192 -26.72 -26.19 42.20
CA TRP H 192 -26.56 -27.56 41.73
C TRP H 192 -25.62 -28.32 42.67
N PRO H 193 -26.02 -29.52 43.13
CA PRO H 193 -27.24 -30.26 42.70
C PRO H 193 -28.55 -29.92 43.46
N SER H 194 -28.59 -28.81 44.18
CA SER H 194 -29.78 -28.41 44.95
C SER H 194 -31.00 -28.25 44.07
N GLN H 195 -30.78 -27.77 42.85
CA GLN H 195 -31.85 -27.54 41.90
C GLN H 195 -31.55 -28.23 40.57
N THR H 196 -32.59 -28.41 39.77
CA THR H 196 -32.55 -29.24 38.56
C THR H 196 -31.84 -28.55 37.40
N VAL H 197 -31.02 -29.31 36.70
CA VAL H 197 -30.43 -28.86 35.46
C VAL H 197 -30.73 -29.94 34.40
N ILE H 198 -31.44 -29.53 33.35
CA ILE H 198 -31.86 -30.42 32.27
C ILE H 198 -31.37 -29.82 30.97
N CYS H 199 -30.81 -30.65 30.09
CA CYS H 199 -30.59 -30.22 28.71
C CYS H 199 -31.56 -30.87 27.75
N ASN H 200 -32.13 -30.04 26.88
CA ASN H 200 -33.12 -30.45 25.95
C ASN H 200 -32.45 -30.54 24.59
N VAL H 201 -32.39 -31.73 24.02
CA VAL H 201 -31.70 -31.94 22.75
C VAL H 201 -32.71 -32.31 21.68
N ALA H 202 -32.64 -31.67 20.52
CA ALA H 202 -33.46 -32.05 19.36
C ALA H 202 -32.60 -32.32 18.13
N HIS H 203 -32.93 -33.40 17.43
CA HIS H 203 -32.39 -33.71 16.08
C HIS H 203 -33.59 -33.87 15.13
N PRO H 204 -33.99 -32.78 14.45
CA PRO H 204 -35.15 -32.82 13.57
C PRO H 204 -35.12 -33.86 12.46
N ALA H 205 -33.95 -34.18 11.92
CA ALA H 205 -33.91 -35.12 10.79
C ALA H 205 -34.39 -36.53 11.18
N SER H 206 -34.15 -36.92 12.47
CA SER H 206 -34.66 -38.19 13.01
C SER H 206 -35.93 -38.03 13.90
N LYS H 207 -36.46 -36.81 13.98
CA LYS H 207 -37.55 -36.53 14.90
C LYS H 207 -37.25 -37.00 16.31
N THR H 208 -36.08 -36.62 16.79
CA THR H 208 -35.62 -37.00 18.10
C THR H 208 -35.75 -35.81 19.03
N GLU H 209 -36.34 -36.04 20.19
CA GLU H 209 -36.52 -35.01 21.20
C GLU H 209 -36.30 -35.67 22.51
N LEU H 210 -35.28 -35.23 23.23
CA LEU H 210 -34.98 -35.86 24.47
C LEU H 210 -34.45 -34.89 25.50
N ILE H 211 -34.49 -35.37 26.74
CA ILE H 211 -34.20 -34.60 27.93
C ILE H 211 -33.18 -35.41 28.71
N LYS H 212 -32.16 -34.73 29.21
CA LYS H 212 -31.21 -35.38 30.08
C LYS H 212 -30.98 -34.51 31.32
N ARG H 213 -31.22 -35.11 32.48
CA ARG H 213 -31.10 -34.47 33.77
C ARG H 213 -29.68 -34.70 34.22
N ILE H 214 -28.97 -33.64 34.54
CA ILE H 214 -27.59 -33.77 34.97
C ILE H 214 -27.59 -34.07 36.45
N GLU H 215 -27.09 -35.24 36.82
CA GLU H 215 -27.11 -35.73 38.20
C GLU H 215 -25.64 -35.86 38.65
N PRO H 216 -25.35 -35.67 39.95
CA PRO H 216 -23.95 -35.68 40.41
C PRO H 216 -23.31 -37.07 40.40
N ARG H 217 -23.95 -38.03 41.07
CA ARG H 217 -23.37 -39.39 41.25
C ARG H 217 -21.93 -39.29 41.79
S SO4 I . 1.43 50.77 -22.70
O1 SO4 I . 0.67 51.65 -21.89
O2 SO4 I . 1.07 51.05 -24.08
O3 SO4 I . 1.14 49.40 -22.33
O4 SO4 I . 2.85 51.03 -22.53
S SO4 J . 39.27 56.03 5.34
O1 SO4 J . 38.43 56.89 4.54
O2 SO4 J . 40.34 55.53 4.49
O3 SO4 J . 38.46 54.93 5.85
O4 SO4 J . 39.84 56.85 6.43
S SO4 K . -36.95 -54.95 -7.13
O1 SO4 K . -37.57 -54.80 -5.86
O2 SO4 K . -37.54 -53.96 -8.00
O3 SO4 K . -37.18 -56.32 -7.61
O4 SO4 K . -35.53 -54.76 -7.03
S SO4 L . -3.56 -47.92 23.95
O1 SO4 L . -2.47 -46.97 24.11
O2 SO4 L . -3.39 -48.53 22.68
O3 SO4 L . -4.84 -47.23 23.99
O4 SO4 L . -3.54 -48.95 24.98
#